data_9MQD
#
_entry.id   9MQD
#
_cell.length_a   1.00
_cell.length_b   1.00
_cell.length_c   1.00
_cell.angle_alpha   90.00
_cell.angle_beta   90.00
_cell.angle_gamma   90.00
#
_symmetry.space_group_name_H-M   'P 1'
#
loop_
_entity.id
_entity.type
_entity.pdbx_description
1 polymer 'Hemagglutinin HA1 chain'
2 polymer 'Hemagglutinin HA2 chain'
3 polymer 'Heavy chain of Fab 310-12D03'
4 polymer 'Light chain of Fab 310-12D03'
#
loop_
_entity_poly.entity_id
_entity_poly.type
_entity_poly.pdbx_seq_one_letter_code
_entity_poly.pdbx_strand_id
1 'polypeptide(L)'
;MENIVLLLAIVSLVKSDQICIGYHANNSTEQVDTIMEKNVTVTHAQDILEKTHNGKLCDLNGVKPLILKDCSVAGWLLGN
PMCDEFIRVPEWSYIVERANPANDLCFPGSLNDYEELKHMLSRINHFEKIQIIPKSSWPNHETSLGVSAACPYQGAPSFF
RNVVWLIKKNDAYPTIKISYNNTNREDLLILWGIHHSNNAEEQTNLYKNPITYISVGTSTLNQRLAPKIATRSQVNGQRG
RMDFFWTILKPDDAIHFESNGNFIAPEYAYKIVKKGDSTIMKSGVEYGHCNTKCQTPVGAINSSMPFHNIHPLTIGECPK
YVKSNKLVLATGLRNSPLREKR
;
A,C,E
2 'polypeptide(L)'
;GLFGAIAGFIEGGWQGMVDGWYGYHHSNEQGSGYAADKESTQKAIDGVTNKVNSIIDKMNTQFEAVGREFNNLERRIENL
NKKMEDGFLDVWTYNAELLVLMENERTLDFHDSNVKNLYDKVRLQLRDNAKELGNGCFEFYHKCDNECMESVRNGTYDYP
QYSEEARLKREEISGSGYIPEAPRDGQAYVRKDGEWVLLSTFLGSGLNDIFEAQKIEWHEGHHHHHH
;
B,D,F
3 'polypeptide(L)'
;QVQLQESGPGLVKPSETLSLTCTVSGDSVSSGDYFWSWIRQPPGKGLEWIGYIFYGGNTKYNPSLKSRVAISVDTSKDQF
SLKLTSVTAADTAVYYCATSYITGIQGVDYWGQGTLITVSS
;
H,I,J
4 'polypeptide(L)'
;EIVLTQSPGTLSLSPGERATLSCRASQSVSSSFLAWYQQKPGQAPKLLIYGASSRATGIPDRFSGSGSGTDFTLTISRLE
PEDFAVYYCQQYGYSLTWTFGQGTKVEIK
;
L,M,N
#
# COMPACT_ATOMS: atom_id res chain seq x y z
N CYS A 20 46.05 -64.67 31.72
CA CYS A 20 45.11 -64.46 30.63
C CYS A 20 45.02 -63.01 30.21
N ILE A 21 44.16 -62.74 29.22
CA ILE A 21 44.03 -61.43 28.60
C ILE A 21 42.56 -61.18 28.30
N GLY A 22 42.30 -60.03 27.69
CA GLY A 22 40.95 -59.65 27.32
C GLY A 22 40.21 -58.99 28.47
N TYR A 23 39.14 -58.29 28.11
CA TYR A 23 38.26 -57.68 29.08
C TYR A 23 36.86 -58.23 28.86
N HIS A 24 36.15 -58.50 29.95
CA HIS A 24 34.87 -59.18 29.91
C HIS A 24 33.81 -58.33 30.60
N ALA A 25 32.56 -58.79 30.47
CA ALA A 25 31.39 -58.16 31.05
C ALA A 25 30.21 -59.08 30.83
N ASN A 26 29.24 -59.03 31.74
CA ASN A 26 28.10 -59.95 31.68
C ASN A 26 26.77 -59.25 31.99
N ASN A 27 26.71 -57.92 31.92
CA ASN A 27 25.62 -57.19 32.51
C ASN A 27 24.95 -56.26 31.50
N SER A 28 23.68 -55.96 31.78
CA SER A 28 22.86 -55.00 31.05
C SER A 28 22.51 -55.49 29.65
N THR A 29 21.62 -54.76 28.97
CA THR A 29 21.25 -55.09 27.60
C THR A 29 20.84 -53.80 26.90
N GLU A 30 21.70 -53.32 26.00
CA GLU A 30 21.41 -52.15 25.18
C GLU A 30 22.05 -52.37 23.81
N GLN A 31 21.24 -52.70 22.82
CA GLN A 31 21.70 -52.95 21.47
C GLN A 31 21.74 -51.63 20.68
N VAL A 32 22.79 -51.44 19.90
CA VAL A 32 22.94 -50.26 19.06
C VAL A 32 23.25 -50.72 17.63
N ASP A 33 23.22 -49.76 16.70
CA ASP A 33 23.50 -50.00 15.30
C ASP A 33 24.62 -49.08 14.82
N THR A 34 25.39 -49.58 13.85
CA THR A 34 26.48 -48.79 13.26
C THR A 34 26.32 -48.70 11.74
N ILE A 35 27.33 -48.19 11.05
CA ILE A 35 27.23 -47.98 9.61
C ILE A 35 27.34 -49.27 8.82
N MET A 36 27.98 -50.31 9.35
CA MET A 36 28.09 -51.58 8.66
C MET A 36 27.47 -52.75 9.41
N GLU A 37 27.34 -52.68 10.73
CA GLU A 37 26.55 -53.63 11.51
C GLU A 37 25.31 -52.92 12.02
N LYS A 38 24.29 -53.69 12.38
CA LYS A 38 23.02 -53.11 12.78
C LYS A 38 22.48 -53.57 14.13
N ASN A 39 23.13 -54.52 14.81
CA ASN A 39 22.63 -54.97 16.11
C ASN A 39 23.81 -55.54 16.90
N VAL A 40 24.33 -54.76 17.85
CA VAL A 40 25.40 -55.18 18.74
C VAL A 40 25.04 -54.77 20.17
N THR A 41 25.28 -55.67 21.13
CA THR A 41 24.91 -55.44 22.52
C THR A 41 25.95 -54.56 23.21
N VAL A 42 25.56 -53.33 23.53
CA VAL A 42 26.45 -52.34 24.14
C VAL A 42 26.10 -52.24 25.62
N THR A 43 27.12 -52.36 26.47
CA THR A 43 26.92 -52.31 27.91
C THR A 43 27.01 -50.87 28.40
N HIS A 44 26.13 -50.52 29.34
CA HIS A 44 25.98 -49.18 29.90
C HIS A 44 26.12 -48.09 28.84
N ALA A 45 25.20 -48.08 27.88
CA ALA A 45 25.15 -47.03 26.87
C ALA A 45 24.61 -45.75 27.50
N GLN A 46 24.36 -44.75 26.67
CA GLN A 46 23.89 -43.45 27.12
C GLN A 46 23.28 -42.74 25.92
N ASP A 47 22.48 -41.72 26.20
CA ASP A 47 21.67 -41.10 25.17
C ASP A 47 21.92 -39.61 25.21
N ILE A 48 21.77 -38.97 24.04
CA ILE A 48 21.85 -37.52 23.97
C ILE A 48 20.61 -36.96 23.28
N LEU A 49 19.49 -37.65 23.41
CA LEU A 49 18.23 -37.23 22.81
C LEU A 49 17.26 -36.85 23.92
N GLU A 50 16.76 -35.63 23.87
CA GLU A 50 15.80 -35.15 24.86
C GLU A 50 14.41 -35.61 24.45
N LYS A 51 13.79 -36.47 25.27
CA LYS A 51 12.44 -36.94 24.98
C LYS A 51 11.57 -36.97 26.23
N THR A 52 12.05 -36.51 27.38
CA THR A 52 11.24 -36.35 28.57
C THR A 52 11.03 -34.88 28.86
N HIS A 53 10.00 -34.57 29.63
CA HIS A 53 9.61 -33.20 29.90
C HIS A 53 8.51 -33.19 30.95
N ASN A 54 8.42 -32.10 31.68
CA ASN A 54 7.33 -31.87 32.62
C ASN A 54 6.24 -31.06 31.92
N GLY A 55 5.01 -31.57 31.96
CA GLY A 55 3.93 -30.94 31.22
C GLY A 55 3.33 -29.76 31.93
N LYS A 56 4.17 -28.76 32.26
CA LYS A 56 3.70 -27.62 33.02
C LYS A 56 4.45 -26.38 32.56
N LEU A 57 3.74 -25.25 32.57
CA LEU A 57 4.30 -23.97 32.17
C LEU A 57 4.94 -23.28 33.37
N CYS A 58 6.17 -22.81 33.19
CA CYS A 58 6.97 -22.32 34.31
C CYS A 58 7.61 -20.99 33.94
N ASP A 59 8.57 -20.57 34.76
CA ASP A 59 9.15 -19.23 34.72
C ASP A 59 10.54 -19.25 34.09
N LEU A 60 10.86 -18.18 33.35
CA LEU A 60 12.17 -18.02 32.73
C LEU A 60 13.18 -17.46 33.72
N ASN A 61 14.31 -16.96 33.22
CA ASN A 61 15.40 -16.48 34.08
C ASN A 61 14.96 -15.18 34.74
N GLY A 62 14.23 -15.32 35.84
CA GLY A 62 13.81 -14.18 36.63
C GLY A 62 12.46 -13.61 36.26
N VAL A 63 12.35 -13.07 35.05
CA VAL A 63 11.13 -12.42 34.62
C VAL A 63 10.06 -13.48 34.36
N LYS A 64 8.89 -13.32 34.98
CA LYS A 64 7.81 -14.29 34.88
C LYS A 64 6.94 -13.98 33.66
N PRO A 65 6.45 -15.01 32.96
CA PRO A 65 5.68 -14.78 31.74
C PRO A 65 4.38 -14.02 31.93
N LEU A 66 3.74 -13.62 30.84
CA LEU A 66 2.43 -12.99 30.88
C LEU A 66 1.37 -14.00 30.42
N ILE A 67 0.34 -14.20 31.24
CA ILE A 67 -0.69 -15.18 30.98
C ILE A 67 -2.01 -14.47 30.77
N LEU A 68 -2.62 -14.69 29.61
CA LEU A 68 -3.96 -14.22 29.30
C LEU A 68 -4.85 -15.45 29.16
N LYS A 69 -5.95 -15.47 29.90
CA LYS A 69 -6.77 -16.67 29.95
C LYS A 69 -7.62 -16.82 28.70
N ASP A 70 -8.52 -15.87 28.45
CA ASP A 70 -9.45 -15.97 27.34
C ASP A 70 -9.56 -14.63 26.61
N CYS A 71 -8.43 -14.00 26.34
CA CYS A 71 -8.40 -12.74 25.62
C CYS A 71 -7.25 -12.75 24.63
N SER A 72 -7.34 -11.87 23.64
CA SER A 72 -6.27 -11.65 22.69
C SER A 72 -5.49 -10.39 23.06
N VAL A 73 -4.40 -10.15 22.33
CA VAL A 73 -3.57 -8.97 22.60
C VAL A 73 -4.37 -7.69 22.35
N ALA A 74 -5.09 -7.65 21.23
CA ALA A 74 -5.88 -6.47 20.89
C ALA A 74 -6.98 -6.23 21.92
N GLY A 75 -7.62 -7.30 22.39
CA GLY A 75 -8.65 -7.15 23.40
C GLY A 75 -8.09 -6.66 24.73
N TRP A 76 -6.89 -7.11 25.08
CA TRP A 76 -6.28 -6.68 26.34
C TRP A 76 -5.87 -5.22 26.27
N LEU A 77 -5.17 -4.83 25.21
CA LEU A 77 -4.66 -3.46 25.12
C LEU A 77 -5.80 -2.44 25.07
N LEU A 78 -6.86 -2.76 24.34
CA LEU A 78 -7.96 -1.82 24.14
C LEU A 78 -8.99 -1.85 25.26
N GLY A 79 -8.85 -2.74 26.24
CA GLY A 79 -9.77 -2.77 27.35
C GLY A 79 -11.10 -3.45 27.07
N ASN A 80 -11.05 -4.75 26.80
CA ASN A 80 -12.26 -5.53 26.62
C ASN A 80 -13.03 -5.59 27.94
N PRO A 81 -14.35 -5.36 27.94
CA PRO A 81 -15.10 -5.41 29.20
C PRO A 81 -15.05 -6.76 29.88
N MET A 82 -14.95 -7.86 29.13
CA MET A 82 -14.92 -9.19 29.72
C MET A 82 -13.54 -9.58 30.23
N CYS A 83 -12.52 -8.76 29.98
CA CYS A 83 -11.16 -9.04 30.45
C CYS A 83 -10.67 -7.93 31.36
N ASP A 84 -11.52 -7.47 32.26
CA ASP A 84 -11.17 -6.37 33.16
C ASP A 84 -10.20 -6.78 34.25
N GLU A 85 -9.95 -8.08 34.43
CA GLU A 85 -9.07 -8.51 35.51
C GLU A 85 -7.62 -8.10 35.27
N PHE A 86 -7.20 -8.03 34.01
CA PHE A 86 -5.81 -7.70 33.68
C PHE A 86 -5.63 -6.19 33.66
N ILE A 87 -5.69 -5.61 34.86
CA ILE A 87 -5.55 -4.16 35.00
C ILE A 87 -4.12 -3.71 34.67
N ARG A 88 -3.13 -4.39 35.23
CA ARG A 88 -1.74 -3.99 35.02
C ARG A 88 -0.79 -5.12 35.39
N VAL A 89 0.35 -5.15 34.72
CA VAL A 89 1.44 -6.09 34.97
C VAL A 89 2.76 -5.34 34.86
N PRO A 90 3.68 -5.47 35.82
CA PRO A 90 4.92 -4.67 35.79
C PRO A 90 5.83 -4.95 34.60
N GLU A 91 6.27 -6.20 34.43
CA GLU A 91 7.18 -6.56 33.36
C GLU A 91 7.17 -8.08 33.18
N TRP A 92 7.67 -8.53 32.04
CA TRP A 92 7.56 -9.94 31.67
C TRP A 92 8.61 -10.27 30.60
N SER A 93 8.54 -11.49 30.07
CA SER A 93 9.42 -11.93 28.99
C SER A 93 8.66 -12.28 27.72
N TYR A 94 7.70 -13.21 27.78
CA TYR A 94 6.91 -13.61 26.61
C TYR A 94 5.44 -13.65 26.99
N ILE A 95 4.62 -14.16 26.07
CA ILE A 95 3.17 -14.13 26.18
C ILE A 95 2.61 -15.52 25.91
N VAL A 96 1.60 -15.91 26.69
CA VAL A 96 0.88 -17.17 26.50
C VAL A 96 -0.57 -16.84 26.16
N GLU A 97 -1.06 -17.39 25.05
CA GLU A 97 -2.41 -17.11 24.59
C GLU A 97 -2.97 -18.36 23.91
N ARG A 98 -4.23 -18.66 24.20
CA ARG A 98 -4.87 -19.85 23.65
C ARG A 98 -5.12 -19.68 22.16
N ALA A 99 -5.32 -20.81 21.48
CA ALA A 99 -5.75 -20.78 20.09
C ALA A 99 -7.18 -20.26 20.00
N ASN A 100 -7.44 -19.46 18.96
CA ASN A 100 -8.70 -18.78 18.68
C ASN A 100 -9.43 -18.35 19.95
N PRO A 101 -8.88 -17.42 20.72
CA PRO A 101 -9.56 -16.98 21.95
C PRO A 101 -10.94 -16.42 21.65
N ALA A 102 -11.87 -16.68 22.57
CA ALA A 102 -13.29 -16.44 22.29
C ALA A 102 -13.62 -14.95 22.25
N ASN A 103 -13.05 -14.15 23.15
CA ASN A 103 -13.51 -12.77 23.30
C ASN A 103 -13.08 -11.89 22.14
N ASP A 104 -11.77 -11.69 22.00
CA ASP A 104 -11.18 -10.90 20.91
C ASP A 104 -11.85 -9.54 20.84
N LEU A 105 -12.01 -8.99 19.64
CA LEU A 105 -12.70 -7.72 19.46
C LEU A 105 -14.21 -7.94 19.43
N CYS A 106 -14.93 -7.26 20.31
CA CYS A 106 -16.38 -7.41 20.34
C CYS A 106 -17.04 -6.74 19.14
N PHE A 107 -16.52 -5.59 18.73
CA PHE A 107 -16.99 -4.88 17.55
C PHE A 107 -16.18 -5.30 16.33
N PRO A 108 -16.81 -5.73 15.24
CA PRO A 108 -16.05 -6.19 14.08
C PRO A 108 -15.18 -5.08 13.49
N GLY A 109 -14.03 -5.48 12.97
CA GLY A 109 -13.09 -4.52 12.42
C GLY A 109 -11.71 -5.14 12.28
N SER A 110 -10.69 -4.30 12.36
CA SER A 110 -9.32 -4.76 12.21
C SER A 110 -8.37 -3.79 12.89
N LEU A 111 -7.17 -4.28 13.18
CA LEU A 111 -6.08 -3.48 13.75
C LEU A 111 -4.95 -3.45 12.73
N ASN A 112 -4.54 -2.24 12.34
CA ASN A 112 -3.54 -2.08 11.29
C ASN A 112 -2.17 -2.44 11.83
N ASP A 113 -1.42 -3.24 11.06
CA ASP A 113 -0.12 -3.76 11.46
C ASP A 113 -0.20 -4.47 12.81
N TYR A 114 -1.02 -5.52 12.84
CA TYR A 114 -1.19 -6.30 14.06
C TYR A 114 0.06 -7.12 14.37
N GLU A 115 0.65 -7.74 13.34
CA GLU A 115 1.77 -8.64 13.56
C GLU A 115 3.01 -7.90 14.03
N GLU A 116 3.27 -6.71 13.48
CA GLU A 116 4.39 -5.91 13.95
C GLU A 116 4.22 -5.51 15.40
N LEU A 117 3.00 -5.14 15.78
CA LEU A 117 2.73 -4.80 17.18
C LEU A 117 2.96 -6.00 18.08
N LYS A 118 2.52 -7.18 17.66
CA LYS A 118 2.73 -8.36 18.49
C LYS A 118 4.21 -8.72 18.60
N HIS A 119 4.97 -8.50 17.52
CA HIS A 119 6.41 -8.71 17.56
C HIS A 119 7.08 -7.76 18.54
N MET A 120 6.65 -6.49 18.54
CA MET A 120 7.27 -5.50 19.41
C MET A 120 6.88 -5.66 20.87
N LEU A 121 5.62 -6.04 21.14
CA LEU A 121 5.16 -6.14 22.52
C LEU A 121 5.89 -7.22 23.30
N SER A 122 6.36 -8.26 22.62
CA SER A 122 7.16 -9.27 23.30
C SER A 122 8.44 -8.65 23.85
N ARG A 123 8.80 -9.05 25.07
CA ARG A 123 10.00 -8.57 25.78
C ARG A 123 9.94 -7.04 25.94
N ILE A 124 9.04 -6.62 26.82
CA ILE A 124 8.95 -5.24 27.29
C ILE A 124 9.41 -5.21 28.74
N ASN A 125 10.35 -4.32 29.05
CA ASN A 125 11.00 -4.27 30.35
C ASN A 125 10.47 -3.14 31.24
N HIS A 126 9.36 -2.51 30.86
CA HIS A 126 8.65 -1.57 31.71
C HIS A 126 7.28 -1.26 31.13
N PHE A 127 6.23 -1.43 31.92
CA PHE A 127 4.87 -1.20 31.46
C PHE A 127 4.08 -0.48 32.53
N GLU A 128 3.36 0.57 32.13
CA GLU A 128 2.65 1.41 33.08
C GLU A 128 1.57 2.20 32.34
N LYS A 129 0.42 2.37 32.98
CA LYS A 129 -0.67 3.14 32.42
C LYS A 129 -0.68 4.55 33.00
N ILE A 130 -0.87 5.54 32.14
CA ILE A 130 -1.04 6.92 32.58
C ILE A 130 -2.20 7.56 31.82
N GLN A 131 -2.82 8.53 32.46
CA GLN A 131 -3.91 9.31 31.86
C GLN A 131 -3.30 10.49 31.13
N ILE A 132 -3.39 10.50 29.80
CA ILE A 132 -2.74 11.54 29.00
C ILE A 132 -3.75 12.59 28.58
N ILE A 133 -5.00 12.20 28.39
CA ILE A 133 -6.07 13.16 28.14
C ILE A 133 -7.22 12.86 29.09
N PRO A 134 -7.49 13.72 30.06
CA PRO A 134 -8.57 13.45 31.02
C PRO A 134 -9.94 13.55 30.35
N LYS A 135 -10.91 12.90 30.98
CA LYS A 135 -12.28 12.89 30.49
C LYS A 135 -12.96 14.26 30.59
N SER A 136 -12.40 15.18 31.35
CA SER A 136 -13.00 16.50 31.53
C SER A 136 -12.47 17.52 30.54
N SER A 137 -11.62 17.11 29.60
CA SER A 137 -11.06 18.01 28.59
C SER A 137 -11.85 17.98 27.29
N TRP A 138 -13.13 17.66 27.35
CA TRP A 138 -14.03 17.71 26.19
C TRP A 138 -15.28 18.48 26.59
N PRO A 139 -15.15 19.79 26.80
CA PRO A 139 -16.30 20.56 27.32
C PRO A 139 -17.41 20.77 26.29
N ASN A 140 -17.11 20.63 24.99
CA ASN A 140 -18.09 20.92 23.95
C ASN A 140 -18.56 19.66 23.23
N HIS A 141 -18.37 18.48 23.84
CA HIS A 141 -18.72 17.21 23.21
C HIS A 141 -19.37 16.30 24.23
N GLU A 142 -19.92 15.19 23.75
CA GLU A 142 -20.58 14.21 24.60
C GLU A 142 -19.73 12.96 24.71
N THR A 143 -19.50 12.51 25.95
CA THR A 143 -18.66 11.35 26.21
C THR A 143 -19.38 10.26 26.99
N SER A 144 -20.68 10.41 27.26
CA SER A 144 -21.41 9.46 28.09
C SER A 144 -22.12 8.40 27.26
N LEU A 145 -22.98 8.82 26.33
CA LEU A 145 -23.82 7.89 25.57
C LEU A 145 -23.09 7.37 24.32
N GLY A 146 -21.99 6.69 24.57
CA GLY A 146 -21.24 6.03 23.51
C GLY A 146 -21.14 4.53 23.67
N VAL A 147 -22.23 3.87 24.05
CA VAL A 147 -22.22 2.45 24.35
C VAL A 147 -22.80 1.67 23.17
N SER A 148 -22.49 0.37 23.14
CA SER A 148 -22.93 -0.50 22.06
C SER A 148 -23.43 -1.83 22.65
N ALA A 149 -24.28 -2.50 21.88
CA ALA A 149 -24.89 -3.75 22.31
C ALA A 149 -24.09 -4.99 21.93
N ALA A 150 -22.99 -4.83 21.20
CA ALA A 150 -22.12 -5.95 20.87
C ALA A 150 -21.02 -6.15 21.91
N CYS A 151 -20.93 -5.28 22.91
CA CYS A 151 -19.96 -5.40 24.00
C CYS A 151 -20.68 -5.25 25.33
N PRO A 152 -21.45 -6.24 25.74
CA PRO A 152 -22.27 -6.11 26.95
C PRO A 152 -21.43 -6.25 28.21
N TYR A 153 -22.06 -5.92 29.34
CA TYR A 153 -21.42 -6.04 30.64
C TYR A 153 -22.50 -6.16 31.70
N GLN A 154 -22.63 -7.36 32.27
CA GLN A 154 -23.61 -7.63 33.33
C GLN A 154 -25.03 -7.32 32.86
N GLY A 155 -25.34 -7.66 31.62
CA GLY A 155 -26.68 -7.51 31.10
C GLY A 155 -27.04 -6.11 30.63
N ALA A 156 -26.09 -5.20 30.58
CA ALA A 156 -26.32 -3.87 30.05
C ALA A 156 -25.25 -3.54 29.02
N PRO A 157 -25.58 -2.77 27.99
CA PRO A 157 -24.59 -2.46 26.96
C PRO A 157 -23.45 -1.61 27.51
N SER A 158 -22.27 -1.79 26.93
CA SER A 158 -21.09 -1.06 27.35
C SER A 158 -20.18 -0.85 26.13
N PHE A 159 -18.93 -0.50 26.39
CA PHE A 159 -17.94 -0.25 25.35
C PHE A 159 -16.57 -0.52 25.95
N PHE A 160 -15.52 -0.07 25.26
CA PHE A 160 -14.17 -0.26 25.74
C PHE A 160 -13.89 0.64 26.94
N ARG A 161 -12.64 0.61 27.41
CA ARG A 161 -12.22 1.37 28.58
C ARG A 161 -11.12 2.38 28.29
N ASN A 162 -10.19 2.07 27.39
CA ASN A 162 -9.05 2.93 27.11
C ASN A 162 -9.31 3.93 25.99
N VAL A 163 -10.47 3.88 25.33
CA VAL A 163 -10.78 4.76 24.21
C VAL A 163 -12.16 5.35 24.42
N VAL A 164 -12.38 6.51 23.81
CA VAL A 164 -13.62 7.26 23.96
C VAL A 164 -14.25 7.45 22.59
N TRP A 165 -15.51 7.06 22.46
CA TRP A 165 -16.28 7.29 21.24
C TRP A 165 -17.04 8.60 21.42
N LEU A 166 -16.66 9.61 20.66
CA LEU A 166 -17.20 10.96 20.79
C LEU A 166 -18.24 11.21 19.72
N ILE A 167 -19.40 11.76 20.13
CA ILE A 167 -20.47 12.10 19.21
C ILE A 167 -21.07 13.44 19.62
N LYS A 168 -21.98 13.93 18.78
CA LYS A 168 -22.43 15.32 18.85
C LYS A 168 -23.07 15.63 20.20
N LYS A 169 -22.73 16.78 20.76
CA LYS A 169 -23.24 17.18 22.08
C LYS A 169 -24.60 17.85 21.99
N ASN A 170 -24.66 19.04 21.39
CA ASN A 170 -25.93 19.76 21.32
C ASN A 170 -26.63 19.51 20.00
N ASP A 171 -26.03 19.99 18.92
CA ASP A 171 -26.48 19.58 17.59
C ASP A 171 -25.31 19.47 16.61
N ALA A 172 -24.06 19.63 17.04
CA ALA A 172 -22.96 19.82 16.12
C ALA A 172 -21.72 19.08 16.63
N TYR A 173 -20.62 19.29 15.93
CA TYR A 173 -19.39 18.52 16.16
C TYR A 173 -18.23 19.41 15.74
N PRO A 174 -17.83 20.36 16.59
CA PRO A 174 -16.79 21.32 16.20
C PRO A 174 -15.45 20.65 15.98
N THR A 175 -14.62 21.28 15.15
CA THR A 175 -13.33 20.73 14.80
C THR A 175 -12.44 20.61 16.03
N ILE A 176 -11.70 19.51 16.11
CA ILE A 176 -10.87 19.19 17.26
C ILE A 176 -9.42 19.47 16.91
N LYS A 177 -8.77 20.29 17.73
CA LYS A 177 -7.34 20.59 17.58
C LYS A 177 -6.70 20.42 18.95
N ILE A 178 -6.11 19.24 19.19
CA ILE A 178 -5.52 18.91 20.48
C ILE A 178 -4.09 18.42 20.25
N SER A 179 -3.19 18.78 21.16
CA SER A 179 -1.79 18.39 21.07
C SER A 179 -1.30 17.95 22.44
N TYR A 180 -0.31 17.06 22.45
CA TYR A 180 0.24 16.54 23.68
C TYR A 180 1.76 16.49 23.56
N ASN A 181 2.45 17.05 24.55
CA ASN A 181 3.91 17.11 24.57
C ASN A 181 4.43 16.07 25.55
N ASN A 182 5.35 15.23 25.10
CA ASN A 182 5.89 14.14 25.91
C ASN A 182 6.96 14.71 26.83
N THR A 183 6.55 15.09 28.04
CA THR A 183 7.47 15.64 29.03
C THR A 183 8.15 14.59 29.89
N ASN A 184 7.74 13.32 29.77
CA ASN A 184 8.38 12.27 30.56
C ASN A 184 9.76 11.96 30.00
N ARG A 185 10.41 10.96 30.59
CA ARG A 185 11.72 10.51 30.15
C ARG A 185 11.67 9.14 29.49
N GLU A 186 10.50 8.71 29.04
CA GLU A 186 10.31 7.41 28.42
C GLU A 186 9.38 7.54 27.22
N ASP A 187 9.44 6.54 26.36
CA ASP A 187 8.57 6.50 25.19
C ASP A 187 7.13 6.20 25.58
N LEU A 188 6.20 6.44 24.66
CA LEU A 188 4.80 6.14 24.86
C LEU A 188 4.27 5.34 23.68
N LEU A 189 3.15 4.65 23.93
CA LEU A 189 2.41 3.93 22.89
C LEU A 189 0.99 4.45 22.89
N ILE A 190 0.55 4.98 21.75
CA ILE A 190 -0.73 5.68 21.65
C ILE A 190 -1.59 5.01 20.58
N LEU A 191 -2.87 4.83 20.90
CA LEU A 191 -3.81 4.17 20.00
C LEU A 191 -5.04 5.05 19.79
N TRP A 192 -5.60 4.97 18.60
CA TRP A 192 -6.79 5.72 18.21
C TRP A 192 -7.43 5.00 17.03
N GLY A 193 -8.58 5.51 16.57
CA GLY A 193 -9.28 4.79 15.52
C GLY A 193 -10.28 5.62 14.74
N ILE A 194 -10.92 4.95 13.77
CA ILE A 194 -11.91 5.54 12.88
C ILE A 194 -13.10 4.59 12.78
N HIS A 195 -14.26 5.12 12.39
CA HIS A 195 -15.49 4.36 12.31
C HIS A 195 -16.08 4.48 10.91
N HIS A 196 -16.49 3.34 10.35
CA HIS A 196 -17.13 3.26 9.04
C HIS A 196 -18.62 3.01 9.24
N SER A 197 -19.45 3.84 8.62
CA SER A 197 -20.89 3.81 8.87
C SER A 197 -21.57 2.79 7.96
N ASN A 198 -22.90 2.78 7.99
CA ASN A 198 -23.73 1.91 7.16
C ASN A 198 -24.36 2.61 5.98
N ASN A 199 -24.97 3.77 6.19
CA ASN A 199 -25.60 4.51 5.11
C ASN A 199 -25.48 6.00 5.41
N ALA A 200 -26.18 6.81 4.60
CA ALA A 200 -26.13 8.25 4.80
C ALA A 200 -26.99 8.70 5.97
N GLU A 201 -28.10 8.02 6.24
CA GLU A 201 -29.00 8.44 7.30
C GLU A 201 -28.46 8.13 8.69
N GLU A 202 -27.49 7.23 8.80
CA GLU A 202 -26.94 6.90 10.11
C GLU A 202 -26.00 7.99 10.62
N GLN A 203 -25.21 8.59 9.72
CA GLN A 203 -24.22 9.57 10.15
C GLN A 203 -24.86 10.78 10.79
N THR A 204 -25.94 11.30 10.20
CA THR A 204 -26.56 12.51 10.74
C THR A 204 -27.06 12.30 12.17
N ASN A 205 -27.33 11.05 12.55
CA ASN A 205 -27.75 10.75 13.91
C ASN A 205 -26.61 10.82 14.92
N LEU A 206 -25.35 10.70 14.46
CA LEU A 206 -24.20 10.77 15.34
C LEU A 206 -23.34 12.00 15.07
N TYR A 207 -22.91 12.17 13.82
CA TYR A 207 -22.09 13.32 13.40
C TYR A 207 -22.85 14.05 12.30
N LYS A 208 -23.19 15.31 12.54
CA LYS A 208 -23.99 16.04 11.57
C LYS A 208 -23.30 16.16 10.22
N ASN A 209 -21.99 16.36 10.22
CA ASN A 209 -21.27 16.63 8.97
C ASN A 209 -21.26 15.40 8.08
N PRO A 210 -21.65 15.52 6.81
CA PRO A 210 -21.72 14.33 5.94
C PRO A 210 -20.36 13.85 5.43
N ILE A 211 -19.44 14.78 5.17
CA ILE A 211 -18.10 14.46 4.66
C ILE A 211 -17.11 14.75 5.77
N THR A 212 -16.29 13.76 6.13
CA THR A 212 -15.43 13.83 7.30
C THR A 212 -14.02 13.38 6.94
N TYR A 213 -13.12 13.55 7.91
CA TYR A 213 -11.72 13.17 7.76
C TYR A 213 -11.07 13.15 9.13
N ILE A 214 -9.86 12.58 9.19
CA ILE A 214 -8.96 12.73 10.32
C ILE A 214 -7.57 13.05 9.76
N SER A 215 -6.77 13.75 10.56
CA SER A 215 -5.39 14.05 10.18
C SER A 215 -4.51 14.03 11.42
N VAL A 216 -3.52 13.16 11.42
CA VAL A 216 -2.60 13.00 12.54
C VAL A 216 -1.18 13.26 12.05
N GLY A 217 -0.44 14.08 12.79
CA GLY A 217 0.91 14.42 12.39
C GLY A 217 1.90 14.51 13.54
N THR A 218 3.04 13.86 13.39
CA THR A 218 4.16 13.95 14.31
C THR A 218 5.39 14.37 13.51
N SER A 219 6.57 14.28 14.15
CA SER A 219 7.80 14.64 13.48
C SER A 219 8.08 13.74 12.28
N THR A 220 7.87 12.43 12.42
CA THR A 220 8.16 11.47 11.37
C THR A 220 6.91 10.78 10.84
N LEU A 221 5.73 11.34 11.08
CA LEU A 221 4.48 10.73 10.67
C LEU A 221 3.62 11.76 9.93
N ASN A 222 2.83 11.25 8.99
CA ASN A 222 1.93 12.10 8.21
C ASN A 222 0.83 11.20 7.66
N GLN A 223 -0.43 11.53 7.96
CA GLN A 223 -1.51 10.61 7.65
C GLN A 223 -2.82 11.38 7.50
N ARG A 224 -3.65 10.92 6.57
CA ARG A 224 -5.00 11.44 6.37
C ARG A 224 -5.93 10.30 5.99
N LEU A 225 -7.15 10.33 6.49
CA LEU A 225 -8.10 9.23 6.28
C LEU A 225 -9.48 9.79 5.95
N ALA A 226 -10.36 8.89 5.52
CA ALA A 226 -11.75 9.20 5.23
C ALA A 226 -12.55 7.91 5.32
N PRO A 227 -13.80 7.97 5.79
CA PRO A 227 -14.58 6.75 5.98
C PRO A 227 -15.18 6.23 4.69
N LYS A 228 -15.59 4.96 4.74
CA LYS A 228 -16.25 4.27 3.65
C LYS A 228 -17.68 3.93 4.07
N ILE A 229 -18.63 4.18 3.19
CA ILE A 229 -20.05 3.94 3.44
C ILE A 229 -20.57 3.00 2.37
N ALA A 230 -21.16 1.87 2.79
CA ALA A 230 -21.62 0.85 1.86
C ALA A 230 -22.47 -0.15 2.64
N THR A 231 -22.89 -1.21 1.95
CA THR A 231 -23.66 -2.30 2.55
C THR A 231 -22.75 -3.50 2.74
N ARG A 232 -22.75 -4.06 3.95
CA ARG A 232 -22.00 -5.26 4.25
C ARG A 232 -22.92 -6.26 4.95
N SER A 233 -22.38 -7.42 5.27
CA SER A 233 -23.14 -8.51 5.88
C SER A 233 -23.30 -8.25 7.38
N GLN A 234 -23.74 -9.27 8.11
CA GLN A 234 -23.95 -9.18 9.55
C GLN A 234 -22.93 -10.06 10.26
N VAL A 235 -22.14 -9.45 11.14
CA VAL A 235 -21.28 -10.16 12.07
C VAL A 235 -21.51 -9.58 13.46
N ASN A 236 -21.92 -10.44 14.39
CA ASN A 236 -22.22 -10.04 15.77
C ASN A 236 -23.32 -8.98 15.83
N GLY A 237 -24.27 -9.05 14.90
CA GLY A 237 -25.39 -8.14 14.90
C GLY A 237 -25.09 -6.72 14.48
N GLN A 238 -24.01 -6.50 13.72
CA GLN A 238 -23.64 -5.17 13.27
C GLN A 238 -23.16 -5.23 11.83
N ARG A 239 -23.47 -4.19 11.06
CA ARG A 239 -22.97 -4.05 9.70
C ARG A 239 -21.95 -2.92 9.57
N GLY A 240 -21.41 -2.44 10.69
CA GLY A 240 -20.38 -1.43 10.71
C GLY A 240 -19.04 -2.01 11.09
N ARG A 241 -18.00 -1.22 10.84
CA ARG A 241 -16.64 -1.64 11.11
C ARG A 241 -15.87 -0.52 11.80
N MET A 242 -14.76 -0.90 12.43
CA MET A 242 -13.85 0.01 13.09
C MET A 242 -12.41 -0.34 12.72
N ASP A 243 -11.56 0.68 12.60
CA ASP A 243 -10.14 0.47 12.30
C ASP A 243 -9.30 1.23 13.32
N PHE A 244 -8.24 0.59 13.80
CA PHE A 244 -7.38 1.16 14.83
C PHE A 244 -5.95 1.26 14.33
N PHE A 245 -5.19 2.16 14.96
CA PHE A 245 -3.81 2.43 14.57
C PHE A 245 -2.95 2.59 15.82
N TRP A 246 -1.65 2.79 15.63
CA TRP A 246 -0.75 2.99 16.76
C TRP A 246 0.50 3.72 16.29
N THR A 247 1.23 4.28 17.26
CA THR A 247 2.48 4.98 17.00
C THR A 247 3.29 5.06 18.27
N ILE A 248 4.52 5.55 18.14
CA ILE A 248 5.43 5.76 19.27
C ILE A 248 6.08 7.13 19.13
N LEU A 249 6.14 7.87 20.23
CA LEU A 249 6.80 9.17 20.23
C LEU A 249 7.90 9.21 21.27
N LYS A 250 8.83 10.13 21.07
CA LYS A 250 10.10 10.22 21.77
C LYS A 250 10.04 11.26 22.88
N PRO A 251 11.04 11.28 23.79
CA PRO A 251 10.95 12.16 24.97
C PRO A 251 10.93 13.66 24.70
N ASP A 252 10.90 14.09 23.44
CA ASP A 252 10.73 15.50 23.13
C ASP A 252 9.70 15.75 22.04
N ASP A 253 9.18 14.72 21.40
CA ASP A 253 8.26 14.88 20.29
C ASP A 253 6.88 15.32 20.77
N ALA A 254 6.08 15.81 19.84
CA ALA A 254 4.70 16.21 20.12
C ALA A 254 3.79 15.63 19.05
N ILE A 255 2.63 15.12 19.48
CA ILE A 255 1.66 14.50 18.59
C ILE A 255 0.46 15.44 18.46
N HIS A 256 -0.02 15.62 17.24
CA HIS A 256 -1.09 16.55 16.93
C HIS A 256 -2.26 15.81 16.28
N PHE A 257 -3.47 16.15 16.70
CA PHE A 257 -4.68 15.54 16.18
C PHE A 257 -5.59 16.61 15.58
N GLU A 258 -6.32 16.23 14.55
CA GLU A 258 -7.31 17.10 13.92
C GLU A 258 -8.39 16.23 13.32
N SER A 259 -9.63 16.43 13.75
CA SER A 259 -10.74 15.58 13.33
C SER A 259 -11.96 16.42 13.04
N ASN A 260 -12.81 15.90 12.16
CA ASN A 260 -14.09 16.50 11.84
C ASN A 260 -15.24 15.52 12.04
N GLY A 261 -14.96 14.30 12.47
CA GLY A 261 -15.98 13.29 12.65
C GLY A 261 -15.35 11.91 12.64
N ASN A 262 -16.15 10.93 13.05
CA ASN A 262 -15.76 9.52 13.03
C ASN A 262 -14.46 9.30 13.78
N PHE A 263 -14.38 9.85 14.99
CA PHE A 263 -13.15 9.87 15.77
C PHE A 263 -13.35 9.05 17.05
N ILE A 264 -12.40 8.17 17.34
CA ILE A 264 -12.34 7.46 18.61
C ILE A 264 -11.07 7.94 19.31
N ALA A 265 -11.21 8.94 20.17
CA ALA A 265 -10.08 9.60 20.80
C ALA A 265 -9.48 8.73 21.90
N PRO A 266 -8.19 8.93 22.20
CA PRO A 266 -7.56 8.15 23.26
C PRO A 266 -7.73 8.77 24.64
N GLU A 267 -7.64 7.91 25.65
CA GLU A 267 -7.67 8.32 27.05
C GLU A 267 -6.43 7.89 27.80
N TYR A 268 -6.01 6.64 27.67
CA TYR A 268 -4.83 6.12 28.33
C TYR A 268 -3.75 5.81 27.32
N ALA A 269 -2.49 5.98 27.74
CA ALA A 269 -1.34 5.57 26.96
C ALA A 269 -0.49 4.65 27.82
N TYR A 270 0.60 4.16 27.25
CA TYR A 270 1.46 3.22 27.93
C TYR A 270 2.91 3.68 27.86
N LYS A 271 3.70 3.26 28.85
CA LYS A 271 5.11 3.63 28.97
C LYS A 271 5.95 2.38 28.84
N ILE A 272 6.96 2.42 27.96
CA ILE A 272 7.78 1.26 27.65
C ILE A 272 9.24 1.68 27.58
N VAL A 273 10.13 0.68 27.59
CA VAL A 273 11.56 0.95 27.51
C VAL A 273 12.18 0.18 26.34
N LYS A 274 11.57 -0.94 25.96
CA LYS A 274 11.79 -1.59 24.67
C LYS A 274 13.26 -1.98 24.47
N LYS A 275 13.70 -2.96 25.24
CA LYS A 275 15.03 -3.57 25.07
C LYS A 275 14.88 -5.07 24.84
N GLY A 276 14.86 -5.48 23.57
CA GLY A 276 14.84 -6.88 23.20
C GLY A 276 13.60 -7.26 22.42
N ASP A 277 13.56 -8.53 22.01
CA ASP A 277 12.45 -9.07 21.21
C ASP A 277 12.24 -10.54 21.56
N SER A 278 11.02 -11.00 21.32
CA SER A 278 10.63 -12.40 21.57
C SER A 278 9.40 -12.70 20.72
N THR A 279 8.72 -13.81 21.01
CA THR A 279 7.57 -14.25 20.23
C THR A 279 6.43 -14.66 21.17
N ILE A 280 5.31 -15.02 20.55
CA ILE A 280 4.11 -15.45 21.27
C ILE A 280 4.09 -16.97 21.35
N MET A 281 3.32 -17.49 22.31
CA MET A 281 3.20 -18.91 22.54
C MET A 281 1.73 -19.28 22.57
N LYS A 282 1.35 -20.31 21.82
CA LYS A 282 -0.04 -20.75 21.76
C LYS A 282 -0.13 -22.15 22.37
N SER A 283 -0.80 -22.25 23.52
CA SER A 283 -0.91 -23.49 24.26
C SER A 283 -1.96 -23.30 25.34
N GLY A 284 -2.28 -24.39 26.03
CA GLY A 284 -3.27 -24.34 27.09
C GLY A 284 -2.87 -25.15 28.31
N VAL A 285 -1.56 -25.22 28.59
CA VAL A 285 -1.07 -26.01 29.70
C VAL A 285 -1.15 -25.19 30.98
N GLU A 286 -1.00 -25.87 32.12
CA GLU A 286 -1.16 -25.24 33.41
C GLU A 286 0.15 -24.59 33.87
N TYR A 287 0.01 -23.66 34.82
CA TYR A 287 1.13 -22.89 35.33
C TYR A 287 1.92 -23.69 36.36
N GLY A 288 3.21 -23.37 36.48
CA GLY A 288 4.08 -24.05 37.40
C GLY A 288 5.16 -23.11 37.91
N HIS A 289 6.05 -23.65 38.75
CA HIS A 289 7.12 -22.88 39.38
C HIS A 289 8.44 -23.58 39.09
N CYS A 290 9.15 -23.09 38.07
CA CYS A 290 10.39 -23.70 37.61
C CYS A 290 11.35 -22.60 37.19
N ASN A 291 12.59 -23.01 36.91
CA ASN A 291 13.59 -22.12 36.34
C ASN A 291 14.31 -22.85 35.22
N THR A 292 14.35 -22.24 34.04
CA THR A 292 14.91 -22.87 32.86
C THR A 292 15.41 -21.78 31.92
N LYS A 293 15.79 -22.19 30.72
CA LYS A 293 16.22 -21.28 29.67
C LYS A 293 15.28 -21.25 28.48
N CYS A 294 14.74 -22.40 28.08
CA CYS A 294 13.87 -22.50 26.91
C CYS A 294 12.57 -23.19 27.29
N GLN A 295 11.52 -22.90 26.52
CA GLN A 295 10.20 -23.44 26.79
C GLN A 295 9.55 -23.93 25.51
N THR A 296 8.85 -25.06 25.60
CA THR A 296 8.09 -25.67 24.52
C THR A 296 6.59 -25.56 24.80
N PRO A 297 5.77 -25.48 23.76
CA PRO A 297 4.33 -25.30 23.96
C PRO A 297 3.62 -26.44 24.69
N VAL A 298 4.35 -27.46 25.11
CA VAL A 298 3.75 -28.61 25.76
C VAL A 298 4.27 -28.73 27.19
N GLY A 299 5.50 -28.28 27.41
CA GLY A 299 6.09 -28.37 28.74
C GLY A 299 7.39 -27.61 28.82
N ALA A 300 8.07 -27.81 29.93
CA ALA A 300 9.34 -27.17 30.22
C ALA A 300 10.45 -28.21 30.23
N ILE A 301 11.62 -27.83 29.73
CA ILE A 301 12.76 -28.75 29.65
C ILE A 301 13.99 -28.06 30.21
N ASN A 302 14.72 -28.78 31.07
CA ASN A 302 16.04 -28.39 31.53
C ASN A 302 17.05 -29.22 30.74
N SER A 303 17.53 -28.67 29.64
CA SER A 303 18.25 -29.44 28.64
C SER A 303 19.76 -29.34 28.82
N SER A 304 20.43 -30.49 28.73
CA SER A 304 21.88 -30.55 28.66
C SER A 304 22.39 -31.31 27.43
N MET A 305 21.62 -32.25 26.88
CA MET A 305 21.95 -32.90 25.63
C MET A 305 21.63 -31.97 24.46
N PRO A 306 22.34 -32.11 23.34
CA PRO A 306 22.19 -31.15 22.23
C PRO A 306 21.10 -31.48 21.21
N PHE A 307 20.22 -32.44 21.46
CA PHE A 307 19.20 -32.80 20.48
C PHE A 307 17.90 -33.17 21.20
N HIS A 308 16.79 -33.07 20.48
CA HIS A 308 15.48 -33.39 21.03
C HIS A 308 14.51 -33.69 19.91
N ASN A 309 13.29 -34.11 20.30
CA ASN A 309 12.22 -34.30 19.33
C ASN A 309 10.85 -33.85 19.84
N ILE A 310 10.79 -32.95 20.82
CA ILE A 310 9.52 -32.64 21.47
C ILE A 310 8.63 -31.82 20.55
N HIS A 311 9.05 -30.62 20.20
CA HIS A 311 8.23 -29.72 19.42
C HIS A 311 9.13 -28.62 18.86
N PRO A 312 9.06 -28.33 17.55
CA PRO A 312 10.02 -27.39 16.97
C PRO A 312 9.93 -25.97 17.54
N LEU A 313 8.73 -25.41 17.63
CA LEU A 313 8.58 -24.03 18.07
C LEU A 313 9.01 -23.89 19.53
N THR A 314 9.78 -22.84 19.81
CA THR A 314 10.46 -22.69 21.09
C THR A 314 10.76 -21.22 21.32
N ILE A 315 11.00 -20.87 22.58
CA ILE A 315 11.46 -19.54 22.95
C ILE A 315 12.66 -19.70 23.88
N GLY A 316 13.78 -19.10 23.51
CA GLY A 316 15.01 -19.23 24.27
C GLY A 316 16.03 -20.09 23.57
N GLU A 317 17.10 -20.38 24.30
CA GLU A 317 18.17 -21.23 23.79
C GLU A 317 17.80 -22.70 23.98
N CYS A 318 17.67 -23.43 22.87
CA CYS A 318 17.18 -24.80 22.87
C CYS A 318 18.09 -25.68 22.03
N PRO A 319 18.15 -26.98 22.33
CA PRO A 319 18.90 -27.90 21.46
C PRO A 319 18.20 -28.09 20.13
N LYS A 320 18.78 -28.90 19.24
CA LYS A 320 18.33 -28.95 17.87
C LYS A 320 17.19 -29.97 17.67
N TYR A 321 16.52 -29.84 16.53
CA TYR A 321 15.43 -30.73 16.13
C TYR A 321 15.94 -31.74 15.11
N VAL A 322 15.73 -33.02 15.39
CA VAL A 322 16.29 -34.07 14.55
C VAL A 322 15.25 -35.01 13.96
N LYS A 323 14.07 -35.14 14.57
CA LYS A 323 13.04 -36.07 14.10
C LYS A 323 13.60 -37.51 14.08
N SER A 324 13.90 -37.99 15.28
CA SER A 324 14.44 -39.33 15.47
C SER A 324 14.20 -39.76 16.91
N ASN A 325 14.32 -41.07 17.15
CA ASN A 325 14.05 -41.65 18.47
C ASN A 325 15.21 -42.43 19.07
N LYS A 326 16.31 -42.63 18.36
CA LYS A 326 17.30 -43.65 18.72
C LYS A 326 18.73 -43.10 18.65
N LEU A 327 18.97 -41.97 19.31
CA LEU A 327 20.32 -41.41 19.39
C LEU A 327 20.97 -41.92 20.66
N VAL A 328 21.71 -43.03 20.54
CA VAL A 328 22.34 -43.71 21.68
C VAL A 328 23.71 -44.18 21.22
N LEU A 329 24.78 -43.50 21.68
CA LEU A 329 26.13 -43.89 21.28
C LEU A 329 27.00 -44.32 22.45
N ALA A 330 27.20 -43.45 23.44
CA ALA A 330 28.06 -43.69 24.61
C ALA A 330 29.29 -44.54 24.34
N THR A 331 29.48 -45.57 25.16
CA THR A 331 30.62 -46.46 25.06
C THR A 331 30.28 -47.79 25.70
N GLY A 332 30.99 -48.83 25.28
CA GLY A 332 30.84 -50.15 25.88
C GLY A 332 31.57 -51.25 25.13
N LEU A 333 32.24 -52.14 25.85
CA LEU A 333 32.95 -53.22 25.20
C LEU A 333 31.98 -54.27 24.66
N ARG A 334 32.42 -54.99 23.63
CA ARG A 334 31.71 -56.11 23.02
C ARG A 334 30.38 -55.70 22.40
N ILE B 56 30.43 -33.26 25.89
CA ILE B 56 29.86 -33.31 24.56
C ILE B 56 29.43 -31.92 24.12
N ASP B 57 29.46 -30.99 25.07
CA ASP B 57 29.03 -29.61 24.82
C ASP B 57 30.17 -28.84 24.17
N LYS B 58 30.34 -29.07 22.87
CA LYS B 58 31.45 -28.49 22.15
C LYS B 58 31.07 -27.14 21.53
N MET B 59 30.06 -27.12 20.65
CA MET B 59 29.48 -25.89 20.15
C MET B 59 27.96 -25.92 20.24
N ASN B 60 27.37 -24.75 20.48
CA ASN B 60 25.94 -24.61 20.74
C ASN B 60 25.42 -23.41 19.96
N THR B 61 24.19 -23.01 20.28
CA THR B 61 23.46 -21.91 19.65
C THR B 61 23.18 -20.81 20.67
N GLN B 62 22.41 -19.80 20.27
CA GLN B 62 22.12 -18.68 21.14
C GLN B 62 20.78 -18.04 20.76
N PHE B 63 19.78 -18.22 21.64
CA PHE B 63 18.55 -17.43 21.67
C PHE B 63 17.90 -17.29 20.29
N GLU B 64 17.39 -18.41 19.80
CA GLU B 64 16.55 -18.41 18.60
C GLU B 64 15.08 -18.40 19.03
N ALA B 65 14.42 -17.27 18.82
CA ALA B 65 12.99 -17.14 19.07
C ALA B 65 12.23 -17.48 17.79
N VAL B 66 11.44 -18.54 17.83
CA VAL B 66 10.77 -19.09 16.65
C VAL B 66 9.27 -19.00 16.84
N GLY B 67 8.57 -18.67 15.76
CA GLY B 67 7.13 -18.57 15.80
C GLY B 67 6.55 -18.57 14.40
N ARG B 68 5.28 -18.20 14.31
CA ARG B 68 4.57 -18.12 13.02
C ARG B 68 3.67 -16.88 13.07
N GLU B 69 4.12 -15.80 12.43
CA GLU B 69 3.40 -14.52 12.45
C GLU B 69 3.26 -14.02 11.01
N PHE B 70 2.24 -14.51 10.30
CA PHE B 70 1.98 -14.10 8.93
C PHE B 70 0.50 -14.32 8.62
N ASN B 71 -0.09 -13.40 7.87
CA ASN B 71 -1.51 -13.50 7.54
C ASN B 71 -1.68 -14.26 6.23
N ASN B 72 -2.90 -14.25 5.69
CA ASN B 72 -3.24 -15.06 4.53
C ASN B 72 -2.85 -14.42 3.20
N LEU B 73 -2.39 -13.18 3.20
CA LEU B 73 -1.91 -12.53 1.98
C LEU B 73 -0.39 -12.55 1.89
N GLU B 74 0.29 -13.29 2.76
CA GLU B 74 1.73 -13.42 2.77
C GLU B 74 2.12 -14.89 2.83
N ARG B 75 1.52 -15.71 1.97
CA ARG B 75 1.77 -17.14 2.00
C ARG B 75 3.13 -17.49 1.41
N ARG B 76 3.66 -16.66 0.50
CA ARG B 76 4.96 -16.96 -0.08
C ARG B 76 6.08 -16.87 0.95
N ILE B 77 6.03 -15.87 1.82
CA ILE B 77 7.04 -15.76 2.88
C ILE B 77 6.90 -16.92 3.85
N GLU B 78 5.68 -17.36 4.12
CA GLU B 78 5.49 -18.54 4.96
C GLU B 78 6.09 -19.78 4.32
N ASN B 79 5.94 -19.91 3.00
CA ASN B 79 6.56 -21.03 2.30
C ASN B 79 8.08 -20.95 2.39
N LEU B 80 8.63 -19.74 2.29
CA LEU B 80 10.08 -19.57 2.44
C LEU B 80 10.54 -20.03 3.82
N ASN B 81 9.81 -19.62 4.87
CA ASN B 81 10.15 -20.02 6.23
C ASN B 81 10.07 -21.53 6.40
N LYS B 82 9.01 -22.15 5.87
CA LYS B 82 8.86 -23.59 5.98
C LYS B 82 9.99 -24.33 5.27
N LYS B 83 10.38 -23.85 4.08
CA LYS B 83 11.49 -24.48 3.36
C LYS B 83 12.77 -24.37 4.15
N MET B 84 13.03 -23.21 4.75
CA MET B 84 14.23 -23.04 5.56
C MET B 84 14.24 -24.01 6.73
N GLU B 85 13.11 -24.13 7.43
CA GLU B 85 13.04 -25.03 8.58
C GLU B 85 13.25 -26.48 8.16
N ASP B 86 12.61 -26.91 7.07
CA ASP B 86 12.78 -28.27 6.60
C ASP B 86 14.23 -28.55 6.21
N GLY B 87 14.87 -27.59 5.53
CA GLY B 87 16.26 -27.78 5.18
C GLY B 87 17.15 -27.96 6.39
N PHE B 88 16.98 -27.09 7.40
CA PHE B 88 17.82 -27.19 8.59
C PHE B 88 17.57 -28.50 9.33
N LEU B 89 16.32 -28.95 9.35
CA LEU B 89 16.00 -30.25 9.96
C LEU B 89 16.75 -31.36 9.25
N ASP B 90 16.76 -31.34 7.91
CA ASP B 90 17.47 -32.37 7.16
C ASP B 90 18.97 -32.33 7.45
N VAL B 91 19.56 -31.13 7.48
CA VAL B 91 20.99 -31.04 7.76
C VAL B 91 21.31 -31.65 9.11
N TRP B 92 20.54 -31.28 10.15
CA TRP B 92 20.87 -31.73 11.49
C TRP B 92 20.60 -33.23 11.65
N THR B 93 19.54 -33.76 11.02
CA THR B 93 19.30 -35.20 11.16
C THR B 93 20.38 -36.01 10.46
N TYR B 94 20.81 -35.59 9.26
CA TYR B 94 21.91 -36.29 8.61
C TYR B 94 23.18 -36.24 9.44
N ASN B 95 23.51 -35.06 9.96
CA ASN B 95 24.75 -34.91 10.72
C ASN B 95 24.73 -35.77 11.98
N ALA B 96 23.63 -35.73 12.73
CA ALA B 96 23.56 -36.50 13.97
C ALA B 96 23.61 -37.99 13.71
N GLU B 97 22.83 -38.47 12.74
CA GLU B 97 22.81 -39.91 12.46
C GLU B 97 24.18 -40.40 11.99
N LEU B 98 24.82 -39.66 11.08
CA LEU B 98 26.13 -40.13 10.61
C LEU B 98 27.18 -40.01 11.69
N LEU B 99 27.10 -38.99 12.55
CA LEU B 99 28.06 -38.87 13.64
C LEU B 99 27.98 -40.05 14.58
N VAL B 100 26.77 -40.46 14.97
CA VAL B 100 26.68 -41.61 15.87
C VAL B 100 27.09 -42.88 15.14
N LEU B 101 26.74 -43.00 13.86
CA LEU B 101 27.08 -44.22 13.12
C LEU B 101 28.58 -44.41 12.99
N MET B 102 29.33 -43.35 12.71
CA MET B 102 30.78 -43.48 12.65
C MET B 102 31.46 -43.47 14.02
N GLU B 103 30.82 -42.91 15.04
CA GLU B 103 31.48 -42.84 16.34
C GLU B 103 31.51 -44.21 17.01
N ASN B 104 30.50 -45.04 16.77
CA ASN B 104 30.46 -46.34 17.43
C ASN B 104 31.51 -47.29 16.88
N GLU B 105 31.82 -47.21 15.59
CA GLU B 105 32.81 -48.12 15.01
C GLU B 105 34.21 -47.85 15.54
N ARG B 106 34.63 -46.59 15.53
CA ARG B 106 35.93 -46.25 16.09
C ARG B 106 35.97 -46.49 17.59
N THR B 107 34.87 -46.21 18.29
CA THR B 107 34.80 -46.57 19.70
C THR B 107 35.08 -48.06 19.88
N LEU B 108 34.40 -48.91 19.11
CA LEU B 108 34.44 -50.35 19.30
C LEU B 108 35.76 -50.97 18.89
N ASP B 109 36.44 -50.46 17.86
CA ASP B 109 37.75 -51.01 17.51
C ASP B 109 38.90 -50.40 18.29
N PHE B 110 38.73 -49.17 18.82
CA PHE B 110 39.59 -48.71 19.90
C PHE B 110 39.48 -49.67 21.08
N HIS B 111 38.27 -50.10 21.39
CA HIS B 111 38.06 -51.07 22.46
C HIS B 111 38.65 -52.43 22.13
N ASP B 112 39.03 -52.68 20.88
CA ASP B 112 39.47 -54.00 20.44
C ASP B 112 40.99 -54.11 20.29
N SER B 113 41.61 -53.22 19.52
CA SER B 113 43.05 -53.34 19.28
C SER B 113 43.86 -53.13 20.56
N ASN B 114 43.35 -52.34 21.50
CA ASN B 114 44.09 -52.01 22.70
C ASN B 114 44.38 -53.27 23.50
N VAL B 115 43.42 -54.17 23.60
CA VAL B 115 43.63 -55.35 24.43
C VAL B 115 44.68 -56.26 23.81
N LYS B 116 44.73 -56.35 22.48
CA LYS B 116 45.74 -57.19 21.85
C LYS B 116 47.13 -56.59 21.96
N ASN B 117 47.26 -55.26 21.86
CA ASN B 117 48.58 -54.73 22.10
C ASN B 117 48.96 -54.83 23.57
N LEU B 118 47.98 -54.76 24.47
CA LEU B 118 48.27 -55.05 25.87
C LEU B 118 48.79 -56.47 26.04
N TYR B 119 48.20 -57.40 25.31
CA TYR B 119 48.70 -58.78 25.30
C TYR B 119 50.14 -58.83 24.83
N ASP B 120 50.41 -58.27 23.64
CA ASP B 120 51.74 -58.49 23.09
C ASP B 120 52.81 -57.62 23.76
N LYS B 121 52.44 -56.74 24.70
CA LYS B 121 53.46 -56.13 25.55
C LYS B 121 54.33 -57.19 26.21
N VAL B 122 53.76 -58.35 26.53
CA VAL B 122 54.55 -59.41 27.14
C VAL B 122 55.61 -59.92 26.17
N ARG B 123 55.56 -59.48 24.92
CA ARG B 123 56.52 -59.88 23.91
C ARG B 123 56.50 -61.37 23.65
N ILE C 19 49.82 -70.65 -1.46
CA ILE C 19 48.59 -70.04 -0.97
C ILE C 19 48.79 -68.54 -0.78
N CYS C 20 47.81 -67.76 -1.22
CA CYS C 20 47.84 -66.30 -1.09
C CYS C 20 46.43 -65.86 -0.69
N ILE C 21 46.15 -64.57 -0.80
CA ILE C 21 44.83 -64.08 -0.45
C ILE C 21 44.57 -62.76 -1.17
N GLY C 22 43.40 -62.66 -1.79
CA GLY C 22 43.00 -61.47 -2.52
C GLY C 22 42.97 -61.67 -4.02
N TYR C 23 43.36 -60.63 -4.77
CA TYR C 23 43.84 -60.76 -6.14
C TYR C 23 42.70 -61.01 -7.13
N HIS C 24 41.47 -61.24 -6.67
CA HIS C 24 40.49 -61.73 -7.63
C HIS C 24 40.05 -60.68 -8.63
N ALA C 25 40.43 -59.41 -8.46
CA ALA C 25 40.19 -58.41 -9.50
C ALA C 25 41.05 -58.72 -10.71
N ASN C 26 40.44 -58.72 -11.89
CA ASN C 26 41.16 -59.08 -13.10
C ASN C 26 40.97 -58.11 -14.26
N ASN C 27 39.79 -57.49 -14.35
CA ASN C 27 39.42 -56.73 -15.54
C ASN C 27 38.62 -55.51 -15.13
N SER C 28 38.02 -54.86 -16.13
CA SER C 28 37.25 -53.62 -15.98
C SER C 28 38.16 -52.44 -15.64
N THR C 29 37.65 -51.22 -15.77
CA THR C 29 38.42 -50.03 -15.46
C THR C 29 37.46 -48.96 -14.94
N GLU C 30 37.49 -48.72 -13.64
CA GLU C 30 36.61 -47.78 -12.96
C GLU C 30 37.41 -46.92 -11.98
N GLN C 31 38.50 -46.33 -12.47
CA GLN C 31 39.33 -45.39 -11.71
C GLN C 31 38.49 -44.45 -10.83
N VAL C 32 38.91 -44.30 -9.58
CA VAL C 32 38.28 -43.42 -8.60
C VAL C 32 39.37 -42.77 -7.76
N ASP C 33 38.96 -41.88 -6.85
CA ASP C 33 39.89 -41.09 -6.06
C ASP C 33 39.49 -41.10 -4.59
N THR C 34 40.46 -40.78 -3.73
CA THR C 34 40.23 -40.63 -2.30
C THR C 34 40.78 -39.29 -1.82
N ILE C 35 40.79 -39.08 -0.50
CA ILE C 35 41.20 -37.78 0.05
C ILE C 35 42.71 -37.60 -0.04
N MET C 36 43.47 -38.64 0.29
CA MET C 36 44.93 -38.55 0.33
C MET C 36 45.60 -39.25 -0.85
N GLU C 37 44.83 -39.63 -1.87
CA GLU C 37 45.40 -40.23 -3.07
C GLU C 37 44.33 -40.14 -4.15
N LYS C 38 44.71 -39.75 -5.36
CA LYS C 38 43.77 -39.20 -6.32
C LYS C 38 43.48 -40.07 -7.54
N ASN C 39 44.07 -41.26 -7.69
CA ASN C 39 43.78 -42.08 -8.86
C ASN C 39 44.03 -43.55 -8.53
N VAL C 40 42.97 -44.29 -8.21
CA VAL C 40 43.07 -45.72 -7.95
C VAL C 40 42.06 -46.45 -8.84
N THR C 41 42.47 -47.64 -9.29
CA THR C 41 41.70 -48.44 -10.25
C THR C 41 40.83 -49.44 -9.48
N VAL C 42 39.64 -48.99 -9.09
CA VAL C 42 38.71 -49.81 -8.33
C VAL C 42 37.78 -50.53 -9.29
N THR C 43 37.40 -51.75 -8.94
CA THR C 43 36.61 -52.62 -9.80
C THR C 43 35.18 -52.73 -9.28
N HIS C 44 34.28 -53.05 -10.20
CA HIS C 44 32.83 -53.04 -9.97
C HIS C 44 32.42 -51.85 -9.11
N ALA C 45 32.68 -50.66 -9.64
CA ALA C 45 32.32 -49.43 -8.97
C ALA C 45 30.81 -49.25 -9.00
N GLN C 46 30.37 -48.10 -8.48
CA GLN C 46 28.96 -47.76 -8.49
C GLN C 46 28.83 -46.24 -8.42
N ASP C 47 27.63 -45.76 -8.71
CA ASP C 47 27.36 -44.33 -8.74
C ASP C 47 26.07 -44.05 -8.01
N ILE C 48 26.01 -42.90 -7.35
CA ILE C 48 24.76 -42.40 -6.81
C ILE C 48 24.47 -40.98 -7.31
N LEU C 49 24.94 -40.65 -8.51
CA LEU C 49 24.67 -39.37 -9.14
C LEU C 49 23.65 -39.58 -10.25
N GLU C 50 22.60 -38.77 -10.24
CA GLU C 50 21.55 -38.85 -11.24
C GLU C 50 21.92 -37.90 -12.39
N LYS C 51 22.20 -38.47 -13.56
CA LYS C 51 22.51 -37.67 -14.74
C LYS C 51 21.81 -38.13 -16.00
N THR C 52 21.20 -39.30 -16.02
CA THR C 52 20.40 -39.75 -17.15
C THR C 52 18.92 -39.50 -16.87
N HIS C 53 18.19 -39.08 -17.89
CA HIS C 53 16.80 -38.68 -17.71
C HIS C 53 16.04 -38.90 -19.00
N ASN C 54 14.72 -39.00 -18.87
CA ASN C 54 13.83 -39.13 -20.01
C ASN C 54 13.21 -37.76 -20.29
N GLY C 55 13.69 -37.10 -21.34
CA GLY C 55 13.28 -35.75 -21.62
C GLY C 55 11.87 -35.63 -22.16
N LYS C 56 10.88 -35.95 -21.31
CA LYS C 56 9.49 -35.89 -21.72
C LYS C 56 8.62 -35.60 -20.50
N LEU C 57 7.58 -34.81 -20.70
CA LEU C 57 6.65 -34.48 -19.63
C LEU C 57 5.68 -35.63 -19.41
N CYS C 58 5.44 -35.99 -18.15
CA CYS C 58 4.62 -37.15 -17.86
C CYS C 58 3.81 -36.90 -16.58
N ASP C 59 3.15 -37.95 -16.10
CA ASP C 59 2.11 -37.86 -15.09
C ASP C 59 2.68 -37.98 -13.68
N LEU C 60 1.98 -37.37 -12.73
CA LEU C 60 2.38 -37.33 -11.32
C LEU C 60 1.35 -38.08 -10.47
N ASN C 61 1.69 -39.29 -10.07
CA ASN C 61 0.87 -40.09 -9.15
C ASN C 61 -0.57 -40.24 -9.64
N GLY C 62 -0.71 -40.49 -10.93
CA GLY C 62 -2.05 -40.68 -11.50
C GLY C 62 -2.76 -39.43 -11.95
N VAL C 63 -2.76 -38.39 -11.12
CA VAL C 63 -3.44 -37.14 -11.48
C VAL C 63 -2.59 -36.39 -12.51
N LYS C 64 -3.19 -36.11 -13.66
CA LYS C 64 -2.54 -35.49 -14.81
C LYS C 64 -2.41 -33.99 -14.61
N PRO C 65 -1.27 -33.41 -14.97
CA PRO C 65 -1.11 -31.95 -14.86
C PRO C 65 -1.93 -31.23 -15.91
N LEU C 66 -2.00 -29.90 -15.75
CA LEU C 66 -2.70 -29.04 -16.68
C LEU C 66 -1.69 -28.39 -17.63
N ILE C 67 -1.99 -28.42 -18.93
CA ILE C 67 -1.09 -27.92 -19.96
C ILE C 67 -1.80 -26.83 -20.73
N LEU C 68 -1.26 -25.62 -20.68
CA LEU C 68 -1.68 -24.52 -21.55
C LEU C 68 -0.61 -24.32 -22.62
N LYS C 69 -1.02 -24.32 -23.87
CA LYS C 69 -0.04 -24.32 -24.96
C LYS C 69 0.57 -22.94 -25.17
N ASP C 70 -0.26 -21.95 -25.53
CA ASP C 70 0.20 -20.62 -25.87
C ASP C 70 -0.67 -19.56 -25.21
N CYS C 71 -0.93 -19.73 -23.93
CA CYS C 71 -1.74 -18.77 -23.19
C CYS C 71 -1.21 -18.67 -21.77
N SER C 72 -1.53 -17.57 -21.11
CA SER C 72 -1.15 -17.33 -19.73
C SER C 72 -2.31 -17.67 -18.79
N VAL C 73 -1.99 -17.72 -17.49
CA VAL C 73 -3.00 -18.06 -16.50
C VAL C 73 -4.12 -17.01 -16.49
N ALA C 74 -3.74 -15.73 -16.51
CA ALA C 74 -4.74 -14.67 -16.51
C ALA C 74 -5.58 -14.70 -17.78
N GLY C 75 -4.95 -14.99 -18.92
CA GLY C 75 -5.71 -15.11 -20.16
C GLY C 75 -6.66 -16.29 -20.16
N TRP C 76 -6.27 -17.39 -19.52
CA TRP C 76 -7.14 -18.55 -19.45
C TRP C 76 -8.33 -18.29 -18.55
N LEU C 77 -8.09 -17.76 -17.34
CA LEU C 77 -9.17 -17.60 -16.38
C LEU C 77 -10.19 -16.57 -16.83
N LEU C 78 -9.79 -15.61 -17.66
CA LEU C 78 -10.66 -14.54 -18.09
C LEU C 78 -11.28 -14.78 -19.45
N GLY C 79 -10.99 -15.90 -20.10
CA GLY C 79 -11.59 -16.20 -21.39
C GLY C 79 -11.04 -15.43 -22.56
N ASN C 80 -9.78 -15.68 -22.91
CA ASN C 80 -9.18 -15.05 -24.09
C ASN C 80 -9.85 -15.58 -25.35
N PRO C 81 -10.30 -14.70 -26.26
CA PRO C 81 -10.95 -15.18 -27.49
C PRO C 81 -10.04 -16.00 -28.38
N MET C 82 -8.71 -15.88 -28.24
CA MET C 82 -7.77 -16.69 -29.00
C MET C 82 -7.44 -18.01 -28.33
N CYS C 83 -8.04 -18.30 -27.19
CA CYS C 83 -7.82 -19.56 -26.48
C CYS C 83 -9.18 -20.01 -25.95
N ASP C 84 -9.89 -20.80 -26.75
CA ASP C 84 -11.22 -21.28 -26.39
C ASP C 84 -11.31 -22.79 -26.29
N GLU C 85 -10.20 -23.50 -26.42
CA GLU C 85 -10.23 -24.96 -26.35
C GLU C 85 -10.20 -25.48 -24.92
N PHE C 86 -9.90 -24.64 -23.95
CA PHE C 86 -9.72 -25.07 -22.56
C PHE C 86 -10.96 -24.67 -21.77
N ILE C 87 -11.89 -25.62 -21.59
CA ILE C 87 -13.10 -25.35 -20.82
C ILE C 87 -13.25 -26.40 -19.72
N ARG C 88 -12.69 -27.59 -19.95
CA ARG C 88 -12.90 -28.74 -19.07
C ARG C 88 -11.60 -29.04 -18.33
N VAL C 89 -11.56 -28.69 -17.06
CA VAL C 89 -10.39 -28.94 -16.22
C VAL C 89 -10.83 -29.51 -14.87
N PRO C 90 -11.08 -30.83 -14.79
CA PRO C 90 -11.60 -31.41 -13.54
C PRO C 90 -10.67 -31.28 -12.34
N GLU C 91 -9.44 -31.78 -12.45
CA GLU C 91 -8.51 -31.78 -11.32
C GLU C 91 -7.11 -32.07 -11.83
N TRP C 92 -6.12 -31.44 -11.20
CA TRP C 92 -4.74 -31.49 -11.67
C TRP C 92 -3.78 -31.39 -10.49
N SER C 93 -2.49 -31.36 -10.79
CA SER C 93 -1.44 -31.23 -9.78
C SER C 93 -0.62 -29.97 -9.95
N TYR C 94 0.02 -29.76 -11.10
CA TYR C 94 0.80 -28.57 -11.38
C TYR C 94 0.40 -28.01 -12.75
N ILE C 95 1.06 -26.92 -13.14
CA ILE C 95 0.72 -26.22 -14.37
C ILE C 95 1.97 -26.12 -15.24
N VAL C 96 1.82 -26.37 -16.53
CA VAL C 96 2.87 -26.21 -17.52
C VAL C 96 2.52 -25.00 -18.37
N GLU C 97 3.30 -23.93 -18.24
CA GLU C 97 3.10 -22.70 -18.99
C GLU C 97 4.39 -22.35 -19.70
N ARG C 98 4.33 -22.22 -21.02
CA ARG C 98 5.52 -21.90 -21.79
C ARG C 98 5.99 -20.49 -21.47
N ALA C 99 7.32 -20.31 -21.46
CA ALA C 99 7.87 -18.98 -21.20
C ALA C 99 7.48 -18.02 -22.32
N ASN C 100 7.40 -16.74 -21.98
CA ASN C 100 7.01 -15.66 -22.88
C ASN C 100 5.76 -15.95 -23.71
N PRO C 101 4.65 -16.35 -23.09
CA PRO C 101 3.45 -16.71 -23.86
C PRO C 101 2.97 -15.54 -24.71
N ALA C 102 2.43 -15.87 -25.88
CA ALA C 102 2.12 -14.85 -26.89
C ALA C 102 0.83 -14.10 -26.58
N ASN C 103 -0.28 -14.83 -26.47
CA ASN C 103 -1.60 -14.20 -26.41
C ASN C 103 -1.77 -13.29 -25.21
N ASP C 104 -1.77 -13.86 -23.99
CA ASP C 104 -1.86 -13.09 -22.76
C ASP C 104 -3.05 -12.15 -22.73
N LEU C 105 -2.95 -11.07 -21.96
CA LEU C 105 -4.00 -10.06 -21.91
C LEU C 105 -4.00 -9.26 -23.20
N CYS C 106 -5.07 -9.41 -24.00
CA CYS C 106 -5.15 -8.65 -25.24
C CYS C 106 -5.30 -7.16 -24.96
N PHE C 107 -6.10 -6.80 -23.97
CA PHE C 107 -6.26 -5.42 -23.55
C PHE C 107 -5.22 -5.08 -22.48
N PRO C 108 -4.45 -4.01 -22.65
CA PRO C 108 -3.39 -3.69 -21.69
C PRO C 108 -3.95 -3.37 -20.31
N GLY C 109 -3.18 -3.70 -19.29
CA GLY C 109 -3.59 -3.49 -17.92
C GLY C 109 -2.80 -4.37 -16.97
N SER C 110 -3.41 -4.68 -15.84
CA SER C 110 -2.77 -5.50 -14.83
C SER C 110 -3.81 -6.25 -14.01
N LEU C 111 -3.37 -7.32 -13.36
CA LEU C 111 -4.18 -8.10 -12.44
C LEU C 111 -3.60 -7.97 -11.05
N ASN C 112 -4.40 -7.47 -10.11
CA ASN C 112 -3.90 -7.19 -8.77
C ASN C 112 -3.66 -8.50 -8.01
N ASP C 113 -2.53 -8.57 -7.33
CA ASP C 113 -2.09 -9.78 -6.61
C ASP C 113 -2.06 -10.98 -7.54
N TYR C 114 -1.28 -10.86 -8.61
CA TYR C 114 -1.15 -11.95 -9.57
C TYR C 114 -0.38 -13.12 -8.98
N GLU C 115 0.65 -12.83 -8.17
CA GLU C 115 1.50 -13.90 -7.67
C GLU C 115 0.81 -14.73 -6.60
N GLU C 116 0.03 -14.09 -5.72
CA GLU C 116 -0.73 -14.85 -4.73
C GLU C 116 -1.73 -15.78 -5.39
N LEU C 117 -2.43 -15.29 -6.41
CA LEU C 117 -3.37 -16.13 -7.14
C LEU C 117 -2.66 -17.26 -7.85
N LYS C 118 -1.50 -16.98 -8.44
CA LYS C 118 -0.75 -18.04 -9.12
C LYS C 118 -0.30 -19.11 -8.14
N HIS C 119 0.14 -18.69 -6.95
CA HIS C 119 0.56 -19.64 -5.92
C HIS C 119 -0.59 -20.49 -5.43
N MET C 120 -1.76 -19.87 -5.23
CA MET C 120 -2.89 -20.60 -4.67
C MET C 120 -3.58 -21.49 -5.70
N LEU C 121 -3.61 -21.07 -6.97
CA LEU C 121 -4.34 -21.80 -8.00
C LEU C 121 -3.72 -23.14 -8.31
N SER C 122 -2.43 -23.33 -8.03
CA SER C 122 -1.84 -24.64 -8.18
C SER C 122 -2.44 -25.62 -7.17
N ARG C 123 -2.59 -26.87 -7.60
CA ARG C 123 -3.13 -27.95 -6.76
C ARG C 123 -4.56 -27.62 -6.30
N ILE C 124 -5.47 -27.64 -7.27
CA ILE C 124 -6.90 -27.54 -7.02
C ILE C 124 -7.52 -28.92 -7.17
N ASN C 125 -8.26 -29.35 -6.15
CA ASN C 125 -8.84 -30.69 -6.11
C ASN C 125 -10.27 -30.75 -6.61
N HIS C 126 -10.84 -29.63 -7.04
CA HIS C 126 -12.15 -29.63 -7.68
C HIS C 126 -12.33 -28.28 -8.38
N PHE C 127 -12.47 -28.30 -9.71
CA PHE C 127 -12.68 -27.09 -10.48
C PHE C 127 -13.93 -27.24 -11.32
N GLU C 128 -14.78 -26.22 -11.31
CA GLU C 128 -16.06 -26.29 -12.02
C GLU C 128 -16.55 -24.88 -12.31
N LYS C 129 -17.30 -24.75 -13.39
CA LYS C 129 -17.84 -23.46 -13.83
C LYS C 129 -19.33 -23.42 -13.58
N ILE C 130 -19.80 -22.30 -13.01
CA ILE C 130 -21.23 -22.08 -12.82
C ILE C 130 -21.58 -20.67 -13.28
N GLN C 131 -22.83 -20.51 -13.68
CA GLN C 131 -23.37 -19.21 -14.10
C GLN C 131 -24.07 -18.58 -12.89
N ILE C 132 -23.45 -17.57 -12.29
CA ILE C 132 -23.98 -16.99 -11.07
C ILE C 132 -24.91 -15.82 -11.37
N ILE C 133 -24.59 -14.98 -12.35
CA ILE C 133 -25.46 -13.89 -12.75
C ILE C 133 -25.73 -14.01 -14.24
N PRO C 134 -26.93 -14.43 -14.66
CA PRO C 134 -27.20 -14.58 -16.09
C PRO C 134 -27.26 -13.25 -16.80
N LYS C 135 -27.07 -13.30 -18.12
CA LYS C 135 -27.01 -12.09 -18.93
C LYS C 135 -28.37 -11.44 -19.13
N SER C 136 -29.46 -12.10 -18.75
CA SER C 136 -30.78 -11.50 -18.79
C SER C 136 -31.10 -10.73 -17.51
N SER C 137 -30.17 -10.64 -16.58
CA SER C 137 -30.37 -9.98 -15.30
C SER C 137 -29.95 -8.51 -15.33
N TRP C 138 -29.87 -7.90 -16.51
CA TRP C 138 -29.57 -6.47 -16.64
C TRP C 138 -30.60 -5.84 -17.58
N PRO C 139 -31.85 -5.69 -17.11
CA PRO C 139 -32.89 -5.16 -18.01
C PRO C 139 -32.67 -3.71 -18.44
N ASN C 140 -31.89 -2.93 -17.70
CA ASN C 140 -31.81 -1.49 -17.92
C ASN C 140 -30.43 -1.04 -18.40
N HIS C 141 -29.63 -1.94 -18.95
CA HIS C 141 -28.29 -1.60 -19.42
C HIS C 141 -28.08 -2.23 -20.79
N GLU C 142 -26.86 -2.15 -21.29
CA GLU C 142 -26.48 -2.72 -22.58
C GLU C 142 -25.38 -3.74 -22.38
N THR C 143 -25.50 -4.87 -23.08
CA THR C 143 -24.54 -5.96 -22.95
C THR C 143 -24.04 -6.47 -24.30
N SER C 144 -24.30 -5.74 -25.39
CA SER C 144 -23.93 -6.17 -26.72
C SER C 144 -22.87 -5.30 -27.38
N LEU C 145 -22.80 -4.02 -27.05
CA LEU C 145 -21.82 -3.11 -27.64
C LEU C 145 -20.56 -3.02 -26.79
N GLY C 146 -19.97 -4.17 -26.45
CA GLY C 146 -18.81 -4.18 -25.60
C GLY C 146 -17.61 -4.84 -26.22
N VAL C 147 -17.39 -4.58 -27.50
CA VAL C 147 -16.32 -5.23 -28.25
C VAL C 147 -15.17 -4.26 -28.41
N SER C 148 -14.00 -4.80 -28.74
CA SER C 148 -12.78 -4.01 -28.91
C SER C 148 -11.93 -4.60 -30.02
N ALA C 149 -11.08 -3.75 -30.61
CA ALA C 149 -10.25 -4.15 -31.73
C ALA C 149 -8.92 -4.77 -31.32
N ALA C 150 -8.60 -4.78 -30.03
CA ALA C 150 -7.38 -5.43 -29.56
C ALA C 150 -7.58 -6.89 -29.24
N CYS C 151 -8.81 -7.38 -29.27
CA CYS C 151 -9.12 -8.80 -29.04
C CYS C 151 -10.02 -9.30 -30.17
N PRO C 152 -9.46 -9.52 -31.35
CA PRO C 152 -10.28 -9.88 -32.51
C PRO C 152 -10.71 -11.33 -32.46
N TYR C 153 -11.56 -11.71 -33.43
CA TYR C 153 -11.98 -13.09 -33.56
C TYR C 153 -12.42 -13.30 -35.02
N GLN C 154 -11.55 -13.94 -35.81
CA GLN C 154 -11.84 -14.26 -37.21
C GLN C 154 -12.15 -13.01 -38.03
N GLY C 155 -11.47 -11.90 -37.73
CA GLY C 155 -11.65 -10.67 -38.46
C GLY C 155 -12.70 -9.74 -37.91
N ALA C 156 -13.45 -10.17 -36.90
CA ALA C 156 -14.42 -9.30 -36.26
C ALA C 156 -14.00 -9.02 -34.82
N PRO C 157 -14.13 -7.78 -34.36
CA PRO C 157 -13.72 -7.46 -32.98
C PRO C 157 -14.57 -8.18 -31.96
N SER C 158 -13.97 -8.49 -30.82
CA SER C 158 -14.64 -9.23 -29.76
C SER C 158 -14.10 -8.77 -28.41
N PHE C 159 -14.37 -9.55 -27.38
CA PHE C 159 -13.96 -9.24 -26.01
C PHE C 159 -13.88 -10.55 -25.25
N PHE C 160 -13.57 -10.46 -23.96
CA PHE C 160 -13.51 -11.65 -23.12
C PHE C 160 -14.87 -12.34 -23.07
N ARG C 161 -14.88 -13.55 -22.52
CA ARG C 161 -16.08 -14.36 -22.48
C ARG C 161 -16.64 -14.60 -21.08
N ASN C 162 -15.82 -14.49 -20.04
CA ASN C 162 -16.27 -14.72 -18.67
C ASN C 162 -16.69 -13.46 -17.94
N VAL C 163 -16.48 -12.28 -18.52
CA VAL C 163 -16.85 -11.02 -17.89
C VAL C 163 -17.64 -10.20 -18.90
N VAL C 164 -18.44 -9.27 -18.37
CA VAL C 164 -19.34 -8.44 -19.16
C VAL C 164 -18.98 -6.98 -18.93
N TRP C 165 -18.83 -6.24 -20.03
CA TRP C 165 -18.56 -4.80 -19.98
C TRP C 165 -19.87 -4.09 -20.25
N LEU C 166 -20.32 -3.30 -19.29
CA LEU C 166 -21.62 -2.64 -19.34
C LEU C 166 -21.47 -1.18 -19.75
N ILE C 167 -22.35 -0.73 -20.64
CA ILE C 167 -22.38 0.65 -21.08
C ILE C 167 -23.81 1.17 -20.94
N LYS C 168 -23.99 2.46 -21.21
CA LYS C 168 -25.28 3.10 -21.07
C LYS C 168 -26.29 2.52 -22.04
N LYS C 169 -27.55 2.44 -21.61
CA LYS C 169 -28.59 1.82 -22.43
C LYS C 169 -29.36 2.84 -23.27
N ASN C 170 -30.08 3.76 -22.62
CA ASN C 170 -30.77 4.78 -23.39
C ASN C 170 -29.95 6.04 -23.47
N ASP C 171 -29.77 6.70 -22.31
CA ASP C 171 -28.77 7.75 -22.20
C ASP C 171 -28.13 7.78 -20.81
N ALA C 172 -28.28 6.72 -20.01
CA ALA C 172 -27.97 6.81 -18.60
C ALA C 172 -27.43 5.48 -18.08
N TYR C 173 -26.81 5.55 -16.90
CA TYR C 173 -26.20 4.42 -16.23
C TYR C 173 -26.73 4.38 -14.81
N PRO C 174 -27.92 3.83 -14.60
CA PRO C 174 -28.51 3.83 -13.26
C PRO C 174 -27.66 3.06 -12.26
N THR C 175 -27.72 3.50 -11.00
CA THR C 175 -26.89 2.93 -9.96
C THR C 175 -27.20 1.45 -9.77
N ILE C 176 -26.16 0.63 -9.67
CA ILE C 176 -26.29 -0.81 -9.61
C ILE C 176 -26.21 -1.25 -8.15
N LYS C 177 -27.16 -2.09 -7.73
CA LYS C 177 -27.20 -2.64 -6.38
C LYS C 177 -27.60 -4.10 -6.49
N ILE C 178 -26.60 -4.98 -6.58
CA ILE C 178 -26.84 -6.40 -6.77
C ILE C 178 -26.07 -7.17 -5.70
N SER C 179 -26.61 -8.32 -5.31
CA SER C 179 -25.99 -9.16 -4.29
C SER C 179 -26.18 -10.61 -4.66
N TYR C 180 -25.31 -11.46 -4.10
CA TYR C 180 -25.38 -12.90 -4.33
C TYR C 180 -25.09 -13.64 -3.05
N ASN C 181 -25.90 -14.65 -2.75
CA ASN C 181 -25.76 -15.47 -1.55
C ASN C 181 -25.29 -16.86 -1.94
N ASN C 182 -24.22 -17.32 -1.30
CA ASN C 182 -23.66 -18.64 -1.59
C ASN C 182 -24.52 -19.71 -0.94
N THR C 183 -25.26 -20.47 -1.75
CA THR C 183 -26.09 -21.56 -1.25
C THR C 183 -25.50 -22.92 -1.54
N ASN C 184 -24.36 -23.01 -2.22
CA ASN C 184 -23.72 -24.28 -2.49
C ASN C 184 -22.98 -24.75 -1.24
N ARG C 185 -22.21 -25.82 -1.36
CA ARG C 185 -21.44 -26.34 -0.24
C ARG C 185 -19.94 -26.23 -0.49
N GLU C 186 -19.53 -25.34 -1.40
CA GLU C 186 -18.13 -25.18 -1.74
C GLU C 186 -17.79 -23.69 -1.83
N ASP C 187 -16.51 -23.39 -1.67
CA ASP C 187 -16.03 -22.04 -1.89
C ASP C 187 -16.10 -21.67 -3.36
N LEU C 188 -16.22 -20.38 -3.63
CA LEU C 188 -16.24 -19.87 -4.99
C LEU C 188 -15.14 -18.82 -5.17
N LEU C 189 -14.77 -18.58 -6.43
CA LEU C 189 -13.76 -17.60 -6.79
C LEU C 189 -14.37 -16.63 -7.80
N ILE C 190 -14.29 -15.34 -7.51
CA ILE C 190 -15.00 -14.32 -8.28
C ILE C 190 -14.02 -13.26 -8.75
N LEU C 191 -14.19 -12.81 -10.00
CA LEU C 191 -13.35 -11.79 -10.60
C LEU C 191 -14.20 -10.68 -11.19
N TRP C 192 -13.78 -9.43 -10.97
CA TRP C 192 -14.43 -8.26 -11.55
C TRP C 192 -13.33 -7.26 -11.91
N GLY C 193 -13.71 -6.05 -12.31
CA GLY C 193 -12.67 -5.11 -12.70
C GLY C 193 -13.17 -3.69 -12.84
N ILE C 194 -12.23 -2.80 -13.18
CA ILE C 194 -12.48 -1.38 -13.40
C ILE C 194 -11.79 -0.96 -14.70
N HIS C 195 -12.25 0.15 -15.27
CA HIS C 195 -11.74 0.65 -16.53
C HIS C 195 -11.25 2.08 -16.36
N HIS C 196 -10.09 2.38 -16.93
CA HIS C 196 -9.48 3.71 -16.90
C HIS C 196 -9.61 4.35 -18.27
N SER C 197 -10.23 5.52 -18.33
CA SER C 197 -10.46 6.19 -19.61
C SER C 197 -9.19 6.90 -20.07
N ASN C 198 -9.31 7.67 -21.15
CA ASN C 198 -8.21 8.46 -21.69
C ASN C 198 -8.36 9.94 -21.40
N ASN C 199 -9.51 10.52 -21.70
CA ASN C 199 -9.78 11.92 -21.43
C ASN C 199 -11.22 12.05 -20.94
N ALA C 200 -11.72 13.28 -20.87
CA ALA C 200 -13.06 13.52 -20.39
C ALA C 200 -14.13 13.41 -21.47
N GLU C 201 -13.73 13.40 -22.75
CA GLU C 201 -14.70 13.22 -23.83
C GLU C 201 -15.11 11.77 -23.98
N GLU C 202 -14.18 10.84 -23.71
CA GLU C 202 -14.50 9.42 -23.85
C GLU C 202 -15.58 8.99 -22.87
N GLN C 203 -15.54 9.52 -21.65
CA GLN C 203 -16.46 9.06 -20.61
C GLN C 203 -17.91 9.27 -21.03
N THR C 204 -18.24 10.43 -21.58
CA THR C 204 -19.63 10.75 -21.87
C THR C 204 -20.23 9.78 -22.89
N ASN C 205 -19.45 9.38 -23.89
CA ASN C 205 -19.95 8.46 -24.90
C ASN C 205 -20.17 7.05 -24.36
N LEU C 206 -19.64 6.72 -23.19
CA LEU C 206 -19.82 5.41 -22.59
C LEU C 206 -20.63 5.45 -21.31
N TYR C 207 -20.21 6.26 -20.34
CA TYR C 207 -20.92 6.44 -19.08
C TYR C 207 -21.20 7.93 -18.90
N LYS C 208 -22.49 8.29 -18.84
CA LYS C 208 -22.85 9.70 -18.81
C LYS C 208 -22.23 10.43 -17.62
N ASN C 209 -22.10 9.73 -16.49
CA ASN C 209 -21.64 10.38 -15.27
C ASN C 209 -20.14 10.67 -15.35
N PRO C 210 -19.69 11.86 -14.91
CA PRO C 210 -18.26 12.19 -15.00
C PRO C 210 -17.43 11.72 -13.82
N ILE C 211 -18.04 11.57 -12.64
CA ILE C 211 -17.35 11.11 -11.44
C ILE C 211 -17.99 9.78 -11.03
N THR C 212 -17.18 8.73 -10.93
CA THR C 212 -17.68 7.38 -10.73
C THR C 212 -16.93 6.71 -9.59
N TYR C 213 -17.44 5.54 -9.18
CA TYR C 213 -16.84 4.76 -8.09
C TYR C 213 -17.35 3.33 -8.16
N ILE C 214 -16.66 2.44 -7.46
CA ILE C 214 -17.12 1.08 -7.21
C ILE C 214 -16.93 0.79 -5.72
N SER C 215 -17.89 0.10 -5.12
CA SER C 215 -17.81 -0.30 -3.72
C SER C 215 -18.23 -1.74 -3.59
N VAL C 216 -17.30 -2.62 -3.20
CA VAL C 216 -17.56 -4.04 -3.01
C VAL C 216 -17.31 -4.39 -1.55
N GLY C 217 -18.27 -5.05 -0.93
CA GLY C 217 -18.15 -5.43 0.46
C GLY C 217 -18.65 -6.81 0.80
N THR C 218 -17.88 -7.56 1.59
CA THR C 218 -18.26 -8.87 2.11
C THR C 218 -18.16 -8.83 3.63
N SER C 219 -18.26 -10.00 4.26
CA SER C 219 -18.14 -10.06 5.71
C SER C 219 -16.71 -9.87 6.20
N THR C 220 -15.71 -9.95 5.30
CA THR C 220 -14.32 -9.71 5.68
C THR C 220 -13.60 -8.77 4.72
N LEU C 221 -14.32 -8.06 3.86
CA LEU C 221 -13.69 -7.26 2.82
C LEU C 221 -14.36 -5.89 2.76
N ASN C 222 -13.56 -4.89 2.37
CA ASN C 222 -14.03 -3.52 2.19
C ASN C 222 -13.16 -2.86 1.13
N GLN C 223 -13.80 -2.17 0.18
CA GLN C 223 -13.05 -1.57 -0.91
C GLN C 223 -13.84 -0.42 -1.51
N ARG C 224 -13.12 0.62 -1.94
CA ARG C 224 -13.68 1.71 -2.73
C ARG C 224 -12.62 2.18 -3.71
N LEU C 225 -13.03 2.39 -4.97
CA LEU C 225 -12.10 2.72 -6.03
C LEU C 225 -12.64 3.87 -6.87
N ALA C 226 -11.74 4.55 -7.58
CA ALA C 226 -12.09 5.58 -8.52
C ALA C 226 -11.15 5.51 -9.72
N PRO C 227 -11.63 5.89 -10.90
CA PRO C 227 -10.78 5.83 -12.10
C PRO C 227 -9.74 6.94 -12.15
N LYS C 228 -8.72 6.69 -12.98
CA LYS C 228 -7.66 7.66 -13.24
C LYS C 228 -7.74 8.07 -14.71
N ILE C 229 -7.70 9.37 -14.96
CA ILE C 229 -7.81 9.93 -16.30
C ILE C 229 -6.57 10.75 -16.59
N ALA C 230 -5.88 10.42 -17.67
CA ALA C 230 -4.63 11.05 -18.06
C ALA C 230 -4.26 10.56 -19.46
N THR C 231 -3.18 11.12 -20.01
CA THR C 231 -2.67 10.72 -21.31
C THR C 231 -1.45 9.83 -21.13
N ARG C 232 -1.50 8.64 -21.72
CA ARG C 232 -0.38 7.72 -21.67
C ARG C 232 0.04 7.29 -23.07
N SER C 233 0.95 6.32 -23.15
CA SER C 233 1.52 5.91 -24.43
C SER C 233 0.56 4.96 -25.16
N GLN C 234 1.06 4.30 -26.20
CA GLN C 234 0.25 3.41 -27.02
C GLN C 234 0.81 2.00 -26.94
N VAL C 235 0.00 1.05 -26.47
CA VAL C 235 0.29 -0.37 -26.52
C VAL C 235 -0.89 -1.06 -27.18
N ASN C 236 -0.64 -1.74 -28.30
CA ASN C 236 -1.68 -2.44 -29.06
C ASN C 236 -2.79 -1.49 -29.48
N GLY C 237 -2.42 -0.27 -29.85
CA GLY C 237 -3.38 0.69 -30.35
C GLY C 237 -4.44 1.11 -29.35
N GLN C 238 -4.09 1.18 -28.06
CA GLN C 238 -5.03 1.57 -27.03
C GLN C 238 -4.33 2.49 -26.05
N ARG C 239 -4.87 3.69 -25.87
CA ARG C 239 -4.39 4.61 -24.83
C ARG C 239 -5.23 4.48 -23.56
N GLY C 240 -5.40 3.25 -23.08
CA GLY C 240 -6.21 3.00 -21.90
C GLY C 240 -5.78 1.73 -21.22
N ARG C 241 -6.20 1.57 -19.97
CA ARG C 241 -5.81 0.42 -19.16
C ARG C 241 -7.04 -0.19 -18.51
N MET C 242 -6.83 -1.34 -17.87
CA MET C 242 -7.88 -2.14 -17.26
C MET C 242 -7.31 -2.86 -16.05
N ASP C 243 -8.00 -2.77 -14.91
CA ASP C 243 -7.54 -3.37 -13.67
C ASP C 243 -8.54 -4.41 -13.18
N PHE C 244 -8.03 -5.56 -12.73
CA PHE C 244 -8.85 -6.69 -12.32
C PHE C 244 -8.54 -7.07 -10.88
N PHE C 245 -9.48 -7.75 -10.24
CA PHE C 245 -9.39 -8.13 -8.84
C PHE C 245 -10.00 -9.52 -8.64
N TRP C 246 -9.88 -10.05 -7.43
CA TRP C 246 -10.45 -11.35 -7.13
C TRP C 246 -10.74 -11.46 -5.64
N THR C 247 -11.55 -12.46 -5.29
CA THR C 247 -11.94 -12.73 -3.91
C THR C 247 -12.36 -14.18 -3.79
N ILE C 248 -12.53 -14.63 -2.54
CA ILE C 248 -13.04 -15.95 -2.24
C ILE C 248 -14.07 -15.83 -1.13
N LEU C 249 -15.25 -16.41 -1.33
CA LEU C 249 -16.31 -16.36 -0.34
C LEU C 249 -16.67 -17.75 0.14
N LYS C 250 -17.37 -17.80 1.27
CA LYS C 250 -17.58 -19.00 2.06
C LYS C 250 -18.98 -19.58 1.86
N PRO C 251 -19.20 -20.83 2.25
CA PRO C 251 -20.48 -21.50 1.97
C PRO C 251 -21.71 -20.81 2.56
N ASP C 252 -21.57 -19.86 3.48
CA ASP C 252 -22.72 -19.19 4.06
C ASP C 252 -22.77 -17.70 3.80
N ASP C 253 -21.68 -17.08 3.36
CA ASP C 253 -21.58 -15.64 3.26
C ASP C 253 -22.22 -15.13 1.98
N ALA C 254 -22.18 -13.81 1.80
CA ALA C 254 -22.74 -13.15 0.62
C ALA C 254 -21.78 -12.06 0.17
N ILE C 255 -21.98 -11.61 -1.08
CA ILE C 255 -21.16 -10.58 -1.68
C ILE C 255 -22.07 -9.50 -2.25
N HIS C 256 -21.71 -8.23 -2.02
CA HIS C 256 -22.52 -7.10 -2.44
C HIS C 256 -21.71 -6.20 -3.37
N PHE C 257 -22.40 -5.61 -4.34
CA PHE C 257 -21.79 -4.73 -5.33
C PHE C 257 -22.53 -3.41 -5.40
N GLU C 258 -21.81 -2.39 -5.87
CA GLU C 258 -22.39 -1.07 -6.10
C GLU C 258 -21.44 -0.29 -7.00
N SER C 259 -21.98 0.31 -8.05
CA SER C 259 -21.13 0.99 -9.04
C SER C 259 -21.91 2.08 -9.75
N ASN C 260 -21.28 3.24 -9.90
CA ASN C 260 -21.82 4.35 -10.67
C ASN C 260 -21.26 4.42 -12.08
N GLY C 261 -20.32 3.55 -12.43
CA GLY C 261 -19.73 3.55 -13.75
C GLY C 261 -18.45 2.74 -13.76
N ASN C 262 -17.94 2.52 -14.96
CA ASN C 262 -16.66 1.84 -15.18
C ASN C 262 -16.62 0.50 -14.45
N PHE C 263 -17.56 -0.37 -14.81
CA PHE C 263 -17.76 -1.64 -14.13
C PHE C 263 -17.63 -2.78 -15.13
N ILE C 264 -16.83 -3.77 -14.79
CA ILE C 264 -16.74 -5.01 -15.56
C ILE C 264 -17.42 -6.10 -14.74
N ALA C 265 -18.70 -6.35 -15.02
CA ALA C 265 -19.49 -7.21 -14.16
C ALA C 265 -19.13 -8.67 -14.36
N PRO C 266 -19.27 -9.50 -13.32
CA PRO C 266 -18.99 -10.93 -13.47
C PRO C 266 -20.18 -11.68 -14.06
N GLU C 267 -19.86 -12.75 -14.79
CA GLU C 267 -20.85 -13.66 -15.32
C GLU C 267 -20.66 -15.09 -14.83
N TYR C 268 -19.44 -15.60 -14.86
CA TYR C 268 -19.14 -16.95 -14.40
C TYR C 268 -18.25 -16.88 -13.16
N ALA C 269 -18.45 -17.84 -12.27
CA ALA C 269 -17.59 -18.01 -11.10
C ALA C 269 -17.28 -19.48 -10.94
N TYR C 270 -16.12 -19.77 -10.38
CA TYR C 270 -15.61 -21.13 -10.27
C TYR C 270 -15.84 -21.70 -8.87
N LYS C 271 -15.81 -23.02 -8.77
CA LYS C 271 -15.99 -23.72 -7.51
C LYS C 271 -14.75 -24.56 -7.21
N ILE C 272 -14.17 -24.37 -6.03
CA ILE C 272 -12.88 -24.94 -5.68
C ILE C 272 -12.96 -25.60 -4.31
N VAL C 273 -11.97 -26.46 -4.04
CA VAL C 273 -11.91 -27.22 -2.80
C VAL C 273 -10.59 -27.06 -2.07
N LYS C 274 -9.51 -26.73 -2.79
CA LYS C 274 -8.19 -26.42 -2.20
C LYS C 274 -7.60 -27.70 -1.60
N LYS C 275 -7.05 -27.65 -0.39
CA LYS C 275 -6.29 -28.76 0.21
C LYS C 275 -5.04 -29.09 -0.61
N GLY C 276 -4.15 -28.11 -0.69
CA GLY C 276 -2.85 -28.33 -1.31
C GLY C 276 -2.28 -27.06 -1.92
N ASP C 277 -0.97 -27.09 -2.17
CA ASP C 277 -0.26 -25.99 -2.80
C ASP C 277 0.91 -26.55 -3.61
N SER C 278 1.16 -25.94 -4.78
CA SER C 278 2.25 -26.36 -5.65
C SER C 278 2.78 -25.14 -6.39
N THR C 279 3.57 -25.37 -7.45
CA THR C 279 4.22 -24.32 -8.21
C THR C 279 3.92 -24.48 -9.69
N ILE C 280 4.53 -23.63 -10.50
CA ILE C 280 4.31 -23.59 -11.94
C ILE C 280 5.61 -23.91 -12.66
N MET C 281 5.51 -24.71 -13.73
CA MET C 281 6.65 -25.16 -14.50
C MET C 281 6.69 -24.41 -15.83
N LYS C 282 7.82 -23.81 -16.14
CA LYS C 282 8.01 -23.06 -17.38
C LYS C 282 8.94 -23.86 -18.29
N SER C 283 8.37 -24.48 -19.31
CA SER C 283 9.10 -25.38 -20.19
C SER C 283 8.29 -25.58 -21.46
N GLY C 284 8.92 -26.23 -22.44
CA GLY C 284 8.28 -26.46 -23.72
C GLY C 284 8.51 -27.84 -24.29
N VAL C 285 8.57 -28.85 -23.43
CA VAL C 285 8.90 -30.20 -23.86
C VAL C 285 7.62 -30.98 -24.13
N GLU C 286 7.77 -32.10 -24.83
CA GLU C 286 6.64 -32.89 -25.29
C GLU C 286 6.04 -33.72 -24.15
N TYR C 287 4.83 -34.21 -24.39
CA TYR C 287 4.06 -34.96 -23.42
C TYR C 287 4.25 -36.46 -23.63
N GLY C 288 4.06 -37.24 -22.57
CA GLY C 288 4.24 -38.67 -22.64
C GLY C 288 3.42 -39.42 -21.60
N HIS C 289 3.51 -40.74 -21.67
CA HIS C 289 2.81 -41.64 -20.75
C HIS C 289 3.82 -42.23 -19.79
N CYS C 290 3.55 -42.11 -18.49
CA CYS C 290 4.60 -42.20 -17.48
C CYS C 290 3.98 -42.06 -16.10
N ASN C 291 4.80 -42.35 -15.09
CA ASN C 291 4.46 -42.11 -13.69
C ASN C 291 5.75 -41.93 -12.90
N THR C 292 5.72 -40.99 -11.96
CA THR C 292 6.91 -40.62 -11.21
C THR C 292 6.48 -39.92 -9.93
N LYS C 293 7.45 -39.31 -9.25
CA LYS C 293 7.19 -38.49 -8.07
C LYS C 293 7.60 -37.04 -8.22
N CYS C 294 8.65 -36.76 -9.00
CA CYS C 294 9.15 -35.41 -9.19
C CYS C 294 9.38 -35.16 -10.67
N GLN C 295 9.35 -33.88 -11.05
CA GLN C 295 9.48 -33.49 -12.44
C GLN C 295 10.39 -32.28 -12.56
N THR C 296 11.29 -32.32 -13.54
CA THR C 296 12.19 -31.22 -13.88
C THR C 296 11.76 -30.57 -15.19
N PRO C 297 12.05 -29.29 -15.39
CA PRO C 297 11.61 -28.62 -16.63
C PRO C 297 12.10 -29.29 -17.90
N VAL C 298 13.34 -29.77 -17.92
CA VAL C 298 13.88 -30.40 -19.12
C VAL C 298 13.22 -31.76 -19.36
N GLY C 299 13.08 -32.57 -18.32
CA GLY C 299 12.51 -33.88 -18.48
C GLY C 299 12.10 -34.48 -17.15
N ALA C 300 11.71 -35.74 -17.19
CA ALA C 300 11.28 -36.48 -16.02
C ALA C 300 12.43 -37.30 -15.44
N ILE C 301 12.20 -37.85 -14.24
CA ILE C 301 13.17 -38.73 -13.62
C ILE C 301 12.44 -39.60 -12.61
N ASN C 302 12.90 -40.84 -12.47
CA ASN C 302 12.34 -41.84 -11.57
C ASN C 302 13.46 -42.53 -10.80
N SER C 303 14.37 -41.75 -10.24
CA SER C 303 15.57 -42.29 -9.60
C SER C 303 15.43 -42.30 -8.09
N SER C 304 16.07 -43.30 -7.47
CA SER C 304 16.09 -43.44 -6.03
C SER C 304 17.42 -43.03 -5.40
N MET C 305 18.44 -42.74 -6.20
CA MET C 305 19.71 -42.28 -5.66
C MET C 305 19.57 -40.87 -5.11
N PRO C 306 20.38 -40.51 -4.10
CA PRO C 306 20.09 -39.30 -3.30
C PRO C 306 20.61 -37.99 -3.88
N PHE C 307 21.35 -38.00 -4.99
CA PHE C 307 21.91 -36.78 -5.55
C PHE C 307 21.69 -36.75 -7.05
N HIS C 308 21.64 -35.54 -7.62
CA HIS C 308 21.37 -35.37 -9.04
C HIS C 308 22.18 -34.19 -9.57
N ASN C 309 22.02 -33.93 -10.87
CA ASN C 309 22.79 -32.90 -11.56
C ASN C 309 21.99 -32.09 -12.57
N ILE C 310 20.71 -32.39 -12.78
CA ILE C 310 20.00 -31.93 -13.97
C ILE C 310 19.55 -30.47 -13.86
N HIS C 311 18.66 -30.18 -12.92
CA HIS C 311 18.06 -28.86 -12.87
C HIS C 311 17.65 -28.55 -11.44
N PRO C 312 17.94 -27.36 -10.93
CA PRO C 312 17.59 -27.04 -9.54
C PRO C 312 16.09 -26.94 -9.31
N LEU C 313 15.40 -26.16 -10.15
CA LEU C 313 13.97 -25.96 -9.97
C LEU C 313 13.21 -27.25 -10.23
N THR C 314 12.32 -27.62 -9.31
CA THR C 314 11.67 -28.92 -9.34
C THR C 314 10.32 -28.81 -8.64
N ILE C 315 9.43 -29.74 -8.96
CA ILE C 315 8.15 -29.88 -8.26
C ILE C 315 8.00 -31.34 -7.84
N GLY C 316 7.68 -31.56 -6.57
CA GLY C 316 7.63 -32.89 -6.00
C GLY C 316 8.80 -33.16 -5.08
N GLU C 317 8.89 -34.41 -4.66
CA GLU C 317 10.01 -34.85 -3.82
C GLU C 317 11.15 -35.33 -4.71
N CYS C 318 12.32 -34.70 -4.57
CA CYS C 318 13.45 -34.91 -5.46
C CYS C 318 14.73 -35.03 -4.64
N PRO C 319 15.75 -35.69 -5.20
CA PRO C 319 17.05 -35.73 -4.51
C PRO C 319 17.78 -34.40 -4.55
N LYS C 320 19.00 -34.34 -4.03
CA LYS C 320 19.67 -33.08 -3.76
C LYS C 320 20.49 -32.61 -4.96
N TYR C 321 20.89 -31.34 -4.90
CA TYR C 321 21.69 -30.68 -5.93
C TYR C 321 23.13 -30.57 -5.44
N VAL C 322 24.08 -31.05 -6.24
CA VAL C 322 25.47 -31.10 -5.81
C VAL C 322 26.38 -30.30 -6.73
N LYS C 323 25.99 -30.17 -8.00
CA LYS C 323 26.80 -29.50 -9.01
C LYS C 323 28.17 -30.20 -9.10
N SER C 324 28.11 -31.44 -9.59
CA SER C 324 29.28 -32.28 -9.73
C SER C 324 28.98 -33.38 -10.74
N ASN C 325 30.04 -34.10 -11.13
CA ASN C 325 29.94 -35.12 -12.16
C ASN C 325 30.45 -36.51 -11.76
N LYS C 326 31.13 -36.65 -10.62
CA LYS C 326 31.96 -37.82 -10.35
C LYS C 326 31.72 -38.37 -8.95
N LEU C 327 30.45 -38.61 -8.59
CA LEU C 327 30.13 -39.20 -7.29
C LEU C 327 30.10 -40.72 -7.42
N VAL C 328 31.29 -41.31 -7.48
CA VAL C 328 31.48 -42.74 -7.58
C VAL C 328 32.07 -43.25 -6.26
N LEU C 329 31.46 -44.28 -5.70
CA LEU C 329 31.81 -44.79 -4.37
C LEU C 329 32.49 -46.14 -4.41
N ALA C 330 31.88 -47.12 -5.08
CA ALA C 330 32.52 -48.39 -5.40
C ALA C 330 32.71 -49.30 -4.19
N THR C 331 32.97 -50.58 -4.45
CA THR C 331 33.20 -51.55 -3.40
C THR C 331 34.25 -52.58 -3.79
N GLY C 332 35.23 -52.19 -4.60
CA GLY C 332 36.17 -53.13 -5.18
C GLY C 332 37.51 -53.23 -4.45
N LEU C 333 38.07 -54.44 -4.48
CA LEU C 333 39.41 -54.67 -3.96
C LEU C 333 40.46 -54.06 -4.88
N ARG C 334 41.62 -53.75 -4.29
CA ARG C 334 42.80 -53.25 -4.99
C ARG C 334 42.59 -51.88 -5.61
N ILE D 56 21.10 -47.36 0.92
CA ILE D 56 21.78 -46.08 1.14
C ILE D 56 20.79 -45.02 1.57
N ASP D 57 19.50 -45.38 1.59
CA ASP D 57 18.43 -44.44 1.90
C ASP D 57 18.33 -44.27 3.43
N LYS D 58 19.32 -43.58 3.97
CA LYS D 58 19.40 -43.40 5.42
C LYS D 58 18.49 -42.27 5.88
N MET D 59 18.73 -41.05 5.40
CA MET D 59 17.81 -39.94 5.61
C MET D 59 17.45 -39.30 4.27
N ASN D 60 16.35 -38.54 4.28
CA ASN D 60 15.81 -37.96 3.05
C ASN D 60 14.87 -36.82 3.42
N THR D 61 14.33 -36.18 2.39
CA THR D 61 13.47 -35.00 2.49
C THR D 61 12.08 -35.33 1.93
N GLN D 62 11.23 -34.31 1.83
CA GLN D 62 9.88 -34.52 1.31
C GLN D 62 9.31 -33.23 0.75
N PHE D 63 8.77 -33.32 -0.48
CA PHE D 63 7.89 -32.34 -1.11
C PHE D 63 8.40 -30.90 -0.95
N GLU D 64 9.52 -30.63 -1.62
CA GLU D 64 10.08 -29.28 -1.69
C GLU D 64 9.73 -28.66 -3.05
N ALA D 65 8.60 -27.97 -3.11
CA ALA D 65 8.24 -27.23 -4.31
C ALA D 65 9.10 -25.98 -4.42
N VAL D 66 9.71 -25.78 -5.59
CA VAL D 66 10.66 -24.70 -5.82
C VAL D 66 10.23 -23.95 -7.07
N GLY D 67 10.28 -22.62 -7.00
CA GLY D 67 9.93 -21.79 -8.14
C GLY D 67 10.45 -20.38 -7.95
N ARG D 68 10.05 -19.51 -8.87
CA ARG D 68 10.44 -18.10 -8.85
C ARG D 68 9.20 -17.25 -9.12
N GLU D 69 8.57 -16.77 -8.05
CA GLU D 69 7.35 -15.97 -8.14
C GLU D 69 7.55 -14.65 -7.39
N PHE D 70 8.15 -13.67 -8.07
CA PHE D 70 8.44 -12.39 -7.45
C PHE D 70 8.55 -11.32 -8.54
N ASN D 71 7.84 -10.21 -8.35
CA ASN D 71 7.83 -9.15 -9.34
C ASN D 71 9.09 -8.28 -9.20
N ASN D 72 9.23 -7.31 -10.10
CA ASN D 72 10.47 -6.55 -10.19
C ASN D 72 10.65 -5.55 -9.05
N LEU D 73 9.63 -5.32 -8.23
CA LEU D 73 9.75 -4.42 -7.09
C LEU D 73 10.06 -5.15 -5.79
N GLU D 74 10.39 -6.44 -5.87
CA GLU D 74 10.73 -7.26 -4.71
C GLU D 74 12.07 -7.95 -4.93
N ARG D 75 13.07 -7.17 -5.36
CA ARG D 75 14.37 -7.75 -5.67
C ARG D 75 15.09 -8.25 -4.42
N ARG D 76 14.86 -7.60 -3.27
CA ARG D 76 15.56 -8.00 -2.05
C ARG D 76 15.16 -9.40 -1.60
N ILE D 77 13.87 -9.72 -1.65
CA ILE D 77 13.42 -11.06 -1.25
C ILE D 77 13.95 -12.11 -2.23
N GLU D 78 14.02 -11.76 -3.51
CA GLU D 78 14.62 -12.68 -4.49
C GLU D 78 16.09 -12.91 -4.18
N ASN D 79 16.80 -11.87 -3.76
CA ASN D 79 18.20 -12.03 -3.38
C ASN D 79 18.32 -12.94 -2.15
N LEU D 80 17.40 -12.79 -1.20
CA LEU D 80 17.39 -13.67 -0.03
C LEU D 80 17.18 -15.13 -0.44
N ASN D 81 16.24 -15.37 -1.35
CA ASN D 81 15.99 -16.73 -1.82
C ASN D 81 17.21 -17.30 -2.54
N LYS D 82 17.86 -16.48 -3.38
CA LYS D 82 19.04 -16.94 -4.10
C LYS D 82 20.18 -17.26 -3.13
N LYS D 83 20.36 -16.44 -2.10
CA LYS D 83 21.40 -16.71 -1.11
C LYS D 83 21.13 -18.01 -0.37
N MET D 84 19.87 -18.25 0.01
CA MET D 84 19.54 -19.49 0.69
C MET D 84 19.82 -20.71 -0.19
N GLU D 85 19.42 -20.64 -1.46
CA GLU D 85 19.65 -21.76 -2.37
C GLU D 85 21.13 -22.01 -2.57
N ASP D 86 21.92 -20.95 -2.76
CA ASP D 86 23.37 -21.12 -2.92
C ASP D 86 24.00 -21.71 -1.67
N GLY D 87 23.57 -21.26 -0.49
CA GLY D 87 24.10 -21.82 0.74
C GLY D 87 23.82 -23.31 0.87
N PHE D 88 22.58 -23.71 0.61
CA PHE D 88 22.26 -25.14 0.70
C PHE D 88 23.04 -25.94 -0.34
N LEU D 89 23.22 -25.38 -1.53
CA LEU D 89 24.08 -26.00 -2.53
C LEU D 89 25.47 -26.25 -1.97
N ASP D 90 26.05 -25.24 -1.31
CA ASP D 90 27.39 -25.38 -0.74
C ASP D 90 27.45 -26.47 0.32
N VAL D 91 26.49 -26.45 1.26
CA VAL D 91 26.51 -27.45 2.33
C VAL D 91 26.44 -28.86 1.74
N TRP D 92 25.52 -29.07 0.80
CA TRP D 92 25.32 -30.41 0.28
C TRP D 92 26.48 -30.85 -0.62
N THR D 93 27.09 -29.94 -1.38
CA THR D 93 28.22 -30.37 -2.21
C THR D 93 29.42 -30.73 -1.35
N TYR D 94 29.69 -29.93 -0.30
CA TYR D 94 30.79 -30.27 0.59
C TYR D 94 30.55 -31.62 1.25
N ASN D 95 29.34 -31.82 1.79
CA ASN D 95 29.05 -33.08 2.47
C ASN D 95 29.14 -34.27 1.53
N ALA D 96 28.55 -34.16 0.34
CA ALA D 96 28.53 -35.30 -0.58
C ALA D 96 29.92 -35.62 -1.11
N GLU D 97 30.71 -34.59 -1.47
CA GLU D 97 32.02 -34.87 -2.02
C GLU D 97 33.09 -35.10 -0.97
N LEU D 98 32.78 -34.94 0.31
CA LEU D 98 33.70 -35.37 1.35
C LEU D 98 33.32 -36.70 1.96
N LEU D 99 32.05 -37.10 1.89
CA LEU D 99 31.65 -38.38 2.44
C LEU D 99 32.33 -39.53 1.69
N VAL D 100 32.47 -39.39 0.36
CA VAL D 100 33.12 -40.43 -0.43
C VAL D 100 34.61 -40.48 -0.11
N LEU D 101 35.25 -39.32 0.04
CA LEU D 101 36.70 -39.29 0.23
C LEU D 101 37.12 -39.99 1.53
N MET D 102 36.19 -40.16 2.46
CA MET D 102 36.48 -40.93 3.67
C MET D 102 35.86 -42.31 3.64
N GLU D 103 34.82 -42.51 2.84
CA GLU D 103 34.21 -43.83 2.77
C GLU D 103 35.07 -44.80 1.98
N ASN D 104 35.69 -44.31 0.89
CA ASN D 104 36.54 -45.19 0.09
C ASN D 104 37.82 -45.57 0.82
N GLU D 105 38.38 -44.65 1.60
CA GLU D 105 39.61 -44.95 2.33
C GLU D 105 39.38 -46.05 3.35
N ARG D 106 38.33 -45.93 4.15
CA ARG D 106 38.04 -46.98 5.13
C ARG D 106 37.62 -48.26 4.45
N THR D 107 36.96 -48.18 3.30
CA THR D 107 36.62 -49.37 2.55
C THR D 107 37.88 -50.13 2.13
N LEU D 108 38.83 -49.42 1.53
CA LEU D 108 40.08 -50.03 1.10
C LEU D 108 40.93 -50.51 2.27
N ASP D 109 40.92 -49.80 3.40
CA ASP D 109 41.62 -50.29 4.57
C ASP D 109 40.96 -51.52 5.17
N PHE D 110 39.63 -51.60 5.14
CA PHE D 110 38.94 -52.83 5.48
C PHE D 110 39.48 -53.99 4.65
N HIS D 111 39.52 -53.79 3.33
CA HIS D 111 39.99 -54.85 2.45
C HIS D 111 41.45 -55.22 2.78
N ASP D 112 42.30 -54.22 2.94
CA ASP D 112 43.72 -54.49 3.16
C ASP D 112 44.01 -55.10 4.53
N SER D 113 43.17 -54.81 5.52
CA SER D 113 43.34 -55.41 6.84
C SER D 113 42.89 -56.86 6.83
N ASN D 114 41.74 -57.15 6.21
CA ASN D 114 41.29 -58.54 6.22
C ASN D 114 42.19 -59.41 5.37
N VAL D 115 42.67 -58.91 4.23
CA VAL D 115 43.48 -59.74 3.35
C VAL D 115 44.80 -60.16 4.01
N LYS D 116 45.07 -59.67 5.22
CA LYS D 116 46.22 -60.17 5.97
C LYS D 116 45.83 -60.84 7.28
N ASN D 117 44.75 -60.40 7.93
CA ASN D 117 44.35 -61.09 9.15
C ASN D 117 43.86 -62.51 8.84
N LEU D 118 43.11 -62.71 7.75
CA LEU D 118 42.74 -64.07 7.40
C LEU D 118 43.97 -64.91 7.10
N TYR D 119 45.03 -64.30 6.57
CA TYR D 119 46.28 -65.03 6.38
C TYR D 119 46.87 -65.46 7.71
N ASP D 120 47.05 -64.51 8.63
CA ASP D 120 47.70 -64.86 9.89
C ASP D 120 46.85 -65.79 10.74
N LYS D 121 45.57 -65.96 10.41
CA LYS D 121 44.79 -66.99 11.10
C LYS D 121 45.44 -68.36 11.01
N VAL D 122 46.17 -68.63 9.92
CA VAL D 122 46.68 -69.98 9.71
C VAL D 122 47.65 -70.39 10.80
N ARG D 123 48.32 -69.42 11.44
CA ARG D 123 49.29 -69.69 12.49
C ARG D 123 50.39 -70.62 12.00
N ILE E 19 69.43 -49.55 15.24
CA ILE E 19 68.54 -48.96 14.25
C ILE E 19 67.15 -48.77 14.82
N CYS E 20 66.60 -47.57 14.64
CA CYS E 20 65.26 -47.26 15.09
C CYS E 20 64.45 -46.72 13.92
N ILE E 21 63.30 -46.11 14.17
CA ILE E 21 62.54 -45.49 13.10
C ILE E 21 61.63 -44.42 13.68
N GLY E 22 61.65 -43.24 13.05
CA GLY E 22 60.80 -42.15 13.46
C GLY E 22 61.58 -40.93 13.87
N TYR E 23 61.07 -40.22 14.87
CA TYR E 23 61.85 -39.24 15.61
C TYR E 23 62.19 -38.02 14.76
N HIS E 24 63.44 -37.56 14.84
CA HIS E 24 63.85 -36.26 14.32
C HIS E 24 63.02 -35.14 14.93
N ALA E 25 62.94 -35.14 16.26
CA ALA E 25 62.16 -34.13 16.96
C ALA E 25 62.87 -32.77 16.93
N ASN E 26 62.10 -31.72 16.67
CA ASN E 26 62.63 -30.38 16.53
C ASN E 26 62.59 -29.67 17.89
N ASN E 27 62.74 -28.34 17.87
CA ASN E 27 62.73 -27.53 19.08
C ASN E 27 61.63 -26.48 19.04
N SER E 28 60.51 -26.77 18.38
CA SER E 28 59.41 -25.83 18.28
C SER E 28 58.34 -26.14 19.32
N THR E 29 57.23 -25.41 19.25
CA THR E 29 56.09 -25.64 20.13
C THR E 29 54.84 -25.17 19.41
N GLU E 30 54.07 -26.12 18.89
CA GLU E 30 52.84 -25.83 18.15
C GLU E 30 51.73 -26.80 18.57
N GLN E 31 51.50 -26.89 19.89
CA GLN E 31 50.49 -27.80 20.43
C GLN E 31 49.12 -27.60 19.77
N VAL E 32 48.43 -28.70 19.52
CA VAL E 32 47.09 -28.72 18.92
C VAL E 32 46.24 -29.72 19.69
N ASP E 33 44.98 -29.89 19.26
CA ASP E 33 44.00 -30.70 19.95
C ASP E 33 43.39 -31.75 19.02
N THR E 34 42.77 -32.75 19.62
CA THR E 34 42.04 -33.80 18.92
C THR E 34 40.71 -34.03 19.62
N ILE E 35 40.01 -35.10 19.26
CA ILE E 35 38.67 -35.36 19.79
C ILE E 35 38.74 -36.22 21.05
N MET E 36 39.66 -37.18 21.12
CA MET E 36 39.82 -38.01 22.30
C MET E 36 41.07 -37.66 23.09
N GLU E 37 41.71 -36.53 22.79
CA GLU E 37 42.91 -36.09 23.47
C GLU E 37 43.03 -34.58 23.25
N LYS E 38 43.60 -33.90 24.24
CA LYS E 38 43.50 -32.45 24.30
C LYS E 38 44.76 -31.70 23.85
N ASN E 39 45.95 -32.08 24.31
CA ASN E 39 47.12 -31.21 24.13
C ASN E 39 48.34 -32.07 23.82
N VAL E 40 48.86 -31.96 22.59
CA VAL E 40 50.08 -32.65 22.18
C VAL E 40 50.96 -31.70 21.38
N THR E 41 52.28 -31.89 21.48
CA THR E 41 53.23 -31.02 20.80
C THR E 41 53.35 -31.41 19.34
N VAL E 42 53.06 -30.46 18.45
CA VAL E 42 53.02 -30.69 17.02
C VAL E 42 54.16 -29.90 16.38
N THR E 43 54.94 -30.57 15.53
CA THR E 43 56.04 -29.94 14.81
C THR E 43 55.54 -29.39 13.49
N HIS E 44 56.12 -28.26 13.07
CA HIS E 44 55.76 -27.52 11.86
C HIS E 44 54.27 -27.56 11.57
N ALA E 45 53.46 -27.01 12.48
CA ALA E 45 52.02 -26.96 12.29
C ALA E 45 51.66 -25.98 11.18
N GLN E 46 50.36 -25.82 10.96
CA GLN E 46 49.86 -24.89 9.96
C GLN E 46 48.43 -24.51 10.34
N ASP E 47 47.98 -23.37 9.83
CA ASP E 47 46.64 -22.89 10.11
C ASP E 47 45.93 -22.55 8.82
N ILE E 48 44.61 -22.66 8.85
CA ILE E 48 43.77 -22.24 7.73
C ILE E 48 42.74 -21.25 8.24
N LEU E 49 43.10 -20.51 9.28
CA LEU E 49 42.23 -19.50 9.85
C LEU E 49 42.77 -18.12 9.50
N GLU E 50 41.95 -17.31 8.86
CA GLU E 50 42.34 -15.96 8.45
C GLU E 50 42.03 -14.99 9.58
N LYS E 51 43.07 -14.36 10.15
CA LYS E 51 42.88 -13.41 11.22
C LYS E 51 43.73 -12.15 11.07
N THR E 52 44.53 -12.03 10.01
CA THR E 52 45.28 -10.81 9.73
C THR E 52 44.67 -10.11 8.52
N HIS E 53 45.02 -8.83 8.37
CA HIS E 53 44.41 -7.98 7.37
C HIS E 53 45.15 -6.65 7.35
N ASN E 54 44.85 -5.84 6.33
CA ASN E 54 45.34 -4.46 6.24
C ASN E 54 44.16 -3.51 6.27
N GLY E 55 44.27 -2.49 7.12
CA GLY E 55 43.15 -1.59 7.35
C GLY E 55 43.05 -0.47 6.34
N LYS E 56 42.75 -0.81 5.09
CA LYS E 56 42.67 0.19 4.03
C LYS E 56 41.67 -0.28 2.98
N LEU E 57 41.16 0.68 2.21
CA LEU E 57 40.16 0.42 1.18
C LEU E 57 40.80 0.48 -0.19
N CYS E 58 40.76 -0.63 -0.93
CA CYS E 58 41.35 -0.66 -2.26
C CYS E 58 40.38 -1.19 -3.32
N ASP E 59 40.89 -1.46 -4.52
CA ASP E 59 40.06 -1.74 -5.68
C ASP E 59 39.53 -3.17 -5.66
N LEU E 60 38.54 -3.41 -6.53
CA LEU E 60 37.90 -4.72 -6.68
C LEU E 60 38.08 -5.17 -8.12
N ASN E 61 39.05 -6.05 -8.35
CA ASN E 61 39.35 -6.58 -9.69
C ASN E 61 39.61 -5.46 -10.68
N GLY E 62 40.34 -4.45 -10.25
CA GLY E 62 40.66 -3.32 -11.12
C GLY E 62 39.75 -2.11 -11.04
N VAL E 63 38.44 -2.31 -11.19
CA VAL E 63 37.50 -1.20 -11.11
C VAL E 63 37.50 -0.64 -9.69
N LYS E 64 37.30 0.68 -9.58
CA LYS E 64 37.44 1.39 -8.33
C LYS E 64 36.07 1.76 -7.76
N PRO E 65 35.88 1.59 -6.45
CA PRO E 65 34.59 1.93 -5.84
C PRO E 65 34.35 3.44 -5.79
N LEU E 66 33.14 3.79 -5.38
CA LEU E 66 32.72 5.18 -5.24
C LEU E 66 32.80 5.58 -3.78
N ILE E 67 33.41 6.74 -3.51
CA ILE E 67 33.64 7.22 -2.16
C ILE E 67 32.88 8.53 -1.98
N LEU E 68 31.88 8.52 -1.10
CA LEU E 68 31.22 9.73 -0.64
C LEU E 68 31.63 9.95 0.80
N LYS E 69 32.12 11.15 1.09
CA LYS E 69 32.70 11.40 2.41
C LYS E 69 31.62 11.73 3.44
N ASP E 70 30.90 12.84 3.24
CA ASP E 70 29.94 13.32 4.23
C ASP E 70 28.61 13.65 3.60
N CYS E 71 28.19 12.85 2.63
CA CYS E 71 26.87 12.98 2.02
C CYS E 71 26.25 11.59 1.90
N SER E 72 24.93 11.56 1.82
CA SER E 72 24.18 10.33 1.60
C SER E 72 23.87 10.15 0.12
N VAL E 73 23.38 8.96 -0.22
CA VAL E 73 23.04 8.67 -1.61
C VAL E 73 21.91 9.58 -2.08
N ALA E 74 20.89 9.78 -1.25
CA ALA E 74 19.78 10.66 -1.57
C ALA E 74 20.18 12.13 -1.60
N GLY E 75 21.37 12.47 -1.11
CA GLY E 75 21.85 13.84 -1.21
C GLY E 75 22.78 14.04 -2.38
N TRP E 76 23.48 12.97 -2.78
CA TRP E 76 24.30 13.04 -3.98
C TRP E 76 23.45 13.00 -5.23
N LEU E 77 22.44 12.15 -5.27
CA LEU E 77 21.60 12.02 -6.46
C LEU E 77 20.63 13.18 -6.66
N LEU E 78 20.74 14.23 -5.85
CA LEU E 78 19.84 15.37 -5.99
C LEU E 78 20.57 16.71 -5.92
N GLY E 79 21.88 16.73 -5.68
CA GLY E 79 22.61 17.97 -5.65
C GLY E 79 22.49 18.75 -4.35
N ASN E 80 22.98 18.17 -3.26
CA ASN E 80 23.07 18.92 -2.01
C ASN E 80 24.02 20.09 -2.20
N PRO E 81 23.66 21.30 -1.75
CA PRO E 81 24.58 22.42 -1.92
C PRO E 81 25.94 22.20 -1.27
N MET E 82 25.98 21.57 -0.10
CA MET E 82 27.25 21.23 0.53
C MET E 82 27.70 19.82 0.18
N CYS E 83 27.62 19.48 -1.10
CA CYS E 83 28.25 18.26 -1.62
C CYS E 83 28.76 18.48 -3.04
N ASP E 84 29.10 19.72 -3.39
CA ASP E 84 29.32 20.10 -4.78
C ASP E 84 30.58 19.49 -5.38
N GLU E 85 31.44 18.88 -4.58
CA GLU E 85 32.67 18.31 -5.15
C GLU E 85 32.37 17.17 -6.12
N PHE E 86 31.23 16.50 -5.96
CA PHE E 86 30.86 15.38 -6.83
C PHE E 86 29.98 15.92 -7.94
N ILE E 87 30.60 16.28 -9.07
CA ILE E 87 29.88 16.74 -10.25
C ILE E 87 29.87 15.68 -11.35
N ARG E 88 30.96 14.93 -11.50
CA ARG E 88 31.05 13.91 -12.53
C ARG E 88 31.91 12.76 -12.02
N VAL E 89 31.36 11.55 -12.09
CA VAL E 89 32.07 10.33 -11.69
C VAL E 89 31.79 9.23 -12.70
N PRO E 90 32.81 8.54 -13.22
CA PRO E 90 32.58 7.42 -14.13
C PRO E 90 32.13 6.15 -13.42
N GLU E 91 32.07 5.04 -14.16
CA GLU E 91 31.57 3.76 -13.64
C GLU E 91 32.36 3.32 -12.39
N TRP E 92 31.75 2.40 -11.64
CA TRP E 92 32.26 1.98 -10.33
C TRP E 92 31.79 0.56 -10.04
N SER E 93 32.07 0.08 -8.82
CA SER E 93 31.65 -1.25 -8.38
C SER E 93 30.71 -1.20 -7.18
N TYR E 94 31.12 -0.59 -6.07
CA TYR E 94 30.29 -0.51 -4.88
C TYR E 94 30.41 0.89 -4.29
N ILE E 95 29.81 1.09 -3.11
CA ILE E 95 29.69 2.41 -2.50
C ILE E 95 30.18 2.34 -1.06
N VAL E 96 30.91 3.37 -0.64
CA VAL E 96 31.34 3.53 0.74
C VAL E 96 30.62 4.76 1.29
N GLU E 97 29.76 4.55 2.28
CA GLU E 97 29.01 5.62 2.93
C GLU E 97 29.29 5.59 4.42
N ARG E 98 29.68 6.73 4.97
CA ARG E 98 29.98 6.81 6.39
C ARG E 98 28.73 6.59 7.23
N ALA E 99 28.91 5.96 8.38
CA ALA E 99 27.80 5.80 9.31
C ALA E 99 27.36 7.16 9.82
N ASN E 100 26.07 7.25 10.18
CA ASN E 100 25.38 8.47 10.57
C ASN E 100 25.89 9.72 9.83
N PRO E 101 25.77 9.75 8.50
CA PRO E 101 26.26 10.92 7.75
C PRO E 101 25.44 12.16 8.06
N ALA E 102 26.11 13.31 7.95
CA ALA E 102 25.56 14.55 8.51
C ALA E 102 24.61 15.24 7.54
N ASN E 103 25.07 15.51 6.32
CA ASN E 103 24.35 16.39 5.41
C ASN E 103 22.96 15.88 5.05
N ASP E 104 22.87 14.76 4.33
CA ASP E 104 21.59 14.14 3.98
C ASP E 104 20.64 15.12 3.32
N LEU E 105 19.34 14.90 3.49
CA LEU E 105 18.33 15.82 2.97
C LEU E 105 18.23 17.04 3.88
N CYS E 106 18.61 18.21 3.37
CA CYS E 106 18.50 19.42 4.17
C CYS E 106 17.05 19.75 4.47
N PHE E 107 16.18 19.59 3.49
CA PHE E 107 14.74 19.77 3.67
C PHE E 107 14.11 18.47 4.15
N PRO E 108 13.35 18.50 5.24
CA PRO E 108 12.77 17.26 5.76
C PRO E 108 11.79 16.64 4.77
N GLY E 109 11.70 15.32 4.81
CA GLY E 109 10.83 14.59 3.90
C GLY E 109 11.25 13.13 3.82
N SER E 110 10.98 12.53 2.66
CA SER E 110 11.31 11.13 2.44
C SER E 110 11.40 10.85 0.95
N LEU E 111 12.10 9.77 0.62
CA LEU E 111 12.23 9.28 -0.75
C LEU E 111 11.51 7.94 -0.86
N ASN E 112 10.57 7.84 -1.79
CA ASN E 112 9.76 6.63 -1.92
C ASN E 112 10.61 5.47 -2.45
N ASP E 113 10.44 4.31 -1.83
CA ASP E 113 11.19 3.11 -2.18
C ASP E 113 12.69 3.38 -2.19
N TYR E 114 13.17 3.86 -1.04
CA TYR E 114 14.58 4.21 -0.91
C TYR E 114 15.47 2.96 -1.00
N GLU E 115 15.06 1.87 -0.38
CA GLU E 115 15.92 0.69 -0.32
C GLU E 115 16.04 0.01 -1.68
N GLU E 116 14.96 0.00 -2.46
CA GLU E 116 15.05 -0.58 -3.80
C GLU E 116 16.01 0.22 -4.67
N LEU E 117 15.95 1.55 -4.61
CA LEU E 117 16.89 2.36 -5.36
C LEU E 117 18.32 2.14 -4.88
N LYS E 118 18.52 2.02 -3.57
CA LYS E 118 19.85 1.81 -3.03
C LYS E 118 20.42 0.48 -3.50
N HIS E 119 19.59 -0.56 -3.53
CA HIS E 119 20.00 -1.85 -4.08
C HIS E 119 20.25 -1.77 -5.58
N MET E 120 19.50 -0.92 -6.29
CA MET E 120 19.61 -0.82 -7.73
C MET E 120 20.89 -0.10 -8.15
N LEU E 121 21.26 0.98 -7.44
CA LEU E 121 22.37 1.82 -7.85
C LEU E 121 23.71 1.11 -7.76
N SER E 122 23.85 0.11 -6.90
CA SER E 122 25.09 -0.63 -6.82
C SER E 122 25.37 -1.34 -8.13
N ARG E 123 26.65 -1.36 -8.54
CA ARG E 123 27.11 -2.00 -9.76
C ARG E 123 26.38 -1.42 -10.98
N ILE E 124 26.75 -0.17 -11.29
CA ILE E 124 26.33 0.49 -12.52
C ILE E 124 27.54 0.62 -13.42
N ASN E 125 27.40 0.17 -14.67
CA ASN E 125 28.51 0.09 -15.62
C ASN E 125 28.57 1.26 -16.59
N HIS E 126 27.70 2.27 -16.43
CA HIS E 126 27.82 3.51 -17.20
C HIS E 126 26.96 4.56 -16.50
N PHE E 127 27.59 5.62 -16.02
CA PHE E 127 26.88 6.74 -15.39
C PHE E 127 27.19 8.02 -16.15
N GLU E 128 26.16 8.79 -16.47
CA GLU E 128 26.34 10.04 -17.18
C GLU E 128 25.17 10.96 -16.87
N LYS E 129 25.38 12.25 -17.12
CA LYS E 129 24.41 13.29 -16.84
C LYS E 129 24.03 13.98 -18.14
N ILE E 130 22.72 14.13 -18.39
CA ILE E 130 22.24 14.84 -19.55
C ILE E 130 21.16 15.81 -19.13
N GLN E 131 20.98 16.85 -19.94
CA GLN E 131 19.98 17.89 -19.71
C GLN E 131 18.76 17.57 -20.57
N ILE E 132 17.73 17.01 -19.95
CA ILE E 132 16.56 16.59 -20.69
C ILE E 132 15.50 17.70 -20.80
N ILE E 133 15.45 18.60 -19.82
CA ILE E 133 14.58 19.77 -19.91
C ILE E 133 15.39 21.01 -19.55
N PRO E 134 15.71 21.86 -20.52
CA PRO E 134 16.48 23.07 -20.20
C PRO E 134 15.67 24.07 -19.41
N LYS E 135 16.38 24.95 -18.71
CA LYS E 135 15.75 25.93 -17.84
C LYS E 135 15.03 27.04 -18.60
N SER E 136 15.24 27.16 -19.90
CA SER E 136 14.53 28.13 -20.72
C SER E 136 13.23 27.59 -21.28
N SER E 137 12.85 26.36 -20.92
CA SER E 137 11.65 25.73 -21.43
C SER E 137 10.43 25.95 -20.53
N TRP E 138 10.44 27.01 -19.72
CA TRP E 138 9.31 27.37 -18.85
C TRP E 138 8.98 28.83 -19.05
N PRO E 139 8.41 29.20 -20.20
CA PRO E 139 8.17 30.62 -20.48
C PRO E 139 7.19 31.29 -19.53
N ASN E 140 6.20 30.57 -19.01
CA ASN E 140 5.11 31.20 -18.26
C ASN E 140 5.17 30.92 -16.76
N HIS E 141 6.34 30.55 -16.23
CA HIS E 141 6.48 30.26 -14.82
C HIS E 141 7.72 30.97 -14.28
N GLU E 142 7.95 30.81 -12.98
CA GLU E 142 9.11 31.38 -12.32
C GLU E 142 10.03 30.28 -11.83
N THR E 143 11.34 30.49 -12.02
CA THR E 143 12.34 29.48 -11.68
C THR E 143 13.51 30.07 -10.89
N SER E 144 13.32 31.23 -10.26
CA SER E 144 14.40 31.89 -9.54
C SER E 144 14.07 32.21 -8.10
N LEU E 145 12.83 32.01 -7.64
CA LEU E 145 12.44 32.31 -6.28
C LEU E 145 12.37 31.07 -5.40
N GLY E 146 12.78 29.91 -5.91
CA GLY E 146 12.68 28.69 -5.15
C GLY E 146 13.91 28.39 -4.31
N VAL E 147 14.13 29.18 -3.26
CA VAL E 147 15.26 28.97 -2.36
C VAL E 147 14.74 28.84 -0.94
N SER E 148 15.48 28.10 -0.12
CA SER E 148 15.10 27.82 1.26
C SER E 148 16.27 28.08 2.19
N ALA E 149 15.94 28.42 3.43
CA ALA E 149 16.94 28.70 4.46
C ALA E 149 17.44 27.45 5.18
N ALA E 150 16.89 26.28 4.85
CA ALA E 150 17.39 25.03 5.41
C ALA E 150 18.51 24.42 4.59
N CYS E 151 18.82 24.98 3.42
CA CYS E 151 19.93 24.53 2.59
C CYS E 151 20.79 25.73 2.19
N PRO E 152 21.57 26.25 3.12
CA PRO E 152 22.32 27.49 2.86
C PRO E 152 23.56 27.23 2.01
N TYR E 153 24.13 28.33 1.51
CA TYR E 153 25.34 28.26 0.71
C TYR E 153 26.11 29.57 0.94
N GLN E 154 27.15 29.49 1.77
CA GLN E 154 28.02 30.64 2.05
C GLN E 154 27.22 31.83 2.58
N GLY E 155 26.24 31.56 3.43
CA GLY E 155 25.45 32.60 4.05
C GLY E 155 24.24 33.05 3.26
N ALA E 156 24.06 32.56 2.04
CA ALA E 156 22.87 32.88 1.28
C ALA E 156 22.04 31.63 1.06
N PRO E 157 20.72 31.72 1.22
CA PRO E 157 19.87 30.53 1.06
C PRO E 157 19.92 30.00 -0.36
N SER E 158 19.75 28.68 -0.49
CA SER E 158 19.83 28.03 -1.79
C SER E 158 18.90 26.83 -1.81
N PHE E 159 19.09 25.95 -2.78
CA PHE E 159 18.23 24.80 -3.02
C PHE E 159 19.05 23.78 -3.80
N PHE E 160 18.41 22.64 -4.12
CA PHE E 160 19.09 21.62 -4.90
C PHE E 160 19.45 22.14 -6.29
N ARG E 161 20.30 21.38 -6.98
CA ARG E 161 20.79 21.75 -8.30
C ARG E 161 20.33 20.83 -9.41
N ASN E 162 19.65 19.73 -9.09
CA ASN E 162 19.15 18.80 -10.10
C ASN E 162 17.65 18.88 -10.30
N VAL E 163 16.95 19.70 -9.52
CA VAL E 163 15.50 19.83 -9.64
C VAL E 163 15.14 21.31 -9.57
N VAL E 164 13.96 21.64 -10.09
CA VAL E 164 13.47 23.01 -10.12
C VAL E 164 12.14 23.08 -9.37
N TRP E 165 12.04 24.02 -8.44
CA TRP E 165 10.82 24.30 -7.71
C TRP E 165 10.11 25.45 -8.42
N LEU E 166 8.88 25.19 -8.88
CA LEU E 166 8.17 26.11 -9.74
C LEU E 166 7.18 26.95 -8.94
N ILE E 167 7.07 28.23 -9.31
CA ILE E 167 6.26 29.22 -8.62
C ILE E 167 5.50 30.01 -9.68
N LYS E 168 4.37 30.59 -9.26
CA LYS E 168 3.55 31.38 -10.17
C LYS E 168 4.33 32.55 -10.75
N LYS E 169 3.94 32.97 -11.96
CA LYS E 169 4.65 34.06 -12.63
C LYS E 169 4.01 35.42 -12.38
N ASN E 170 2.78 35.62 -12.84
CA ASN E 170 2.08 36.87 -12.52
C ASN E 170 1.14 36.67 -11.34
N ASP E 171 0.10 35.86 -11.54
CA ASP E 171 -0.75 35.44 -10.43
C ASP E 171 -1.25 34.01 -10.64
N ALA E 172 -0.63 33.26 -11.54
CA ALA E 172 -1.24 32.02 -12.01
C ALA E 172 -0.20 30.93 -12.15
N TYR E 173 -0.70 29.69 -12.08
CA TYR E 173 0.11 28.48 -12.21
C TYR E 173 -0.57 27.62 -13.27
N PRO E 174 -0.40 27.95 -14.55
CA PRO E 174 -1.15 27.25 -15.60
C PRO E 174 -0.76 25.78 -15.68
N THR E 175 -1.69 24.97 -16.18
CA THR E 175 -1.48 23.53 -16.26
C THR E 175 -0.28 23.21 -17.13
N ILE E 176 0.58 22.32 -16.63
CA ILE E 176 1.79 21.92 -17.32
C ILE E 176 1.51 20.62 -18.05
N LYS E 177 1.76 20.61 -19.36
CA LYS E 177 1.55 19.44 -20.21
C LYS E 177 2.79 19.27 -21.07
N ILE E 178 3.76 18.51 -20.58
CA ILE E 178 5.04 18.33 -21.25
C ILE E 178 5.33 16.84 -21.35
N SER E 179 6.18 16.49 -22.31
CA SER E 179 6.57 15.10 -22.54
C SER E 179 7.98 15.06 -23.10
N TYR E 180 8.61 13.90 -22.96
CA TYR E 180 9.97 13.70 -23.43
C TYR E 180 10.08 12.31 -24.04
N ASN E 181 10.45 12.25 -25.31
CA ASN E 181 10.65 10.99 -26.02
C ASN E 181 12.11 10.59 -25.93
N ASN E 182 12.36 9.36 -25.50
CA ASN E 182 13.72 8.87 -25.34
C ASN E 182 14.26 8.48 -26.70
N THR E 183 15.29 9.20 -27.16
CA THR E 183 15.90 8.92 -28.46
C THR E 183 17.29 8.29 -28.33
N ASN E 184 17.89 8.30 -27.16
CA ASN E 184 19.18 7.65 -26.99
C ASN E 184 19.00 6.13 -26.95
N ARG E 185 20.12 5.42 -27.11
CA ARG E 185 20.12 3.97 -27.11
C ARG E 185 20.38 3.38 -25.73
N GLU E 186 20.06 4.13 -24.67
CA GLU E 186 20.30 3.68 -23.30
C GLU E 186 19.11 4.06 -22.43
N ASP E 187 19.02 3.41 -21.28
CA ASP E 187 17.98 3.71 -20.31
C ASP E 187 18.30 5.03 -19.60
N LEU E 188 17.32 5.54 -18.86
CA LEU E 188 17.51 6.76 -18.12
C LEU E 188 16.82 6.65 -16.76
N LEU E 189 17.31 7.43 -15.80
CA LEU E 189 16.75 7.51 -14.46
C LEU E 189 16.20 8.92 -14.26
N ILE E 190 14.93 9.03 -13.89
CA ILE E 190 14.25 10.31 -13.76
C ILE E 190 13.70 10.45 -12.34
N LEU E 191 13.75 11.67 -11.82
CA LEU E 191 13.27 11.98 -10.47
C LEU E 191 12.40 13.22 -10.50
N TRP E 192 11.42 13.27 -9.61
CA TRP E 192 10.53 14.41 -9.45
C TRP E 192 9.96 14.36 -8.03
N GLY E 193 9.01 15.24 -7.73
CA GLY E 193 8.51 15.26 -6.36
C GLY E 193 7.33 16.19 -6.17
N ILE E 194 6.80 16.19 -4.94
CA ILE E 194 5.61 16.94 -4.56
C ILE E 194 5.87 17.59 -3.20
N HIS E 195 5.26 18.75 -2.98
CA HIS E 195 5.44 19.53 -1.76
C HIS E 195 4.16 19.53 -0.93
N HIS E 196 4.33 19.41 0.39
CA HIS E 196 3.22 19.37 1.35
C HIS E 196 3.26 20.66 2.16
N SER E 197 2.23 21.49 2.02
CA SER E 197 2.20 22.77 2.72
C SER E 197 1.91 22.54 4.21
N ASN E 198 1.84 23.64 4.95
CA ASN E 198 1.57 23.60 6.38
C ASN E 198 0.25 24.25 6.77
N ASN E 199 -0.42 24.93 5.86
CA ASN E 199 -1.68 25.61 6.15
C ASN E 199 -2.29 26.05 4.83
N ALA E 200 -3.41 26.75 4.90
CA ALA E 200 -4.16 27.16 3.72
C ALA E 200 -3.78 28.56 3.21
N GLU E 201 -2.81 29.22 3.82
CA GLU E 201 -2.34 30.52 3.36
C GLU E 201 -1.02 30.43 2.60
N GLU E 202 -0.13 29.54 3.04
CA GLU E 202 1.09 29.29 2.29
C GLU E 202 0.78 28.86 0.86
N GLN E 203 -0.24 28.02 0.68
CA GLN E 203 -0.62 27.57 -0.65
C GLN E 203 -0.98 28.76 -1.54
N THR E 204 -1.90 29.60 -1.08
CA THR E 204 -2.30 30.74 -1.91
C THR E 204 -1.19 31.75 -2.10
N ASN E 205 -0.20 31.78 -1.20
CA ASN E 205 0.96 32.63 -1.43
C ASN E 205 1.98 32.01 -2.37
N LEU E 206 1.90 30.71 -2.64
CA LEU E 206 2.83 30.06 -3.55
C LEU E 206 2.16 29.64 -4.86
N TYR E 207 1.06 28.87 -4.78
CA TYR E 207 0.31 28.45 -5.96
C TYR E 207 -1.13 28.89 -5.76
N LYS E 208 -1.66 29.65 -6.73
CA LYS E 208 -2.98 30.26 -6.53
C LYS E 208 -4.07 29.21 -6.32
N ASN E 209 -3.95 28.05 -6.95
CA ASN E 209 -5.02 27.06 -6.90
C ASN E 209 -5.08 26.39 -5.53
N PRO E 210 -6.25 26.36 -4.88
CA PRO E 210 -6.35 25.74 -3.55
C PRO E 210 -6.32 24.22 -3.57
N ILE E 211 -6.96 23.61 -4.57
CA ILE E 211 -6.99 22.15 -4.71
C ILE E 211 -6.10 21.78 -5.89
N THR E 212 -5.11 20.92 -5.65
CA THR E 212 -4.10 20.59 -6.64
C THR E 212 -3.97 19.09 -6.80
N TYR E 213 -3.19 18.69 -7.80
CA TYR E 213 -2.91 17.30 -8.11
C TYR E 213 -1.70 17.25 -9.03
N ILE E 214 -1.10 16.06 -9.14
CA ILE E 214 -0.12 15.76 -10.18
C ILE E 214 -0.46 14.40 -10.76
N SER E 215 -0.04 14.18 -12.01
CA SER E 215 -0.31 12.92 -12.70
C SER E 215 0.88 12.59 -13.60
N VAL E 216 1.37 11.36 -13.49
CA VAL E 216 2.52 10.89 -14.25
C VAL E 216 2.15 9.58 -14.94
N GLY E 217 2.40 9.49 -16.23
CA GLY E 217 2.05 8.29 -16.98
C GLY E 217 3.08 7.84 -17.99
N THR E 218 3.39 6.55 -17.99
CA THR E 218 4.29 5.94 -18.97
C THR E 218 3.58 4.78 -19.64
N SER E 219 4.33 3.98 -20.41
CA SER E 219 3.76 2.79 -21.01
C SER E 219 3.58 1.64 -20.03
N THR E 220 4.11 1.75 -18.80
CA THR E 220 3.91 0.73 -17.79
C THR E 220 3.53 1.27 -16.42
N LEU E 221 3.34 2.58 -16.25
CA LEU E 221 3.15 3.17 -14.94
C LEU E 221 2.03 4.19 -14.95
N ASN E 222 1.15 4.09 -13.96
CA ASN E 222 0.06 5.04 -13.73
C ASN E 222 0.17 5.58 -12.32
N GLN E 223 -0.14 6.86 -12.14
CA GLN E 223 0.00 7.48 -10.83
C GLN E 223 -0.83 8.75 -10.76
N ARG E 224 -1.38 9.03 -9.58
CA ARG E 224 -2.03 10.29 -9.28
C ARG E 224 -1.93 10.55 -7.78
N LEU E 225 -1.49 11.76 -7.42
CA LEU E 225 -1.30 12.13 -6.02
C LEU E 225 -1.96 13.48 -5.74
N ALA E 226 -2.12 13.78 -4.45
CA ALA E 226 -2.62 15.05 -3.97
C ALA E 226 -1.87 15.42 -2.70
N PRO E 227 -1.73 16.72 -2.42
CA PRO E 227 -0.98 17.14 -1.22
C PRO E 227 -1.78 16.95 0.06
N LYS E 228 -1.04 16.96 1.17
CA LYS E 228 -1.59 16.87 2.51
C LYS E 228 -1.33 18.17 3.26
N ILE E 229 -2.37 18.72 3.87
CA ILE E 229 -2.29 20.00 4.58
C ILE E 229 -2.69 19.77 6.03
N ALA E 230 -1.81 20.13 6.95
CA ALA E 230 -2.01 19.90 8.37
C ALA E 230 -0.93 20.66 9.13
N THR E 231 -0.92 20.48 10.45
CA THR E 231 0.07 21.07 11.32
C THR E 231 0.93 19.97 11.93
N ARG E 232 2.25 20.10 11.79
CA ARG E 232 3.20 19.15 12.34
C ARG E 232 4.27 19.92 13.12
N SER E 233 5.22 19.19 13.67
CA SER E 233 6.25 19.76 14.53
C SER E 233 7.35 20.40 13.68
N GLN E 234 8.47 20.73 14.32
CA GLN E 234 9.56 21.46 13.68
C GLN E 234 10.79 20.59 13.57
N VAL E 235 11.32 20.45 12.36
CA VAL E 235 12.63 19.86 12.11
C VAL E 235 13.37 20.80 11.17
N ASN E 236 14.55 21.25 11.59
CA ASN E 236 15.40 22.15 10.80
C ASN E 236 14.69 23.44 10.44
N GLY E 237 13.82 23.92 11.33
CA GLY E 237 13.12 25.18 11.13
C GLY E 237 11.81 25.11 10.39
N GLN E 238 11.73 24.29 9.35
CA GLN E 238 10.56 24.26 8.49
C GLN E 238 9.48 23.36 9.05
N ARG E 239 8.22 23.69 8.73
CA ARG E 239 7.05 22.91 9.11
C ARG E 239 6.37 22.29 7.89
N GLY E 240 7.16 21.91 6.89
CA GLY E 240 6.63 21.23 5.72
C GLY E 240 7.49 20.05 5.36
N ARG E 241 7.03 19.28 4.37
CA ARG E 241 7.72 18.07 3.96
C ARG E 241 7.72 17.95 2.44
N MET E 242 8.55 17.05 1.94
CA MET E 242 8.69 16.77 0.51
C MET E 242 8.68 15.28 0.27
N ASP E 243 8.09 14.85 -0.85
CA ASP E 243 8.07 13.46 -1.25
C ASP E 243 8.68 13.33 -2.64
N PHE E 244 9.62 12.40 -2.81
CA PHE E 244 10.34 12.22 -4.06
C PHE E 244 10.10 10.82 -4.61
N PHE E 245 10.20 10.70 -5.94
CA PHE E 245 9.89 9.46 -6.63
C PHE E 245 10.93 9.21 -7.73
N TRP E 246 10.89 8.03 -8.32
CA TRP E 246 11.82 7.71 -9.40
C TRP E 246 11.21 6.67 -10.34
N THR E 247 11.77 6.59 -11.54
CA THR E 247 11.34 5.61 -12.54
C THR E 247 12.46 5.41 -13.56
N ILE E 248 12.27 4.41 -14.42
CA ILE E 248 13.18 4.10 -15.51
C ILE E 248 12.35 3.94 -16.78
N LEU E 249 12.80 4.57 -17.86
CA LEU E 249 12.13 4.45 -19.15
C LEU E 249 13.04 3.80 -20.18
N LYS E 250 12.44 3.06 -21.09
CA LYS E 250 13.07 2.18 -22.06
C LYS E 250 13.54 2.98 -23.27
N PRO E 251 14.42 2.39 -24.10
CA PRO E 251 15.06 3.13 -25.20
C PRO E 251 14.13 3.93 -26.10
N ASP E 252 12.94 3.44 -26.41
CA ASP E 252 12.07 4.14 -27.35
C ASP E 252 10.69 4.44 -26.76
N ASP E 253 10.59 4.52 -25.44
CA ASP E 253 9.33 4.85 -24.79
C ASP E 253 9.23 6.36 -24.59
N ALA E 254 8.24 6.81 -23.83
CA ALA E 254 8.07 8.22 -23.54
C ALA E 254 7.47 8.37 -22.14
N ILE E 255 7.61 9.58 -21.60
CA ILE E 255 7.08 9.92 -20.28
C ILE E 255 6.22 11.17 -20.43
N HIS E 256 5.12 11.22 -19.68
CA HIS E 256 4.18 12.33 -19.75
C HIS E 256 3.91 12.86 -18.35
N PHE E 257 3.83 14.18 -18.24
CA PHE E 257 3.58 14.86 -16.98
C PHE E 257 2.37 15.78 -17.11
N GLU E 258 1.65 15.94 -16.00
CA GLU E 258 0.56 16.90 -15.92
C GLU E 258 0.40 17.30 -14.46
N SER E 259 0.48 18.60 -14.19
CA SER E 259 0.43 19.07 -12.81
C SER E 259 -0.26 20.42 -12.75
N ASN E 260 -1.09 20.61 -11.73
CA ASN E 260 -1.77 21.86 -11.47
C ASN E 260 -1.14 22.63 -10.32
N GLY E 261 -0.13 22.07 -9.66
CA GLY E 261 0.53 22.73 -8.56
C GLY E 261 1.37 21.75 -7.78
N ASN E 262 2.19 22.30 -6.90
CA ASN E 262 3.06 21.53 -6.02
C ASN E 262 3.93 20.55 -6.81
N PHE E 263 4.71 21.11 -7.73
CA PHE E 263 5.50 20.32 -8.66
C PHE E 263 6.98 20.67 -8.51
N ILE E 264 7.81 19.65 -8.41
CA ILE E 264 9.27 19.82 -8.42
C ILE E 264 9.80 19.22 -9.72
N ALA E 265 9.92 20.06 -10.75
CA ALA E 265 10.19 19.56 -12.09
C ALA E 265 11.63 19.07 -12.21
N PRO E 266 11.88 18.10 -13.09
CA PRO E 266 13.25 17.63 -13.30
C PRO E 266 14.02 18.52 -14.27
N GLU E 267 15.34 18.53 -14.08
CA GLU E 267 16.26 19.21 -14.98
C GLU E 267 17.26 18.25 -15.61
N TYR E 268 17.96 17.47 -14.81
CA TYR E 268 18.93 16.50 -15.29
C TYR E 268 18.41 15.09 -15.08
N ALA E 269 18.86 14.17 -15.91
CA ALA E 269 18.56 12.75 -15.76
C ALA E 269 19.84 11.97 -16.01
N TYR E 270 19.89 10.76 -15.47
CA TYR E 270 21.10 9.96 -15.48
C TYR E 270 20.96 8.79 -16.44
N LYS E 271 22.01 8.53 -17.19
CA LYS E 271 22.02 7.50 -18.23
C LYS E 271 22.85 6.31 -17.78
N ILE E 272 22.23 5.12 -17.79
CA ILE E 272 22.84 3.91 -17.26
C ILE E 272 22.57 2.76 -18.22
N VAL E 273 23.31 1.66 -18.04
CA VAL E 273 23.14 0.44 -18.82
C VAL E 273 22.87 -0.77 -17.94
N LYS E 274 23.65 -0.91 -16.86
CA LYS E 274 23.48 -1.96 -15.85
C LYS E 274 23.88 -3.36 -16.29
N LYS E 275 24.58 -4.09 -15.41
CA LYS E 275 24.90 -5.48 -15.63
C LYS E 275 24.85 -6.36 -14.39
N GLY E 276 24.45 -5.83 -13.23
CA GLY E 276 24.45 -6.63 -12.02
C GLY E 276 23.99 -5.84 -10.82
N ASP E 277 24.33 -6.35 -9.63
CA ASP E 277 23.94 -5.70 -8.39
C ASP E 277 24.96 -6.02 -7.29
N SER E 278 25.04 -5.13 -6.31
CA SER E 278 25.93 -5.27 -5.16
C SER E 278 25.27 -4.60 -3.96
N THR E 279 26.05 -4.35 -2.92
CA THR E 279 25.55 -3.71 -1.70
C THR E 279 26.44 -2.52 -1.34
N ILE E 280 26.12 -1.89 -0.21
CA ILE E 280 26.83 -0.71 0.27
C ILE E 280 27.58 -1.05 1.55
N MET E 281 28.65 -0.29 1.80
CA MET E 281 29.60 -0.56 2.86
C MET E 281 29.63 0.66 3.78
N LYS E 282 29.41 0.43 5.07
CA LYS E 282 29.38 1.51 6.06
C LYS E 282 30.61 1.40 6.95
N SER E 283 31.57 2.31 6.74
CA SER E 283 32.84 2.29 7.45
C SER E 283 33.50 3.64 7.24
N GLY E 284 34.64 3.83 7.92
CA GLY E 284 35.35 5.10 7.86
C GLY E 284 36.85 4.97 7.71
N VAL E 285 37.31 3.95 6.98
CA VAL E 285 38.73 3.67 6.87
C VAL E 285 39.30 4.36 5.64
N GLU E 286 40.63 4.47 5.62
CA GLU E 286 41.32 5.24 4.59
C GLU E 286 41.45 4.44 3.29
N TYR E 287 41.70 5.18 2.21
CA TYR E 287 41.83 4.60 0.88
C TYR E 287 43.18 3.90 0.73
N GLY E 288 43.21 2.88 -0.14
CA GLY E 288 44.41 2.13 -0.38
C GLY E 288 44.55 1.77 -1.85
N HIS E 289 45.63 1.03 -2.16
CA HIS E 289 45.96 0.64 -3.53
C HIS E 289 46.37 -0.84 -3.50
N CYS E 290 45.46 -1.71 -3.90
CA CYS E 290 45.70 -3.15 -3.86
C CYS E 290 44.90 -3.80 -4.97
N ASN E 291 44.72 -5.12 -4.88
CA ASN E 291 43.85 -5.84 -5.80
C ASN E 291 43.36 -7.09 -5.07
N THR E 292 42.12 -7.03 -4.58
CA THR E 292 41.51 -8.12 -3.83
C THR E 292 40.17 -8.48 -4.46
N LYS E 293 39.77 -9.74 -4.26
CA LYS E 293 38.46 -10.17 -4.75
C LYS E 293 37.34 -9.69 -3.82
N CYS E 294 37.60 -9.64 -2.52
CA CYS E 294 36.57 -9.33 -1.52
C CYS E 294 37.07 -8.26 -0.57
N GLN E 295 36.13 -7.55 0.04
CA GLN E 295 36.43 -6.46 0.96
C GLN E 295 35.57 -6.56 2.21
N THR E 296 36.19 -6.30 3.36
CA THR E 296 35.67 -6.27 4.71
C THR E 296 35.62 -4.83 5.22
N PRO E 297 34.57 -4.45 5.95
CA PRO E 297 34.46 -3.03 6.37
C PRO E 297 35.63 -2.52 7.18
N VAL E 298 36.25 -3.34 8.02
CA VAL E 298 37.41 -2.88 8.78
C VAL E 298 38.61 -2.71 7.87
N GLY E 299 38.87 -3.67 6.99
CA GLY E 299 40.03 -3.59 6.13
C GLY E 299 39.93 -4.59 4.99
N ALA E 300 40.94 -4.58 4.15
CA ALA E 300 41.00 -5.47 3.01
C ALA E 300 41.53 -6.84 3.43
N ILE E 301 41.41 -7.81 2.52
CA ILE E 301 41.90 -9.16 2.78
C ILE E 301 42.17 -9.83 1.43
N ASN E 302 43.31 -10.53 1.35
CA ASN E 302 43.74 -11.15 0.10
C ASN E 302 44.21 -12.58 0.36
N SER E 303 43.40 -13.36 1.08
CA SER E 303 43.79 -14.71 1.47
C SER E 303 43.03 -15.76 0.66
N SER E 304 43.59 -16.98 0.66
CA SER E 304 42.99 -18.11 -0.03
C SER E 304 42.48 -19.19 0.92
N MET E 305 42.84 -19.13 2.20
CA MET E 305 42.33 -20.08 3.17
C MET E 305 40.82 -19.92 3.34
N PRO E 306 40.10 -21.01 3.61
CA PRO E 306 38.63 -20.99 3.52
C PRO E 306 37.87 -20.49 4.73
N PHE E 307 38.53 -20.06 5.80
CA PHE E 307 37.83 -19.65 7.00
C PHE E 307 38.46 -18.37 7.55
N HIS E 308 37.67 -17.63 8.34
CA HIS E 308 38.14 -16.36 8.89
C HIS E 308 37.28 -16.01 10.10
N ASN E 309 37.64 -14.89 10.78
CA ASN E 309 36.85 -14.42 11.90
C ASN E 309 36.75 -12.89 11.98
N ILE E 310 36.99 -12.16 10.89
CA ILE E 310 37.12 -10.70 11.00
C ILE E 310 35.76 -10.04 11.12
N HIS E 311 34.92 -10.18 10.09
CA HIS E 311 33.66 -9.45 10.03
C HIS E 311 32.74 -10.18 9.08
N PRO E 312 31.49 -10.44 9.45
CA PRO E 312 30.61 -11.22 8.57
C PRO E 312 30.23 -10.49 7.29
N LEU E 313 29.84 -9.22 7.39
CA LEU E 313 29.39 -8.47 6.22
C LEU E 313 30.55 -8.30 5.24
N THR E 314 30.28 -8.55 3.96
CA THR E 314 31.33 -8.62 2.95
C THR E 314 30.71 -8.34 1.60
N ILE E 315 31.56 -7.94 0.64
CA ILE E 315 31.17 -7.79 -0.75
C ILE E 315 32.19 -8.54 -1.60
N GLY E 316 31.72 -9.44 -2.45
CA GLY E 316 32.59 -10.29 -3.24
C GLY E 316 32.66 -11.70 -2.69
N GLU E 317 33.47 -12.52 -3.36
CA GLU E 317 33.66 -13.90 -2.92
C GLU E 317 34.60 -13.94 -1.73
N CYS E 318 34.12 -14.47 -0.61
CA CYS E 318 34.83 -14.45 0.66
C CYS E 318 34.80 -15.82 1.31
N PRO E 319 35.82 -16.15 2.12
CA PRO E 319 35.79 -17.43 2.86
C PRO E 319 34.74 -17.42 3.96
N LYS E 320 34.56 -18.55 4.63
CA LYS E 320 33.42 -18.72 5.51
C LYS E 320 33.67 -18.10 6.89
N TYR E 321 32.58 -17.94 7.65
CA TYR E 321 32.61 -17.40 9.00
C TYR E 321 32.46 -18.55 10.00
N VAL E 322 33.40 -18.64 10.93
CA VAL E 322 33.41 -19.74 11.88
C VAL E 322 33.34 -19.29 13.33
N LYS E 323 33.76 -18.07 13.66
CA LYS E 323 33.78 -17.58 15.04
C LYS E 323 34.60 -18.54 15.92
N SER E 324 35.90 -18.53 15.66
CA SER E 324 36.86 -19.33 16.41
C SER E 324 38.24 -18.72 16.22
N ASN E 325 39.17 -19.15 17.07
CA ASN E 325 40.51 -18.58 17.09
C ASN E 325 41.64 -19.57 16.81
N LYS E 326 41.39 -20.87 16.84
CA LYS E 326 42.46 -21.86 16.88
C LYS E 326 42.22 -22.98 15.87
N LEU E 327 41.95 -22.61 14.62
CA LEU E 327 41.80 -23.59 13.55
C LEU E 327 43.17 -23.95 13.03
N VAL E 328 43.79 -24.95 13.66
CA VAL E 328 45.13 -25.42 13.31
C VAL E 328 45.03 -26.90 12.97
N LEU E 329 45.48 -27.27 11.77
CA LEU E 329 45.37 -28.63 11.27
C LEU E 329 46.70 -29.37 11.32
N ALA E 330 47.73 -28.82 10.69
CA ALA E 330 49.11 -29.26 10.89
C ALA E 330 49.43 -30.61 10.25
N THR E 331 50.71 -30.91 10.14
CA THR E 331 51.21 -32.16 9.60
C THR E 331 52.40 -32.66 10.40
N GLY E 332 52.30 -32.59 11.73
CA GLY E 332 53.43 -32.86 12.60
C GLY E 332 53.49 -34.28 13.11
N LEU E 333 54.69 -34.85 13.10
CA LEU E 333 54.93 -36.14 13.72
C LEU E 333 55.10 -35.98 15.22
N ARG E 334 54.70 -37.01 15.98
CA ARG E 334 54.76 -37.06 17.44
C ARG E 334 53.93 -35.96 18.10
N ILE F 56 43.92 -27.42 -0.59
CA ILE F 56 42.87 -27.55 0.41
C ILE F 56 41.55 -27.05 -0.15
N ASP F 57 41.61 -26.49 -1.35
CA ASP F 57 40.44 -25.87 -1.98
C ASP F 57 39.60 -26.93 -2.71
N LYS F 58 38.91 -27.73 -1.90
CA LYS F 58 38.05 -28.78 -2.44
C LYS F 58 36.65 -28.27 -2.72
N MET F 59 36.15 -27.34 -1.91
CA MET F 59 34.87 -26.70 -2.12
C MET F 59 35.04 -25.18 -2.00
N ASN F 60 34.09 -24.46 -2.59
CA ASN F 60 34.18 -23.00 -2.61
C ASN F 60 32.80 -22.44 -2.95
N THR F 61 32.67 -21.13 -2.77
CA THR F 61 31.46 -20.37 -3.04
C THR F 61 31.73 -19.32 -4.12
N GLN F 62 30.73 -18.48 -4.38
CA GLN F 62 30.91 -17.41 -5.35
C GLN F 62 29.94 -16.27 -5.08
N PHE F 63 30.48 -15.07 -4.93
CA PHE F 63 29.75 -13.80 -4.92
C PHE F 63 28.51 -13.85 -4.02
N GLU F 64 28.79 -13.90 -2.72
CA GLU F 64 27.76 -13.96 -1.68
C GLU F 64 27.55 -12.59 -1.03
N ALA F 65 27.51 -11.53 -1.84
CA ALA F 65 27.35 -10.16 -1.33
C ALA F 65 26.22 -10.06 -0.33
N VAL F 66 26.52 -9.48 0.84
CA VAL F 66 25.60 -9.42 1.96
C VAL F 66 25.53 -7.99 2.48
N GLY F 67 24.53 -7.74 3.30
CA GLY F 67 24.32 -6.41 3.84
C GLY F 67 23.09 -6.37 4.73
N ARG F 68 22.62 -5.15 5.00
CA ARG F 68 21.45 -4.93 5.85
C ARG F 68 20.70 -3.72 5.28
N GLU F 69 19.68 -3.98 4.45
CA GLU F 69 18.96 -2.91 3.76
C GLU F 69 17.46 -2.98 4.03
N PHE F 70 17.07 -3.11 5.30
CA PHE F 70 15.66 -3.28 5.64
C PHE F 70 15.18 -2.14 6.52
N ASN F 71 13.92 -1.77 6.33
CA ASN F 71 13.33 -0.59 6.94
C ASN F 71 12.98 -0.87 8.40
N ASN F 72 12.29 0.07 9.04
CA ASN F 72 11.83 -0.08 10.42
C ASN F 72 10.54 -0.87 10.53
N LEU F 73 9.69 -0.84 9.51
CA LEU F 73 8.42 -1.56 9.53
C LEU F 73 8.55 -2.96 8.96
N GLU F 74 9.75 -3.42 8.61
CA GLU F 74 10.00 -4.74 8.09
C GLU F 74 10.90 -5.54 9.02
N ARG F 75 10.61 -5.47 10.33
CA ARG F 75 11.46 -6.14 11.30
C ARG F 75 11.41 -7.65 11.19
N ARG F 76 10.30 -8.21 10.70
CA ARG F 76 10.17 -9.66 10.63
C ARG F 76 11.11 -10.25 9.58
N ILE F 77 11.24 -9.61 8.42
CA ILE F 77 12.17 -10.10 7.41
C ILE F 77 13.60 -9.97 7.90
N GLU F 78 13.90 -8.92 8.66
CA GLU F 78 15.23 -8.79 9.25
C GLU F 78 15.50 -9.91 10.25
N ASN F 79 14.48 -10.28 11.03
CA ASN F 79 14.64 -11.41 11.95
C ASN F 79 14.89 -12.71 11.18
N LEU F 80 14.19 -12.89 10.07
CA LEU F 80 14.42 -14.06 9.23
C LEU F 80 15.85 -14.10 8.71
N ASN F 81 16.36 -12.96 8.24
CA ASN F 81 17.74 -12.89 7.75
C ASN F 81 18.73 -13.20 8.87
N LYS F 82 18.50 -12.64 10.06
CA LYS F 82 19.39 -12.92 11.19
C LYS F 82 19.38 -14.40 11.56
N LYS F 83 18.20 -15.02 11.55
CA LYS F 83 18.11 -16.44 11.85
C LYS F 83 18.89 -17.26 10.82
N MET F 84 18.75 -16.91 9.54
CA MET F 84 19.49 -17.63 8.51
C MET F 84 21.00 -17.50 8.71
N GLU F 85 21.47 -16.29 9.00
CA GLU F 85 22.91 -16.08 9.20
C GLU F 85 23.41 -16.86 10.41
N ASP F 86 22.66 -16.85 11.51
CA ASP F 86 23.07 -17.60 12.70
C ASP F 86 23.09 -19.10 12.43
N GLY F 87 22.08 -19.60 11.70
CA GLY F 87 22.08 -21.01 11.38
C GLY F 87 23.28 -21.42 10.55
N PHE F 88 23.60 -20.65 9.51
CA PHE F 88 24.75 -20.99 8.69
C PHE F 88 26.04 -20.89 9.49
N LEU F 89 26.11 -19.93 10.42
CA LEU F 89 27.26 -19.85 11.33
C LEU F 89 27.41 -21.13 12.11
N ASP F 90 26.30 -21.66 12.65
CA ASP F 90 26.37 -22.89 13.44
C ASP F 90 26.81 -24.07 12.59
N VAL F 91 26.24 -24.22 11.38
CA VAL F 91 26.63 -25.33 10.52
C VAL F 91 28.12 -25.28 10.23
N TRP F 92 28.62 -24.10 9.84
CA TRP F 92 30.02 -24.02 9.44
C TRP F 92 30.97 -24.14 10.63
N THR F 93 30.57 -23.67 11.82
CA THR F 93 31.47 -23.84 12.96
C THR F 93 31.53 -25.30 13.39
N TYR F 94 30.41 -26.03 13.34
CA TYR F 94 30.46 -27.45 13.63
C TYR F 94 31.32 -28.19 12.62
N ASN F 95 31.14 -27.91 11.32
CA ASN F 95 31.91 -28.60 10.30
C ASN F 95 33.39 -28.28 10.39
N ALA F 96 33.73 -27.02 10.71
CA ALA F 96 35.14 -26.65 10.79
C ALA F 96 35.79 -27.21 12.05
N GLU F 97 35.09 -27.20 13.18
CA GLU F 97 35.67 -27.71 14.41
C GLU F 97 35.65 -29.23 14.48
N LEU F 98 34.97 -29.90 13.55
CA LEU F 98 35.05 -31.36 13.51
C LEU F 98 35.95 -31.90 12.41
N LEU F 99 36.17 -31.15 11.33
CA LEU F 99 37.07 -31.64 10.28
C LEU F 99 38.53 -31.61 10.71
N VAL F 100 38.87 -31.01 11.83
CA VAL F 100 40.23 -31.04 12.34
C VAL F 100 40.39 -32.06 13.48
N LEU F 101 39.39 -32.19 14.34
CA LEU F 101 39.50 -33.10 15.46
C LEU F 101 39.56 -34.55 14.98
N MET F 102 38.77 -34.91 13.97
CA MET F 102 38.85 -36.24 13.40
C MET F 102 39.97 -36.37 12.37
N GLU F 103 40.55 -35.27 11.92
CA GLU F 103 41.62 -35.38 10.94
C GLU F 103 42.97 -35.60 11.61
N ASN F 104 43.24 -34.86 12.69
CA ASN F 104 44.53 -35.00 13.35
C ASN F 104 44.73 -36.40 13.91
N GLU F 105 43.66 -37.02 14.42
CA GLU F 105 43.76 -38.38 14.91
C GLU F 105 44.14 -39.35 13.79
N ARG F 106 43.41 -39.30 12.68
CA ARG F 106 43.76 -40.14 11.54
C ARG F 106 45.03 -39.64 10.85
N THR F 107 45.38 -38.37 11.02
CA THR F 107 46.70 -37.92 10.59
C THR F 107 47.77 -38.69 11.35
N LEU F 108 47.53 -38.96 12.63
CA LEU F 108 48.45 -39.76 13.43
C LEU F 108 48.10 -41.24 13.39
N ASP F 109 47.86 -41.76 12.19
CA ASP F 109 47.62 -43.19 12.00
C ASP F 109 48.68 -43.80 11.09
N PHE F 110 48.84 -43.27 9.87
CA PHE F 110 50.00 -43.63 9.08
C PHE F 110 51.21 -42.78 9.46
N HIS F 111 51.06 -41.89 10.44
CA HIS F 111 52.21 -41.32 11.12
C HIS F 111 52.80 -42.31 12.11
N ASP F 112 51.96 -43.09 12.78
CA ASP F 112 52.40 -44.05 13.81
C ASP F 112 51.73 -45.40 13.55
N SER F 113 52.38 -46.21 12.71
CA SER F 113 51.95 -47.54 12.29
C SER F 113 52.89 -47.94 11.16
N ASN F 114 53.07 -47.02 10.22
CA ASN F 114 54.19 -47.14 9.29
C ASN F 114 55.50 -47.25 10.06
N VAL F 115 55.60 -46.58 11.21
CA VAL F 115 56.82 -46.62 12.00
C VAL F 115 57.19 -48.05 12.33
N LYS F 116 56.19 -48.87 12.66
CA LYS F 116 56.50 -50.26 12.99
C LYS F 116 56.45 -51.19 11.78
N ASN F 117 55.68 -50.88 10.75
CA ASN F 117 55.68 -51.80 9.62
C ASN F 117 56.95 -51.69 8.80
N LEU F 118 57.48 -50.48 8.61
CA LEU F 118 58.79 -50.38 7.98
C LEU F 118 59.87 -51.02 8.85
N TYR F 119 59.66 -51.05 10.17
CA TYR F 119 60.57 -51.81 11.03
C TYR F 119 60.50 -53.30 10.72
N ASP F 120 59.30 -53.87 10.73
CA ASP F 120 59.17 -55.31 10.52
C ASP F 120 59.45 -55.71 9.09
N LYS F 121 59.56 -54.75 8.17
CA LYS F 121 60.05 -55.09 6.83
C LYS F 121 61.39 -55.81 6.89
N VAL F 122 62.25 -55.45 7.86
CA VAL F 122 63.60 -55.99 7.90
C VAL F 122 63.58 -57.50 8.12
N ARG F 123 62.51 -58.03 8.73
CA ARG F 123 62.36 -59.45 8.98
C ARG F 123 63.54 -60.02 9.78
N GLN G 1 -35.34 2.09 8.95
CA GLN G 1 -36.78 2.30 9.14
C GLN G 1 -37.48 1.00 9.52
N VAL G 2 -38.49 1.11 10.38
CA VAL G 2 -39.26 -0.04 10.82
C VAL G 2 -40.71 0.37 10.99
N GLN G 3 -41.62 -0.55 10.68
CA GLN G 3 -43.04 -0.39 10.96
C GLN G 3 -43.52 -1.59 11.77
N LEU G 4 -44.51 -1.36 12.62
CA LEU G 4 -44.96 -2.37 13.56
C LEU G 4 -46.47 -2.57 13.45
N GLN G 5 -46.91 -3.75 13.87
CA GLN G 5 -48.32 -4.12 13.91
C GLN G 5 -48.47 -5.24 14.92
N GLU G 6 -49.49 -5.14 15.77
CA GLU G 6 -49.61 -6.05 16.90
C GLU G 6 -50.86 -6.92 16.89
N SER G 7 -52.05 -6.33 16.72
CA SER G 7 -53.34 -7.04 16.79
C SER G 7 -53.44 -7.71 18.16
N GLY G 8 -54.02 -8.91 18.26
CA GLY G 8 -54.13 -9.61 19.52
C GLY G 8 -55.56 -9.80 19.98
N PRO G 9 -55.78 -10.77 20.87
CA PRO G 9 -57.13 -11.02 21.37
C PRO G 9 -57.60 -9.92 22.31
N GLY G 10 -58.92 -9.88 22.51
CA GLY G 10 -59.53 -8.82 23.27
C GLY G 10 -59.97 -9.18 24.69
N LEU G 11 -60.60 -10.34 24.85
CA LEU G 11 -61.20 -10.73 26.13
C LEU G 11 -60.56 -12.00 26.66
N VAL G 12 -60.25 -11.99 27.95
CA VAL G 12 -59.65 -13.14 28.63
C VAL G 12 -60.27 -13.27 30.01
N LYS G 13 -60.64 -14.49 30.38
CA LYS G 13 -61.20 -14.75 31.70
C LYS G 13 -60.13 -14.62 32.77
N PRO G 14 -60.51 -14.28 34.01
CA PRO G 14 -59.51 -14.03 35.05
C PRO G 14 -58.78 -15.29 35.46
N SER G 15 -57.64 -15.09 36.13
CA SER G 15 -56.71 -16.10 36.62
C SER G 15 -55.98 -16.84 35.51
N GLU G 16 -56.25 -16.52 34.24
CA GLU G 16 -55.53 -17.11 33.13
C GLU G 16 -54.42 -16.16 32.67
N THR G 17 -53.81 -16.47 31.54
CA THR G 17 -52.69 -15.70 31.02
C THR G 17 -53.17 -14.69 29.97
N LEU G 18 -52.20 -14.06 29.30
CA LEU G 18 -52.47 -13.05 28.27
C LEU G 18 -51.35 -13.14 27.25
N SER G 19 -51.71 -13.12 25.96
CA SER G 19 -50.74 -13.32 24.89
C SER G 19 -50.97 -12.32 23.76
N LEU G 20 -49.91 -11.62 23.37
CA LEU G 20 -49.91 -10.71 22.22
C LEU G 20 -48.77 -11.07 21.29
N THR G 21 -48.86 -10.56 20.06
CA THR G 21 -47.82 -10.72 19.05
C THR G 21 -47.51 -9.36 18.44
N CYS G 22 -46.31 -9.23 17.88
CA CYS G 22 -45.86 -7.98 17.29
C CYS G 22 -44.99 -8.30 16.07
N THR G 23 -45.51 -8.03 14.88
CA THR G 23 -44.78 -8.29 13.64
C THR G 23 -43.93 -7.09 13.28
N VAL G 24 -42.77 -7.38 12.68
CA VAL G 24 -41.79 -6.34 12.34
C VAL G 24 -41.55 -6.42 10.83
N SER G 25 -41.72 -5.29 10.15
CA SER G 25 -41.51 -5.19 8.71
C SER G 25 -40.35 -4.25 8.41
N GLY G 26 -39.52 -4.65 7.46
CA GLY G 26 -38.36 -3.87 7.09
C GLY G 26 -37.07 -4.46 7.63
N ASP G 27 -36.45 -3.76 8.60
CA ASP G 27 -35.26 -4.28 9.24
C ASP G 27 -35.57 -5.55 10.01
N SER G 28 -34.64 -6.50 9.99
CA SER G 28 -34.87 -7.79 10.60
C SER G 28 -34.88 -7.67 12.13
N VAL G 29 -35.55 -8.64 12.77
CA VAL G 29 -35.62 -8.69 14.22
C VAL G 29 -34.28 -9.10 14.82
N SER G 30 -33.37 -9.65 14.01
CA SER G 30 -32.01 -9.95 14.43
C SER G 30 -31.06 -8.79 14.17
N SER G 31 -31.57 -7.55 14.22
CA SER G 31 -30.76 -6.39 13.84
C SER G 31 -29.56 -6.22 14.74
N GLY G 32 -29.78 -6.24 16.06
CA GLY G 32 -28.70 -6.01 17.00
C GLY G 32 -28.39 -4.55 17.29
N ASP G 33 -29.34 -3.64 17.00
CA ASP G 33 -29.12 -2.23 17.28
C ASP G 33 -30.38 -1.56 17.84
N TYR G 34 -31.33 -2.32 18.35
CA TYR G 34 -32.61 -1.78 18.80
C TYR G 34 -32.96 -2.30 20.18
N PHE G 35 -33.95 -1.66 20.78
CA PHE G 35 -34.51 -2.02 22.09
C PHE G 35 -35.98 -2.37 21.90
N TRP G 36 -36.27 -3.66 21.67
CA TRP G 36 -37.65 -4.10 21.59
C TRP G 36 -38.25 -4.15 22.97
N SER G 37 -39.22 -3.27 23.23
CA SER G 37 -39.77 -3.09 24.57
C SER G 37 -41.27 -3.25 24.54
N TRP G 38 -41.88 -3.20 25.72
CA TRP G 38 -43.33 -3.18 25.88
C TRP G 38 -43.69 -2.12 26.90
N ILE G 39 -44.71 -1.32 26.58
CA ILE G 39 -45.15 -0.23 27.43
C ILE G 39 -46.66 -0.29 27.56
N ARG G 40 -47.16 -0.22 28.78
CA ARG G 40 -48.59 -0.25 29.05
C ARG G 40 -49.13 1.15 29.33
N GLN G 41 -50.44 1.25 29.36
CA GLN G 41 -51.11 2.51 29.69
C GLN G 41 -52.52 2.26 30.21
N PRO G 42 -52.70 2.12 31.51
CA PRO G 42 -54.06 2.00 32.06
C PRO G 42 -54.91 3.17 31.65
N PRO G 43 -56.14 2.93 31.20
CA PRO G 43 -57.01 4.04 30.78
C PRO G 43 -57.27 5.00 31.94
N GLY G 44 -57.26 6.29 31.63
CA GLY G 44 -57.41 7.32 32.63
C GLY G 44 -56.19 7.59 33.46
N LYS G 45 -55.07 6.92 33.18
CA LYS G 45 -53.84 7.12 33.95
C LYS G 45 -52.66 7.35 33.02
N GLY G 46 -51.45 7.36 33.58
CA GLY G 46 -50.25 7.59 32.82
C GLY G 46 -49.67 6.32 32.23
N LEU G 47 -48.42 6.43 31.79
CA LEU G 47 -47.71 5.32 31.17
C LEU G 47 -46.79 4.65 32.19
N GLU G 48 -46.19 3.54 31.78
CA GLU G 48 -45.32 2.78 32.67
C GLU G 48 -44.48 1.84 31.82
N TRP G 49 -43.50 1.21 32.47
CA TRP G 49 -42.50 0.35 31.82
C TRP G 49 -42.70 -1.09 32.27
N ILE G 50 -42.43 -2.03 31.36
CA ILE G 50 -42.57 -3.46 31.63
C ILE G 50 -41.25 -4.19 31.47
N GLY G 51 -40.56 -3.96 30.36
CA GLY G 51 -39.28 -4.58 30.12
C GLY G 51 -38.96 -4.61 28.65
N TYR G 52 -37.68 -4.78 28.36
CA TYR G 52 -37.21 -4.86 26.98
C TYR G 52 -36.25 -6.02 26.82
N ILE G 53 -36.02 -6.38 25.55
CA ILE G 53 -35.08 -7.43 25.17
C ILE G 53 -34.28 -6.93 23.98
N PHE G 54 -32.96 -7.12 24.03
CA PHE G 54 -32.13 -6.77 22.88
C PHE G 54 -31.31 -7.97 22.43
N TYR G 55 -30.35 -7.74 21.53
CA TYR G 55 -29.63 -8.82 20.87
C TYR G 55 -29.01 -9.77 21.89
N GLY G 56 -29.13 -11.06 21.63
CA GLY G 56 -28.72 -12.08 22.56
C GLY G 56 -29.91 -12.71 23.24
N GLY G 57 -29.88 -12.77 24.57
CA GLY G 57 -31.01 -13.22 25.35
C GLY G 57 -31.19 -12.39 26.60
N ASN G 58 -30.79 -11.12 26.52
CA ASN G 58 -30.71 -10.26 27.71
C ASN G 58 -31.99 -9.45 27.85
N THR G 59 -32.58 -9.50 29.05
CA THR G 59 -33.81 -8.78 29.34
C THR G 59 -33.69 -8.08 30.70
N LYS G 60 -34.52 -7.06 30.89
CA LYS G 60 -34.64 -6.36 32.16
C LYS G 60 -36.12 -6.10 32.43
N TYR G 61 -36.48 -6.00 33.71
CA TYR G 61 -37.89 -5.94 34.09
C TYR G 61 -38.15 -4.83 35.10
N ASN G 62 -39.35 -4.28 35.05
CA ASN G 62 -39.79 -3.29 36.03
C ASN G 62 -40.07 -3.97 37.37
N PRO G 63 -39.68 -3.35 38.49
CA PRO G 63 -39.92 -4.00 39.79
C PRO G 63 -41.31 -3.72 40.35
N SER G 64 -42.31 -3.76 39.48
CA SER G 64 -43.71 -3.79 39.88
C SER G 64 -44.42 -5.03 39.35
N LEU G 65 -44.34 -5.28 38.05
CA LEU G 65 -44.77 -6.54 37.45
C LEU G 65 -43.48 -7.30 37.12
N LYS G 66 -42.99 -8.08 38.07
CA LYS G 66 -41.73 -8.80 37.92
C LYS G 66 -41.89 -10.30 37.86
N SER G 67 -42.64 -10.89 38.79
CA SER G 67 -42.85 -12.34 38.77
C SER G 67 -43.67 -12.76 37.56
N ARG G 68 -44.74 -12.03 37.26
CA ARG G 68 -45.70 -12.40 36.21
C ARG G 68 -45.42 -11.66 34.91
N VAL G 69 -44.24 -11.86 34.32
CA VAL G 69 -43.91 -11.22 33.05
C VAL G 69 -42.82 -12.03 32.35
N ALA G 70 -42.96 -12.15 31.02
CA ALA G 70 -41.94 -12.83 30.22
C ALA G 70 -42.03 -12.30 28.79
N ILE G 71 -40.88 -11.94 28.22
CA ILE G 71 -40.78 -11.48 26.84
C ILE G 71 -39.85 -12.43 26.09
N SER G 72 -40.29 -12.93 24.94
CA SER G 72 -39.53 -13.87 24.15
C SER G 72 -39.52 -13.43 22.69
N VAL G 73 -38.52 -13.91 21.95
CA VAL G 73 -38.35 -13.52 20.56
C VAL G 73 -38.07 -14.77 19.72
N ASP G 74 -38.38 -14.65 18.44
CA ASP G 74 -38.07 -15.69 17.46
C ASP G 74 -37.72 -15.00 16.13
N THR G 75 -36.92 -15.69 15.32
CA THR G 75 -36.40 -15.11 14.09
C THR G 75 -37.10 -15.60 12.84
N SER G 76 -37.88 -16.68 12.92
CA SER G 76 -38.53 -17.23 11.74
C SER G 76 -39.53 -16.24 11.15
N LYS G 77 -40.58 -15.90 11.91
CA LYS G 77 -41.65 -15.04 11.44
C LYS G 77 -41.45 -13.59 11.83
N ASP G 78 -40.31 -13.23 12.41
CA ASP G 78 -39.96 -11.86 12.77
C ASP G 78 -40.97 -11.28 13.77
N GLN G 79 -40.98 -11.88 14.96
CA GLN G 79 -41.96 -11.51 15.97
C GLN G 79 -41.32 -11.57 17.35
N PHE G 80 -41.89 -10.80 18.27
CA PHE G 80 -41.59 -10.92 19.69
C PHE G 80 -42.90 -10.79 20.47
N SER G 81 -43.14 -11.72 21.40
CA SER G 81 -44.42 -11.87 22.05
C SER G 81 -44.29 -11.74 23.56
N LEU G 82 -45.41 -11.41 24.20
CA LEU G 82 -45.48 -11.17 25.64
C LEU G 82 -46.48 -12.13 26.28
N LYS G 83 -46.12 -12.64 27.47
CA LYS G 83 -46.93 -13.63 28.19
C LYS G 83 -47.09 -13.16 29.62
N LEU G 84 -48.18 -12.45 29.89
CA LEU G 84 -48.49 -11.98 31.24
C LEU G 84 -49.33 -13.04 31.95
N THR G 85 -48.91 -13.43 33.15
CA THR G 85 -49.58 -14.46 33.92
C THR G 85 -50.23 -13.88 35.17
N SER G 86 -51.05 -14.71 35.81
CA SER G 86 -51.70 -14.37 37.08
C SER G 86 -52.47 -13.05 36.97
N VAL G 87 -53.29 -12.95 35.92
CA VAL G 87 -53.99 -11.71 35.64
C VAL G 87 -54.92 -11.35 36.79
N THR G 88 -55.08 -10.06 37.02
CA THR G 88 -55.99 -9.57 38.06
C THR G 88 -56.93 -8.51 37.47
N ALA G 89 -57.75 -7.89 38.32
CA ALA G 89 -58.65 -6.86 37.83
C ALA G 89 -57.88 -5.64 37.34
N ALA G 90 -56.80 -5.28 38.04
CA ALA G 90 -56.01 -4.11 37.69
C ALA G 90 -54.84 -4.50 36.77
N ASP G 91 -55.19 -5.09 35.63
CA ASP G 91 -54.20 -5.42 34.61
C ASP G 91 -54.69 -5.06 33.20
N THR G 92 -55.66 -4.16 33.08
CA THR G 92 -56.02 -3.63 31.77
C THR G 92 -54.89 -2.73 31.27
N ALA G 93 -54.45 -2.97 30.03
CA ALA G 93 -53.31 -2.24 29.50
C ALA G 93 -53.34 -2.26 27.99
N VAL G 94 -53.19 -1.08 27.38
CA VAL G 94 -53.14 -0.94 25.93
C VAL G 94 -51.70 -1.17 25.49
N TYR G 95 -51.33 -2.43 25.33
CA TYR G 95 -49.92 -2.77 25.18
C TYR G 95 -49.36 -2.24 23.87
N TYR G 96 -48.22 -1.56 23.96
CA TYR G 96 -47.56 -0.91 22.83
C TYR G 96 -46.34 -1.71 22.41
N CYS G 97 -45.86 -1.40 21.21
CA CYS G 97 -44.57 -1.89 20.72
C CYS G 97 -43.70 -0.67 20.45
N ALA G 98 -42.55 -0.60 21.11
CA ALA G 98 -41.67 0.56 21.01
C ALA G 98 -40.27 0.11 20.64
N THR G 99 -39.55 1.01 19.97
CA THR G 99 -38.17 0.75 19.56
C THR G 99 -37.31 1.97 19.86
N SER G 100 -36.04 1.71 20.16
CA SER G 100 -35.10 2.79 20.45
C SER G 100 -33.70 2.38 20.02
N TYR G 101 -32.87 3.37 19.74
CA TYR G 101 -31.48 3.14 19.40
C TYR G 101 -30.68 2.81 20.66
N ILE G 102 -29.59 2.06 20.48
CA ILE G 102 -28.76 1.66 21.60
C ILE G 102 -27.47 2.47 21.68
N THR G 103 -26.89 2.87 20.56
CA THR G 103 -25.70 3.72 20.53
C THR G 103 -26.13 5.15 20.20
N GLY G 104 -25.77 6.08 21.06
CA GLY G 104 -26.29 7.42 20.92
C GLY G 104 -27.78 7.43 21.13
N ILE G 105 -28.21 6.90 22.29
CA ILE G 105 -29.63 6.71 22.55
C ILE G 105 -30.34 8.06 22.58
N GLN G 106 -31.39 8.17 21.79
CA GLN G 106 -32.30 9.29 21.81
C GLN G 106 -33.65 8.81 22.34
N GLY G 107 -34.64 9.70 22.32
CA GLY G 107 -35.97 9.32 22.75
C GLY G 107 -36.61 8.31 21.82
N VAL G 108 -37.55 7.54 22.37
CA VAL G 108 -38.25 6.53 21.57
C VAL G 108 -39.06 7.24 20.49
N ASP G 109 -38.92 6.75 19.26
CA ASP G 109 -39.43 7.46 18.09
C ASP G 109 -40.37 6.65 17.20
N TYR G 110 -40.28 5.33 17.19
CA TYR G 110 -41.14 4.49 16.35
C TYR G 110 -42.04 3.67 17.27
N TRP G 111 -43.34 3.95 17.25
CA TRP G 111 -44.29 3.22 18.07
C TRP G 111 -45.35 2.56 17.21
N GLY G 112 -46.05 1.61 17.81
CA GLY G 112 -47.11 0.87 17.15
C GLY G 112 -48.41 1.67 17.02
N GLN G 113 -49.55 1.00 17.14
CA GLN G 113 -50.84 1.64 16.94
C GLN G 113 -51.84 1.44 18.06
N GLY G 114 -51.70 0.43 18.91
CA GLY G 114 -52.59 0.29 20.05
C GLY G 114 -53.62 -0.81 19.93
N THR G 115 -53.88 -1.50 21.04
CA THR G 115 -54.88 -2.57 21.08
C THR G 115 -55.42 -2.66 22.50
N LEU G 116 -56.74 -2.76 22.61
CA LEU G 116 -57.41 -2.71 23.91
C LEU G 116 -57.67 -4.12 24.42
N ILE G 117 -57.39 -4.32 25.71
CA ILE G 117 -57.54 -5.61 26.38
C ILE G 117 -58.35 -5.39 27.65
N THR G 118 -59.40 -6.18 27.84
CA THR G 118 -60.23 -6.08 29.03
C THR G 118 -60.34 -7.47 29.66
N VAL G 119 -60.20 -7.53 30.98
CA VAL G 119 -60.21 -8.78 31.72
C VAL G 119 -61.41 -8.80 32.64
N SER G 120 -62.21 -9.86 32.54
CA SER G 120 -63.44 -9.98 33.32
C SER G 120 -63.93 -11.42 33.20
N SER G 121 -64.93 -11.74 34.02
CA SER G 121 -65.53 -13.07 33.99
C SER G 121 -66.88 -13.03 33.27
N GLN H 1 -11.11 13.38 -32.09
CA GLN H 1 -11.51 14.25 -33.18
C GLN H 1 -10.62 14.03 -34.41
N VAL H 2 -11.25 13.96 -35.58
CA VAL H 2 -10.54 13.77 -36.84
C VAL H 2 -11.12 14.70 -37.90
N GLN H 3 -10.29 15.08 -38.86
CA GLN H 3 -10.72 15.78 -40.06
C GLN H 3 -10.11 15.08 -41.27
N LEU H 4 -10.89 14.95 -42.34
CA LEU H 4 -10.49 14.21 -43.52
C LEU H 4 -10.39 15.12 -44.72
N GLN H 5 -9.64 14.68 -45.72
CA GLN H 5 -9.45 15.41 -46.96
C GLN H 5 -9.13 14.41 -48.06
N GLU H 6 -9.74 14.60 -49.24
CA GLU H 6 -9.58 13.67 -50.34
C GLU H 6 -9.39 14.44 -51.64
N SER H 7 -8.62 13.84 -52.55
CA SER H 7 -8.38 14.41 -53.87
C SER H 7 -7.84 13.33 -54.78
N GLY H 8 -8.21 13.41 -56.06
CA GLY H 8 -7.80 12.42 -57.03
C GLY H 8 -8.17 12.81 -58.45
N PRO H 9 -7.84 11.94 -59.41
CA PRO H 9 -8.11 12.26 -60.81
C PRO H 9 -9.60 12.38 -61.10
N GLY H 10 -9.93 13.24 -62.06
CA GLY H 10 -11.31 13.50 -62.44
C GLY H 10 -11.79 12.81 -63.69
N LEU H 11 -10.94 12.04 -64.37
CA LEU H 11 -11.34 11.34 -65.57
C LEU H 11 -10.37 10.20 -65.81
N VAL H 12 -10.90 9.00 -66.04
CA VAL H 12 -10.10 7.79 -66.19
C VAL H 12 -10.67 6.96 -67.32
N LYS H 13 -9.79 6.45 -68.20
CA LYS H 13 -10.20 5.65 -69.33
C LYS H 13 -10.68 4.27 -68.88
N PRO H 14 -11.50 3.60 -69.68
CA PRO H 14 -12.06 2.31 -69.25
C PRO H 14 -11.01 1.21 -69.18
N SER H 15 -11.39 0.14 -68.48
CA SER H 15 -10.64 -1.11 -68.33
C SER H 15 -9.32 -0.94 -67.59
N GLU H 16 -8.97 0.29 -67.20
CA GLU H 16 -7.80 0.49 -66.36
C GLU H 16 -8.23 0.63 -64.91
N THR H 17 -7.31 1.04 -64.05
CA THR H 17 -7.57 1.10 -62.61
C THR H 17 -8.10 2.47 -62.23
N LEU H 18 -8.25 2.70 -60.93
CA LEU H 18 -8.74 3.95 -60.37
C LEU H 18 -8.08 4.14 -59.01
N SER H 19 -7.72 5.39 -58.68
CA SER H 19 -6.98 5.66 -57.46
C SER H 19 -7.56 6.86 -56.73
N LEU H 20 -7.44 6.83 -55.40
CA LEU H 20 -7.84 7.93 -54.54
C LEU H 20 -6.91 7.99 -53.34
N THR H 21 -6.90 9.14 -52.66
CA THR H 21 -6.11 9.32 -51.45
C THR H 21 -6.94 10.02 -50.39
N CYS H 22 -6.79 9.57 -49.15
CA CYS H 22 -7.48 10.15 -48.01
C CYS H 22 -6.45 10.47 -46.93
N THR H 23 -6.36 11.73 -46.53
CA THR H 23 -5.38 12.21 -45.58
C THR H 23 -6.08 12.70 -44.32
N VAL H 24 -5.57 12.30 -43.15
CA VAL H 24 -6.20 12.58 -41.88
C VAL H 24 -5.32 13.52 -41.08
N SER H 25 -5.95 14.40 -40.31
CA SER H 25 -5.25 15.33 -39.43
C SER H 25 -5.83 15.22 -38.02
N GLY H 26 -4.98 15.44 -37.03
CA GLY H 26 -5.38 15.25 -35.64
C GLY H 26 -4.76 14.02 -35.03
N ASP H 27 -5.55 12.95 -34.90
CA ASP H 27 -5.04 11.69 -34.39
C ASP H 27 -4.22 10.99 -35.46
N SER H 28 -3.80 9.76 -35.19
CA SER H 28 -2.97 9.00 -36.12
C SER H 28 -3.78 7.91 -36.81
N VAL H 29 -3.29 7.47 -37.97
CA VAL H 29 -3.90 6.34 -38.66
C VAL H 29 -3.72 5.05 -37.87
N SER H 30 -2.71 4.97 -37.02
CA SER H 30 -2.47 3.81 -36.17
C SER H 30 -3.21 3.90 -34.84
N SER H 31 -4.35 4.58 -34.81
CA SER H 31 -5.08 4.80 -33.56
C SER H 31 -5.49 3.48 -32.91
N GLY H 32 -5.98 2.54 -33.72
CA GLY H 32 -6.42 1.28 -33.17
C GLY H 32 -7.80 1.28 -32.55
N ASP H 33 -8.60 2.32 -32.79
CA ASP H 33 -9.93 2.41 -32.24
C ASP H 33 -10.94 3.01 -33.22
N TYR H 34 -10.71 2.80 -34.52
CA TYR H 34 -11.54 3.42 -35.54
C TYR H 34 -11.84 2.42 -36.65
N PHE H 35 -12.81 2.77 -37.49
CA PHE H 35 -13.25 1.99 -38.65
C PHE H 35 -13.07 2.87 -39.89
N TRP H 36 -11.90 2.81 -40.51
CA TRP H 36 -11.68 3.52 -41.76
C TRP H 36 -12.37 2.77 -42.89
N SER H 37 -13.38 3.40 -43.49
CA SER H 37 -14.23 2.75 -44.49
C SER H 37 -14.27 3.58 -45.75
N TRP H 38 -15.01 3.08 -46.74
CA TRP H 38 -15.28 3.79 -47.98
C TRP H 38 -16.74 3.60 -48.36
N ILE H 39 -17.34 4.64 -48.90
CA ILE H 39 -18.77 4.64 -49.25
C ILE H 39 -18.95 5.29 -50.61
N ARG H 40 -19.81 4.70 -51.44
CA ARG H 40 -20.13 5.23 -52.76
C ARG H 40 -21.53 5.83 -52.76
N GLN H 41 -21.81 6.61 -53.82
CA GLN H 41 -23.13 7.18 -54.02
C GLN H 41 -23.36 7.50 -55.48
N PRO H 42 -23.97 6.59 -56.25
CA PRO H 42 -24.32 6.90 -57.63
C PRO H 42 -25.25 8.09 -57.70
N PRO H 43 -25.01 9.03 -58.60
CA PRO H 43 -25.90 10.19 -58.74
C PRO H 43 -27.30 9.74 -59.14
N GLY H 44 -28.29 10.21 -58.41
CA GLY H 44 -29.66 9.77 -58.60
C GLY H 44 -30.01 8.48 -57.91
N LYS H 45 -29.07 7.87 -57.18
CA LYS H 45 -29.33 6.63 -56.47
C LYS H 45 -28.96 6.76 -55.00
N GLY H 46 -28.99 5.66 -54.26
CA GLY H 46 -28.73 5.66 -52.84
C GLY H 46 -27.27 5.43 -52.51
N LEU H 47 -27.02 5.11 -51.24
CA LEU H 47 -25.67 4.86 -50.76
C LEU H 47 -25.28 3.41 -51.04
N GLU H 48 -24.08 3.03 -50.61
CA GLU H 48 -23.57 1.67 -50.82
C GLU H 48 -22.37 1.48 -49.89
N TRP H 49 -21.84 0.26 -49.88
CA TRP H 49 -20.73 -0.13 -49.02
C TRP H 49 -19.66 -0.82 -49.85
N ILE H 50 -18.40 -0.55 -49.53
CA ILE H 50 -17.28 -1.08 -50.31
C ILE H 50 -16.35 -1.87 -49.41
N GLY H 51 -16.29 -1.50 -48.14
CA GLY H 51 -15.45 -2.23 -47.21
C GLY H 51 -14.67 -1.33 -46.28
N TYR H 52 -14.14 -1.88 -45.19
CA TYR H 52 -13.38 -1.10 -44.24
C TYR H 52 -12.14 -1.88 -43.79
N ILE H 53 -11.21 -1.15 -43.19
CA ILE H 53 -10.00 -1.72 -42.63
C ILE H 53 -9.79 -1.12 -41.24
N PHE H 54 -9.47 -1.97 -40.27
CA PHE H 54 -9.15 -1.46 -38.94
C PHE H 54 -7.77 -1.95 -38.50
N TYR H 55 -7.44 -1.74 -37.23
CA TYR H 55 -6.08 -1.95 -36.74
C TYR H 55 -5.61 -3.37 -37.04
N GLY H 56 -4.35 -3.48 -37.47
CA GLY H 56 -3.80 -4.74 -37.90
C GLY H 56 -3.70 -4.81 -39.42
N GLY H 57 -4.31 -5.82 -40.00
CA GLY H 57 -4.42 -5.93 -41.44
C GLY H 57 -5.75 -6.52 -41.85
N ASN H 58 -6.71 -6.49 -40.93
CA ASN H 58 -8.00 -7.14 -41.15
C ASN H 58 -8.91 -6.26 -41.98
N THR H 59 -9.75 -6.90 -42.80
CA THR H 59 -10.59 -6.17 -43.74
C THR H 59 -11.78 -7.03 -44.13
N LYS H 60 -12.82 -6.36 -44.61
CA LYS H 60 -14.04 -7.01 -45.07
C LYS H 60 -14.55 -6.28 -46.31
N TYR H 61 -15.34 -6.96 -47.13
CA TYR H 61 -15.81 -6.38 -48.38
C TYR H 61 -17.28 -6.73 -48.63
N ASN H 62 -17.90 -5.94 -49.51
CA ASN H 62 -19.27 -6.09 -49.98
C ASN H 62 -19.39 -7.30 -50.91
N PRO H 63 -20.56 -7.96 -50.93
CA PRO H 63 -20.72 -9.11 -51.82
C PRO H 63 -21.13 -8.73 -53.23
N SER H 64 -20.96 -7.45 -53.58
CA SER H 64 -21.20 -6.98 -54.94
C SER H 64 -19.92 -6.55 -55.62
N LEU H 65 -19.18 -5.63 -55.02
CA LEU H 65 -17.86 -5.20 -55.51
C LEU H 65 -16.82 -5.86 -54.61
N LYS H 66 -16.43 -7.09 -54.95
CA LYS H 66 -15.49 -7.87 -54.15
C LYS H 66 -14.18 -8.14 -54.85
N SER H 67 -14.22 -8.69 -56.06
CA SER H 67 -13.01 -9.08 -56.76
C SER H 67 -12.28 -7.91 -57.40
N ARG H 68 -12.86 -6.70 -57.39
CA ARG H 68 -12.27 -5.54 -58.06
C ARG H 68 -11.95 -4.42 -57.08
N VAL H 69 -11.79 -4.73 -55.79
CA VAL H 69 -11.58 -3.72 -54.76
C VAL H 69 -10.40 -4.11 -53.88
N ALA H 70 -9.80 -3.09 -53.27
CA ALA H 70 -8.66 -3.26 -52.36
C ALA H 70 -8.39 -1.97 -51.58
N ILE H 71 -8.22 -2.09 -50.26
CA ILE H 71 -7.92 -0.96 -49.39
C ILE H 71 -6.60 -1.23 -48.69
N SER H 72 -5.70 -0.25 -48.72
CA SER H 72 -4.37 -0.39 -48.14
C SER H 72 -4.10 0.78 -47.20
N VAL H 73 -3.16 0.55 -46.28
CA VAL H 73 -2.81 1.53 -45.25
C VAL H 73 -1.31 1.80 -45.32
N ASP H 74 -0.95 3.09 -45.25
CA ASP H 74 0.44 3.52 -45.17
C ASP H 74 0.59 4.42 -43.95
N THR H 75 1.51 4.08 -43.06
CA THR H 75 1.64 4.78 -41.78
C THR H 75 2.64 5.92 -41.83
N SER H 76 3.27 6.19 -42.97
CA SER H 76 4.24 7.28 -43.03
C SER H 76 3.55 8.63 -43.21
N LYS H 77 2.90 8.83 -44.36
CA LYS H 77 2.17 10.07 -44.60
C LYS H 77 0.67 9.93 -44.29
N ASP H 78 0.36 9.37 -43.12
CA ASP H 78 -0.99 9.38 -42.54
C ASP H 78 -2.10 9.17 -43.58
N GLN H 79 -1.92 8.16 -44.43
CA GLN H 79 -2.81 7.98 -45.57
C GLN H 79 -3.31 6.54 -45.66
N PHE H 80 -4.51 6.40 -46.23
CA PHE H 80 -5.04 5.12 -46.66
C PHE H 80 -5.74 5.32 -47.99
N SER H 81 -5.49 4.42 -48.95
CA SER H 81 -5.92 4.62 -50.33
C SER H 81 -6.67 3.39 -50.84
N LEU H 82 -7.50 3.62 -51.85
CA LEU H 82 -8.35 2.61 -52.46
C LEU H 82 -8.03 2.50 -53.95
N LYS H 83 -7.99 1.27 -54.46
CA LYS H 83 -7.65 1.00 -55.84
C LYS H 83 -8.67 0.03 -56.43
N LEU H 84 -9.60 0.55 -57.24
CA LEU H 84 -10.64 -0.25 -57.86
C LEU H 84 -10.25 -0.52 -59.31
N THR H 85 -10.27 -1.80 -59.70
CA THR H 85 -9.83 -2.22 -61.02
C THR H 85 -11.01 -2.73 -61.83
N SER H 86 -10.72 -3.03 -63.11
CA SER H 86 -11.72 -3.54 -64.05
C SER H 86 -12.93 -2.62 -64.16
N VAL H 87 -12.66 -1.33 -64.30
CA VAL H 87 -13.71 -0.32 -64.27
C VAL H 87 -14.68 -0.54 -65.42
N THR H 88 -15.97 -0.40 -65.13
CA THR H 88 -17.03 -0.43 -66.13
C THR H 88 -17.65 0.96 -66.23
N ALA H 89 -18.52 1.12 -67.22
CA ALA H 89 -19.16 2.41 -67.45
C ALA H 89 -20.17 2.77 -66.37
N ALA H 90 -20.57 1.82 -65.53
CA ALA H 90 -21.58 2.05 -64.50
C ALA H 90 -20.97 2.31 -63.13
N ASP H 91 -19.72 2.75 -63.08
CA ASP H 91 -19.06 3.03 -61.80
C ASP H 91 -18.63 4.49 -61.71
N THR H 92 -19.51 5.41 -62.08
CA THR H 92 -19.25 6.84 -61.99
C THR H 92 -20.15 7.43 -60.91
N ALA H 93 -19.54 8.01 -59.89
CA ALA H 93 -20.29 8.45 -58.72
C ALA H 93 -19.42 9.32 -57.84
N VAL H 94 -20.05 9.96 -56.85
CA VAL H 94 -19.33 10.63 -55.79
C VAL H 94 -18.68 9.59 -54.88
N TYR H 95 -17.62 9.99 -54.19
CA TYR H 95 -16.90 9.07 -53.32
C TYR H 95 -16.69 9.74 -51.96
N TYR H 96 -16.70 8.92 -50.91
CA TYR H 96 -16.72 9.41 -49.55
C TYR H 96 -15.74 8.64 -48.67
N CYS H 97 -15.09 9.36 -47.77
CA CYS H 97 -14.34 8.77 -46.67
C CYS H 97 -15.17 8.84 -45.40
N ALA H 98 -15.08 7.80 -44.58
CA ALA H 98 -15.92 7.72 -43.39
C ALA H 98 -15.12 7.12 -42.25
N THR H 99 -15.60 7.34 -41.03
CA THR H 99 -14.95 6.82 -39.83
C THR H 99 -16.01 6.51 -38.79
N SER H 100 -15.67 5.61 -37.87
CA SER H 100 -16.62 5.16 -36.86
C SER H 100 -15.88 4.57 -35.68
N TYR H 101 -16.54 4.56 -34.52
CA TYR H 101 -15.99 3.94 -33.33
C TYR H 101 -16.16 2.43 -33.39
N ILE H 102 -15.41 1.73 -32.54
CA ILE H 102 -15.47 0.27 -32.50
C ILE H 102 -16.04 -0.25 -31.18
N THR H 103 -15.85 0.45 -30.08
CA THR H 103 -16.45 0.08 -28.80
C THR H 103 -17.58 1.07 -28.52
N GLY H 104 -18.79 0.56 -28.40
CA GLY H 104 -19.95 1.42 -28.33
C GLY H 104 -20.16 2.14 -29.64
N ILE H 105 -20.42 1.37 -30.70
CA ILE H 105 -20.57 1.93 -32.03
C ILE H 105 -21.85 2.76 -32.11
N GLN H 106 -21.76 3.94 -32.73
CA GLN H 106 -22.87 4.87 -32.84
C GLN H 106 -23.01 5.37 -34.27
N GLY H 107 -22.96 4.46 -35.24
CA GLY H 107 -23.09 4.86 -36.63
C GLY H 107 -21.81 5.47 -37.18
N VAL H 108 -21.95 6.35 -38.16
CA VAL H 108 -20.84 7.09 -38.74
C VAL H 108 -20.94 8.54 -38.30
N ASP H 109 -19.87 9.03 -37.67
CA ASP H 109 -19.85 10.37 -37.09
C ASP H 109 -19.26 11.41 -38.02
N TYR H 110 -18.03 11.21 -38.48
CA TYR H 110 -17.30 12.18 -39.28
C TYR H 110 -17.23 11.74 -40.73
N TRP H 111 -17.24 12.71 -41.64
CA TRP H 111 -17.23 12.44 -43.07
C TRP H 111 -16.26 13.38 -43.77
N GLY H 112 -15.88 12.99 -44.98
CA GLY H 112 -15.08 13.83 -45.86
C GLY H 112 -15.92 14.89 -46.55
N GLN H 113 -15.46 15.32 -47.71
CA GLN H 113 -16.17 16.36 -48.46
C GLN H 113 -16.71 15.91 -49.81
N GLY H 114 -16.12 14.89 -50.43
CA GLY H 114 -16.68 14.38 -51.67
C GLY H 114 -15.85 14.75 -52.89
N THR H 115 -15.91 13.89 -53.90
CA THR H 115 -15.20 14.10 -55.15
C THR H 115 -15.87 13.26 -56.24
N LEU H 116 -15.85 13.78 -57.46
CA LEU H 116 -16.52 13.15 -58.59
C LEU H 116 -15.51 12.47 -59.49
N ILE H 117 -15.80 11.23 -59.86
CA ILE H 117 -14.95 10.43 -60.75
C ILE H 117 -15.83 9.92 -61.87
N THR H 118 -15.52 10.33 -63.11
CA THR H 118 -16.29 9.93 -64.28
C THR H 118 -15.39 9.14 -65.22
N VAL H 119 -15.90 8.00 -65.69
CA VAL H 119 -15.12 7.08 -66.53
C VAL H 119 -15.70 7.08 -67.93
N SER H 120 -14.84 7.16 -68.92
CA SER H 120 -15.21 7.22 -70.33
C SER H 120 -13.92 7.16 -71.15
N SER H 121 -14.08 7.16 -72.47
CA SER H 121 -12.93 7.16 -73.37
C SER H 121 -12.91 8.42 -74.23
N GLN I 1 1.09 34.91 10.61
CA GLN I 1 1.08 36.34 10.87
C GLN I 1 1.84 36.66 12.15
N VAL I 2 2.53 37.81 12.16
CA VAL I 2 3.31 38.24 13.31
C VAL I 2 3.04 39.72 13.57
N GLN I 3 3.25 40.13 14.81
CA GLN I 3 3.18 41.52 15.21
C GLN I 3 4.44 41.88 15.98
N LEU I 4 4.91 43.10 15.79
CA LEU I 4 6.18 43.54 16.36
C LEU I 4 5.98 44.73 17.28
N GLN I 5 6.90 44.89 18.22
CA GLN I 5 6.91 46.01 19.17
C GLN I 5 8.34 46.17 19.66
N GLU I 6 8.85 47.40 19.65
CA GLU I 6 10.26 47.65 19.90
C GLU I 6 10.51 48.41 21.19
N SER I 7 9.93 49.59 21.36
CA SER I 7 10.18 50.46 22.52
C SER I 7 11.69 50.77 22.54
N GLY I 8 12.34 50.76 23.70
CA GLY I 8 13.75 51.04 23.78
C GLY I 8 14.05 52.42 24.37
N PRO I 9 15.30 52.63 24.81
CA PRO I 9 15.65 53.89 25.46
C PRO I 9 15.72 55.07 24.50
N GLY I 10 16.07 56.24 25.03
CA GLY I 10 16.06 57.47 24.25
C GLY I 10 17.41 58.14 24.08
N LEU I 11 17.57 59.32 24.68
CA LEU I 11 18.78 60.11 24.50
C LEU I 11 20.00 59.37 25.02
N VAL I 12 21.11 59.51 24.30
CA VAL I 12 22.37 58.83 24.63
C VAL I 12 23.52 59.79 24.42
N LYS I 13 24.47 59.81 25.36
CA LYS I 13 25.62 60.69 25.28
C LYS I 13 26.55 60.25 24.14
N PRO I 14 27.32 61.18 23.58
CA PRO I 14 28.18 60.83 22.43
C PRO I 14 29.32 59.91 22.83
N SER I 15 29.92 59.31 21.80
CA SER I 15 31.09 58.44 21.89
C SER I 15 30.83 57.15 22.67
N GLU I 16 29.57 56.78 22.87
CA GLU I 16 29.23 55.53 23.53
C GLU I 16 28.27 54.72 22.65
N THR I 17 27.71 53.65 23.21
CA THR I 17 26.95 52.68 22.43
C THR I 17 25.46 53.07 22.38
N LEU I 18 24.67 52.18 21.78
CA LEU I 18 23.24 52.35 21.62
C LEU I 18 22.59 50.97 21.70
N SER I 19 21.34 50.92 22.15
CA SER I 19 20.68 49.65 22.42
C SER I 19 19.18 49.74 22.21
N LEU I 20 18.62 48.79 21.45
CA LEU I 20 17.18 48.61 21.31
C LEU I 20 16.82 47.16 21.61
N THR I 21 15.52 46.89 21.61
CA THR I 21 15.00 45.53 21.73
C THR I 21 13.72 45.42 20.90
N CYS I 22 13.43 44.20 20.45
CA CYS I 22 12.27 43.97 19.59
C CYS I 22 11.65 42.63 19.97
N THR I 23 10.42 42.67 20.48
CA THR I 23 9.70 41.47 20.90
C THR I 23 8.62 41.12 19.90
N VAL I 24 8.45 39.83 19.64
CA VAL I 24 7.51 39.37 18.63
C VAL I 24 6.43 38.53 19.29
N SER I 25 5.26 38.50 18.67
CA SER I 25 4.11 37.74 19.13
C SER I 25 3.54 36.92 17.98
N GLY I 26 2.96 35.78 18.32
CA GLY I 26 2.41 34.88 17.32
C GLY I 26 3.38 33.76 16.97
N ASP I 27 3.97 33.82 15.79
CA ASP I 27 4.99 32.85 15.41
C ASP I 27 6.25 33.04 16.24
N SER I 28 6.99 31.96 16.42
CA SER I 28 8.18 31.97 17.25
C SER I 28 9.35 32.62 16.51
N VAL I 29 10.42 32.91 17.26
CA VAL I 29 11.64 33.44 16.66
C VAL I 29 12.56 32.33 16.18
N SER I 30 12.23 31.08 16.43
CA SER I 30 12.89 29.94 15.79
C SER I 30 12.13 29.47 14.56
N SER I 31 11.45 30.40 13.88
CA SER I 31 10.58 30.02 12.77
C SER I 31 11.37 29.42 11.61
N GLY I 32 12.55 29.96 11.32
CA GLY I 32 13.36 29.41 10.26
C GLY I 32 12.87 29.69 8.86
N ASP I 33 11.92 30.63 8.69
CA ASP I 33 11.44 30.97 7.37
C ASP I 33 11.24 32.48 7.23
N TYR I 34 12.05 33.28 7.92
CA TYR I 34 11.88 34.72 7.91
C TYR I 34 13.24 35.39 7.77
N PHE I 35 13.19 36.70 7.51
CA PHE I 35 14.36 37.56 7.41
C PHE I 35 14.20 38.65 8.46
N TRP I 36 14.64 38.38 9.68
CA TRP I 36 14.62 39.41 10.72
C TRP I 36 15.68 40.44 10.39
N SER I 37 15.25 41.63 9.98
CA SER I 37 16.15 42.67 9.50
C SER I 37 16.01 43.92 10.35
N TRP I 38 16.93 44.85 10.15
CA TRP I 38 16.88 46.17 10.75
C TRP I 38 17.07 47.21 9.65
N ILE I 39 16.20 48.22 9.63
CA ILE I 39 16.25 49.27 8.63
C ILE I 39 16.12 50.61 9.34
N ARG I 40 17.01 51.54 9.02
CA ARG I 40 17.04 52.86 9.64
C ARG I 40 16.53 53.91 8.65
N GLN I 41 16.36 55.12 9.16
CA GLN I 41 15.90 56.24 8.35
C GLN I 41 16.35 57.57 8.94
N PRO I 42 17.42 58.17 8.44
CA PRO I 42 17.79 59.51 8.86
C PRO I 42 16.65 60.49 8.61
N PRO I 43 16.26 61.27 9.62
CA PRO I 43 15.13 62.19 9.44
C PRO I 43 15.41 63.21 8.34
N GLY I 44 14.39 63.48 7.53
CA GLY I 44 14.54 64.36 6.40
C GLY I 44 15.23 63.75 5.20
N LYS I 45 15.62 62.47 5.28
CA LYS I 45 16.31 61.80 4.18
C LYS I 45 15.60 60.50 3.84
N GLY I 46 16.23 59.68 3.00
CA GLY I 46 15.64 58.43 2.57
C GLY I 46 15.89 57.31 3.55
N LEU I 47 15.60 56.10 3.10
CA LEU I 47 15.75 54.91 3.92
C LEU I 47 17.12 54.27 3.68
N GLU I 48 17.43 53.24 4.46
CA GLU I 48 18.74 52.59 4.40
C GLU I 48 18.63 51.20 4.98
N TRP I 49 19.64 50.37 4.68
CA TRP I 49 19.70 48.99 5.14
C TRP I 49 20.92 48.81 6.03
N ILE I 50 20.80 47.92 7.01
CA ILE I 50 21.86 47.68 7.99
C ILE I 50 22.29 46.22 8.01
N GLY I 51 21.33 45.31 8.07
CA GLY I 51 21.64 43.90 8.04
C GLY I 51 20.51 43.08 8.61
N TYR I 52 20.52 41.80 8.27
CA TYR I 52 19.51 40.88 8.74
C TYR I 52 20.16 39.60 9.25
N ILE I 53 19.42 38.89 10.09
CA ILE I 53 19.84 37.59 10.59
C ILE I 53 18.70 36.61 10.37
N PHE I 54 19.00 35.47 9.76
CA PHE I 54 18.00 34.42 9.59
C PHE I 54 18.46 33.16 10.34
N TYR I 55 17.72 32.08 10.15
CA TYR I 55 17.89 30.89 10.98
C TYR I 55 19.33 30.38 10.92
N GLY I 56 19.84 29.98 12.08
CA GLY I 56 21.24 29.63 12.22
C GLY I 56 22.00 30.69 12.98
N GLY I 57 23.06 31.21 12.37
CA GLY I 57 23.78 32.33 12.91
C GLY I 57 24.27 33.25 11.81
N ASN I 58 23.66 33.12 10.63
CA ASN I 58 24.13 33.81 9.45
C ASN I 58 23.65 35.25 9.43
N THR I 59 24.52 36.15 8.95
CA THR I 59 24.26 37.57 9.01
C THR I 59 24.94 38.26 7.84
N LYS I 60 24.43 39.45 7.51
CA LYS I 60 24.98 40.28 6.44
C LYS I 60 24.92 41.74 6.88
N TYR I 61 25.71 42.58 6.21
CA TYR I 61 25.78 43.99 6.60
C TYR I 61 25.93 44.90 5.38
N ASN I 62 25.56 46.16 5.60
CA ASN I 62 25.69 47.22 4.60
C ASN I 62 27.11 47.77 4.65
N PRO I 63 27.86 47.79 3.53
CA PRO I 63 29.26 48.22 3.55
C PRO I 63 29.45 49.74 3.64
N SER I 64 28.74 50.37 4.57
CA SER I 64 29.03 51.73 5.03
C SER I 64 29.15 51.80 6.54
N LEU I 65 28.33 51.03 7.26
CA LEU I 65 28.34 51.00 8.71
C LEU I 65 29.00 49.75 9.27
N LYS I 66 29.68 48.96 8.43
CA LYS I 66 30.00 47.57 8.73
C LYS I 66 30.70 47.37 10.07
N SER I 67 31.66 48.23 10.40
CA SER I 67 32.47 48.01 11.61
C SER I 67 31.61 48.07 12.87
N ARG I 68 30.72 49.06 12.94
CA ARG I 68 29.92 49.31 14.14
C ARG I 68 28.49 48.77 14.00
N VAL I 69 28.36 47.45 13.82
CA VAL I 69 27.05 46.80 13.74
C VAL I 69 27.13 45.44 14.44
N ALA I 70 26.05 45.08 15.14
CA ALA I 70 25.94 43.76 15.75
C ALA I 70 24.47 43.44 15.96
N ILE I 71 24.01 42.32 15.41
CA ILE I 71 22.64 41.85 15.57
C ILE I 71 22.67 40.46 16.19
N SER I 72 21.89 40.26 17.24
CA SER I 72 21.88 39.00 17.96
C SER I 72 20.45 38.63 18.33
N VAL I 73 20.24 37.35 18.63
CA VAL I 73 18.93 36.82 18.96
C VAL I 73 19.03 36.01 20.25
N ASP I 74 17.88 35.86 20.91
CA ASP I 74 17.78 35.08 22.15
C ASP I 74 16.43 34.39 22.16
N THR I 75 16.43 33.06 22.14
CA THR I 75 15.20 32.32 21.95
C THR I 75 14.36 32.25 23.23
N SER I 76 14.93 32.63 24.37
CA SER I 76 14.22 32.50 25.63
C SER I 76 12.97 33.38 25.67
N LYS I 77 13.15 34.69 25.58
CA LYS I 77 12.04 35.64 25.73
C LYS I 77 11.57 36.19 24.38
N ASP I 78 11.97 35.56 23.27
CA ASP I 78 11.49 35.90 21.94
C ASP I 78 11.83 37.36 21.57
N GLN I 79 13.14 37.61 21.48
CA GLN I 79 13.63 38.94 21.16
C GLN I 79 14.87 38.85 20.29
N PHE I 80 15.11 39.91 19.52
CA PHE I 80 16.36 40.11 18.81
C PHE I 80 16.71 41.59 18.88
N SER I 81 17.93 41.90 19.31
CA SER I 81 18.33 43.26 19.64
C SER I 81 19.58 43.66 18.89
N LEU I 82 19.85 44.97 18.86
CA LEU I 82 20.91 45.56 18.07
C LEU I 82 21.84 46.39 18.95
N LYS I 83 23.14 46.32 18.66
CA LYS I 83 24.18 46.99 19.44
C LYS I 83 25.09 47.75 18.47
N LEU I 84 24.89 49.06 18.38
CA LEU I 84 25.69 49.91 17.50
C LEU I 84 26.61 50.78 18.34
N THR I 85 27.89 50.77 18.01
CA THR I 85 28.92 51.46 18.77
C THR I 85 29.54 52.59 17.95
N SER I 86 30.50 53.28 18.57
CA SER I 86 31.24 54.38 17.94
C SER I 86 30.28 55.46 17.41
N VAL I 87 29.26 55.76 18.20
CA VAL I 87 28.20 56.66 17.75
C VAL I 87 28.76 58.07 17.53
N THR I 88 28.39 58.67 16.40
CA THR I 88 28.75 60.04 16.07
C THR I 88 27.49 60.88 15.98
N ALA I 89 27.65 62.13 15.58
CA ALA I 89 26.49 63.01 15.44
C ALA I 89 25.60 62.59 14.29
N ALA I 90 26.17 61.97 13.25
CA ALA I 90 25.41 61.50 12.10
C ALA I 90 24.96 60.06 12.26
N ASP I 91 24.28 59.78 13.38
CA ASP I 91 23.74 58.44 13.62
C ASP I 91 22.36 58.49 14.28
N THR I 92 21.58 59.53 14.03
CA THR I 92 20.19 59.54 14.49
C THR I 92 19.40 58.48 13.73
N ALA I 93 18.76 57.58 14.47
CA ALA I 93 18.10 56.42 13.89
C ALA I 93 16.65 56.34 14.34
N VAL I 94 15.80 55.87 13.44
CA VAL I 94 14.39 55.63 13.73
C VAL I 94 14.15 54.14 13.58
N TYR I 95 15.18 53.35 13.96
CA TYR I 95 15.32 51.94 13.64
C TYR I 95 14.00 51.18 13.58
N TYR I 96 13.78 50.46 12.49
CA TYR I 96 12.55 49.71 12.27
C TYR I 96 12.82 48.23 12.45
N CYS I 97 11.78 47.49 12.82
CA CYS I 97 11.81 46.05 12.79
C CYS I 97 11.00 45.58 11.58
N ALA I 98 11.62 44.77 10.73
CA ALA I 98 11.00 44.35 9.48
C ALA I 98 11.13 42.84 9.34
N THR I 99 10.23 42.27 8.53
CA THR I 99 10.22 40.83 8.26
C THR I 99 9.98 40.60 6.78
N SER I 100 10.47 39.46 6.28
CA SER I 100 10.33 39.13 4.88
C SER I 100 10.39 37.62 4.71
N TYR I 101 9.68 37.14 3.69
CA TYR I 101 9.70 35.72 3.36
C TYR I 101 11.01 35.34 2.69
N ILE I 102 11.41 34.08 2.84
CA ILE I 102 12.70 33.63 2.33
C ILE I 102 12.52 32.74 1.11
N THR I 103 11.38 32.06 1.01
CA THR I 103 11.01 31.31 -0.19
C THR I 103 9.89 32.03 -0.90
N GLY I 104 10.05 32.25 -2.20
CA GLY I 104 9.09 33.04 -2.92
C GLY I 104 9.09 34.45 -2.37
N ILE I 105 10.29 35.03 -2.23
CA ILE I 105 10.44 36.30 -1.55
C ILE I 105 9.65 37.39 -2.26
N GLN I 106 8.76 38.03 -1.52
CA GLN I 106 8.08 39.24 -1.95
C GLN I 106 8.66 40.41 -1.18
N GLY I 107 8.08 41.59 -1.38
CA GLY I 107 8.54 42.76 -0.66
C GLY I 107 8.27 42.67 0.83
N VAL I 108 9.07 43.40 1.60
CA VAL I 108 8.89 43.40 3.05
C VAL I 108 7.55 44.03 3.40
N ASP I 109 6.82 43.39 4.31
CA ASP I 109 5.40 43.68 4.51
C ASP I 109 4.99 43.97 5.94
N TYR I 110 5.55 43.27 6.93
CA TYR I 110 5.16 43.44 8.33
C TYR I 110 6.24 44.23 9.05
N TRP I 111 5.94 45.47 9.42
CA TRP I 111 6.92 46.31 10.12
C TRP I 111 6.33 46.85 11.41
N GLY I 112 7.22 47.33 12.28
CA GLY I 112 6.86 47.88 13.57
C GLY I 112 6.25 49.26 13.48
N GLN I 113 6.52 50.09 14.50
CA GLN I 113 5.89 51.39 14.61
C GLN I 113 6.86 52.57 14.63
N GLY I 114 8.05 52.42 15.17
CA GLY I 114 9.02 53.50 15.09
C GLY I 114 9.34 54.13 16.43
N THR I 115 10.63 54.42 16.63
CA THR I 115 11.13 55.03 17.86
C THR I 115 12.29 55.94 17.51
N LEU I 116 12.33 57.12 18.14
CA LEU I 116 13.36 58.11 17.86
C LEU I 116 14.48 58.01 18.88
N ILE I 117 15.71 58.03 18.38
CA ILE I 117 16.91 58.07 19.21
C ILE I 117 17.73 59.28 18.79
N THR I 118 17.99 60.18 19.74
CA THR I 118 18.76 61.39 19.49
C THR I 118 20.02 61.36 20.33
N VAL I 119 21.16 61.67 19.71
CA VAL I 119 22.47 61.57 20.35
C VAL I 119 23.04 62.97 20.50
N SER I 120 23.42 63.32 21.72
CA SER I 120 23.94 64.64 22.04
C SER I 120 24.53 64.59 23.44
N SER I 121 25.27 65.64 23.79
CA SER I 121 25.87 65.74 25.12
C SER I 121 25.09 66.73 25.98
N GLU J 1 -36.45 4.26 42.33
CA GLU J 1 -37.68 4.87 41.80
C GLU J 1 -37.56 6.39 41.78
N ILE J 2 -37.32 6.93 40.60
CA ILE J 2 -37.21 8.37 40.39
C ILE J 2 -38.59 8.87 39.98
N VAL J 3 -39.20 9.69 40.82
CA VAL J 3 -40.54 10.20 40.56
C VAL J 3 -40.42 11.61 39.99
N LEU J 4 -41.09 11.86 38.87
CA LEU J 4 -41.09 13.15 38.23
C LEU J 4 -42.48 13.78 38.37
N THR J 5 -42.51 15.02 38.84
CA THR J 5 -43.74 15.77 39.02
C THR J 5 -43.74 16.98 38.09
N GLN J 6 -44.84 17.19 37.40
CA GLN J 6 -45.00 18.33 36.50
C GLN J 6 -45.79 19.41 37.21
N SER J 7 -45.17 20.57 37.40
CA SER J 7 -45.77 21.62 38.23
C SER J 7 -47.11 22.13 37.70
N PRO J 8 -47.26 22.48 36.41
CA PRO J 8 -48.57 22.96 35.95
C PRO J 8 -49.59 21.83 35.91
N GLY J 9 -50.81 22.15 36.31
CA GLY J 9 -51.89 21.19 36.27
C GLY J 9 -52.75 21.33 35.02
N THR J 10 -53.09 22.58 34.70
CA THR J 10 -53.88 22.88 33.52
C THR J 10 -53.60 24.32 33.13
N LEU J 11 -53.35 24.57 31.84
CA LEU J 11 -53.05 25.90 31.34
C LEU J 11 -54.03 26.27 30.24
N SER J 12 -54.69 27.40 30.40
CA SER J 12 -55.59 27.96 29.40
C SER J 12 -54.99 29.26 28.88
N LEU J 13 -54.71 29.32 27.59
CA LEU J 13 -54.07 30.46 26.98
C LEU J 13 -54.79 30.87 25.71
N SER J 14 -54.78 32.17 25.44
CA SER J 14 -55.16 32.65 24.12
C SER J 14 -53.99 32.48 23.16
N PRO J 15 -54.26 32.41 21.86
CA PRO J 15 -53.15 32.31 20.90
C PRO J 15 -52.22 33.51 20.97
N GLY J 16 -50.92 33.24 20.86
CA GLY J 16 -49.89 34.27 20.79
C GLY J 16 -48.82 34.16 21.86
N GLU J 17 -49.20 33.82 23.08
CA GLU J 17 -48.26 33.84 24.20
C GLU J 17 -47.47 32.53 24.27
N ARG J 18 -46.75 32.34 25.37
CA ARG J 18 -45.86 31.20 25.55
C ARG J 18 -46.24 30.42 26.79
N ALA J 19 -45.87 29.15 26.80
CA ALA J 19 -46.12 28.25 27.92
C ALA J 19 -44.85 28.04 28.72
N THR J 20 -45.01 27.90 30.04
CA THR J 20 -43.88 27.71 30.92
C THR J 20 -43.98 26.38 31.66
N LEU J 21 -44.34 25.32 30.94
CA LEU J 21 -44.47 24.01 31.55
C LEU J 21 -43.12 23.52 32.06
N SER J 22 -43.11 23.02 33.30
CA SER J 22 -41.86 22.63 33.93
C SER J 22 -41.91 21.17 34.38
N CYS J 23 -40.80 20.67 34.91
CA CYS J 23 -40.71 19.27 35.30
C CYS J 23 -39.66 19.10 36.39
N ARG J 24 -40.11 19.00 37.64
CA ARG J 24 -39.20 18.83 38.77
C ARG J 24 -38.72 17.38 38.83
N ALA J 25 -37.99 17.04 39.89
CA ALA J 25 -37.47 15.69 40.06
C ALA J 25 -37.23 15.45 41.55
N SER J 26 -37.02 14.19 41.90
CA SER J 26 -36.73 13.79 43.27
C SER J 26 -35.24 13.65 43.53
N GLN J 27 -34.53 12.93 42.67
CA GLN J 27 -33.09 12.84 42.71
C GLN J 27 -32.52 13.50 41.46
N SER J 28 -31.39 14.19 41.61
CA SER J 28 -30.81 14.95 40.51
C SER J 28 -30.43 14.03 39.36
N VAL J 29 -30.99 14.31 38.19
CA VAL J 29 -30.71 13.53 37.00
C VAL J 29 -29.80 14.36 36.09
N SER J 30 -29.15 13.67 35.15
CA SER J 30 -28.24 14.34 34.23
C SER J 30 -29.04 15.13 33.20
N SER J 31 -28.33 15.81 32.29
CA SER J 31 -28.96 16.58 31.24
C SER J 31 -28.94 15.88 29.90
N SER J 32 -28.13 14.83 29.73
CA SER J 32 -28.06 14.10 28.49
C SER J 32 -29.04 12.94 28.41
N PHE J 33 -29.79 12.67 29.48
CA PHE J 33 -30.63 11.49 29.60
C PHE J 33 -32.05 11.88 29.98
N LEU J 34 -32.61 12.87 29.27
CA LEU J 34 -33.98 13.31 29.52
C LEU J 34 -34.57 13.84 28.22
N ALA J 35 -35.85 13.57 27.99
CA ALA J 35 -36.51 13.94 26.75
C ALA J 35 -37.92 14.44 27.04
N TRP J 36 -38.59 14.91 25.98
CA TRP J 36 -39.95 15.39 26.05
C TRP J 36 -40.76 14.72 24.95
N TYR J 37 -42.09 14.72 25.11
CA TYR J 37 -42.96 14.02 24.17
C TYR J 37 -44.17 14.91 23.87
N GLN J 38 -45.06 14.42 23.01
CA GLN J 38 -46.31 15.10 22.71
C GLN J 38 -47.36 14.06 22.33
N GLN J 39 -48.43 13.98 23.11
CA GLN J 39 -49.45 12.95 22.95
C GLN J 39 -50.75 13.57 22.48
N LYS J 40 -51.22 13.14 21.30
CA LYS J 40 -52.54 13.42 20.76
C LYS J 40 -53.44 12.22 20.96
N PRO J 41 -54.75 12.41 21.05
CA PRO J 41 -55.65 11.29 21.34
C PRO J 41 -55.54 10.18 20.30
N GLY J 42 -55.51 8.95 20.79
CA GLY J 42 -55.50 7.76 19.96
C GLY J 42 -54.17 7.15 19.58
N GLN J 43 -53.41 7.75 18.66
CA GLN J 43 -52.27 7.03 18.11
C GLN J 43 -51.17 6.75 19.13
N ALA J 44 -50.47 7.79 19.59
CA ALA J 44 -49.31 7.63 20.45
C ALA J 44 -48.71 9.01 20.76
N PRO J 45 -47.89 9.13 21.81
CA PRO J 45 -46.99 10.28 21.90
C PRO J 45 -45.71 10.11 21.09
N LYS J 46 -45.28 11.21 20.49
CA LYS J 46 -44.11 11.24 19.61
C LYS J 46 -42.98 11.99 20.31
N LEU J 47 -41.89 12.20 19.59
CA LEU J 47 -40.70 12.82 20.16
C LEU J 47 -40.65 14.31 19.80
N LEU J 48 -40.41 15.15 20.80
CA LEU J 48 -40.27 16.58 20.62
C LEU J 48 -38.86 17.09 20.86
N ILE J 49 -38.31 16.85 22.04
CA ILE J 49 -36.97 17.31 22.40
C ILE J 49 -36.20 16.16 23.02
N TYR J 50 -35.03 15.84 22.47
CA TYR J 50 -34.15 14.84 23.05
C TYR J 50 -32.88 15.50 23.56
N GLY J 51 -32.38 15.02 24.69
CA GLY J 51 -31.33 15.70 25.40
C GLY J 51 -31.90 16.81 26.26
N ALA J 52 -30.99 17.61 26.83
CA ALA J 52 -31.43 18.76 27.62
C ALA J 52 -32.26 19.72 26.78
N SER J 53 -31.74 20.13 25.63
CA SER J 53 -32.47 21.01 24.72
C SER J 53 -31.90 20.81 23.32
N SER J 54 -32.62 20.04 22.50
CA SER J 54 -32.22 19.77 21.12
C SER J 54 -33.43 19.24 20.37
N ARG J 55 -33.81 19.93 19.30
CA ARG J 55 -35.03 19.59 18.60
C ARG J 55 -34.84 18.33 17.76
N ALA J 56 -35.96 17.66 17.47
CA ALA J 56 -35.98 16.44 16.69
C ALA J 56 -36.30 16.78 15.24
N THR J 57 -35.74 15.99 14.32
CA THR J 57 -35.89 16.23 12.89
C THR J 57 -37.37 16.35 12.49
N GLY J 58 -37.76 17.53 12.01
CA GLY J 58 -39.13 17.76 11.62
C GLY J 58 -39.86 18.73 12.54
N ILE J 59 -39.42 18.81 13.79
CA ILE J 59 -40.04 19.69 14.79
C ILE J 59 -39.84 21.14 14.35
N PRO J 60 -40.88 21.96 14.39
CA PRO J 60 -40.75 23.36 13.95
C PRO J 60 -39.88 24.16 14.91
N ASP J 61 -39.60 25.41 14.50
CA ASP J 61 -38.66 26.24 15.24
C ASP J 61 -39.28 26.78 16.52
N ARG J 62 -40.60 26.75 16.62
CA ARG J 62 -41.30 27.32 17.76
C ARG J 62 -40.90 26.64 19.07
N PHE J 63 -40.82 25.31 19.05
CA PHE J 63 -40.62 24.56 20.28
C PHE J 63 -39.19 24.67 20.77
N SER J 64 -39.01 25.24 21.96
CA SER J 64 -37.70 25.31 22.59
C SER J 64 -37.72 24.62 23.95
N GLY J 65 -36.62 24.70 24.67
CA GLY J 65 -36.53 24.10 25.99
C GLY J 65 -35.25 24.54 26.68
N SER J 66 -35.25 24.42 28.01
CA SER J 66 -34.10 24.80 28.82
C SER J 66 -34.19 24.08 30.15
N GLY J 67 -33.10 24.16 30.91
CA GLY J 67 -33.06 23.63 32.26
C GLY J 67 -31.93 22.64 32.46
N SER J 68 -31.46 22.56 33.70
CA SER J 68 -30.38 21.63 34.02
C SER J 68 -30.42 21.33 35.51
N GLY J 69 -29.82 20.19 35.88
CA GLY J 69 -29.68 19.78 37.26
C GLY J 69 -30.88 19.06 37.85
N THR J 70 -31.92 19.81 38.22
CA THR J 70 -33.13 19.19 38.75
C THR J 70 -34.37 19.94 38.27
N ASP J 71 -34.15 21.09 37.61
CA ASP J 71 -35.26 21.97 37.26
C ASP J 71 -35.22 22.25 35.76
N PHE J 72 -36.01 21.48 35.02
CA PHE J 72 -36.12 21.66 33.58
C PHE J 72 -37.41 22.40 33.23
N THR J 73 -37.40 23.10 32.10
CA THR J 73 -38.57 23.86 31.66
C THR J 73 -38.85 23.53 30.20
N LEU J 74 -39.84 24.21 29.64
CA LEU J 74 -40.16 24.13 28.22
C LEU J 74 -40.88 25.40 27.82
N THR J 75 -40.96 25.62 26.51
CA THR J 75 -41.65 26.80 25.98
C THR J 75 -42.19 26.47 24.61
N ILE J 76 -43.36 27.03 24.30
CA ILE J 76 -43.97 26.92 22.98
C ILE J 76 -43.85 28.20 22.19
N SER J 77 -43.15 29.20 22.71
CA SER J 77 -42.94 30.48 22.03
C SER J 77 -44.25 31.11 21.61
N ARG J 78 -44.78 30.71 20.46
CA ARG J 78 -46.00 31.28 19.92
C ARG J 78 -47.08 30.20 19.87
N LEU J 79 -48.28 30.55 20.34
CA LEU J 79 -49.40 29.61 20.30
C LEU J 79 -50.08 29.69 18.95
N GLU J 80 -50.18 28.55 18.27
CA GLU J 80 -50.80 28.41 16.97
C GLU J 80 -52.01 27.50 17.07
N PRO J 81 -52.92 27.54 16.08
CA PRO J 81 -54.17 26.78 16.18
C PRO J 81 -54.00 25.30 16.49
N GLU J 82 -52.97 24.67 15.93
CA GLU J 82 -52.80 23.23 16.08
C GLU J 82 -52.56 22.81 17.52
N ASP J 83 -51.62 23.47 18.19
CA ASP J 83 -51.06 22.95 19.44
C ASP J 83 -52.08 22.90 20.57
N PHE J 84 -52.57 21.70 20.85
CA PHE J 84 -53.35 21.41 22.06
C PHE J 84 -53.27 19.91 22.28
N ALA J 85 -52.57 19.49 23.33
CA ALA J 85 -52.32 18.06 23.54
C ALA J 85 -51.83 17.88 24.97
N VAL J 86 -51.37 16.66 25.28
CA VAL J 86 -50.90 16.29 26.61
C VAL J 86 -49.46 15.81 26.47
N TYR J 87 -48.59 16.32 27.34
CA TYR J 87 -47.15 16.08 27.25
C TYR J 87 -46.67 15.27 28.43
N TYR J 88 -45.58 14.52 28.22
CA TYR J 88 -45.02 13.65 29.24
C TYR J 88 -43.51 13.81 29.32
N CYS J 89 -42.98 13.73 30.53
CA CYS J 89 -41.55 13.71 30.79
C CYS J 89 -41.04 12.27 30.80
N GLN J 90 -39.73 12.11 30.61
CA GLN J 90 -39.13 10.78 30.64
C GLN J 90 -37.72 10.87 31.21
N GLN J 91 -37.25 9.75 31.75
CA GLN J 91 -35.94 9.65 32.37
C GLN J 91 -35.20 8.46 31.75
N TYR J 92 -35.16 8.40 30.42
CA TYR J 92 -34.48 7.30 29.76
C TYR J 92 -33.00 7.30 30.11
N GLY J 93 -32.47 6.12 30.37
CA GLY J 93 -31.08 6.01 30.77
C GLY J 93 -30.69 4.56 30.91
N TYR J 94 -29.63 4.33 31.67
CA TYR J 94 -29.22 2.97 32.04
C TYR J 94 -29.28 2.76 33.55
N SER J 95 -30.22 3.43 34.21
CA SER J 95 -30.46 3.27 35.63
C SER J 95 -31.60 2.31 35.93
N LEU J 96 -32.19 1.70 34.90
CA LEU J 96 -33.24 0.68 35.05
C LEU J 96 -34.45 1.21 35.80
N THR J 97 -34.75 2.50 35.64
CA THR J 97 -35.88 3.13 36.32
C THR J 97 -36.63 4.04 35.35
N TRP J 98 -36.99 3.50 34.19
CA TRP J 98 -37.59 4.36 33.16
C TRP J 98 -39.00 4.75 33.59
N THR J 99 -39.11 5.85 34.33
CA THR J 99 -40.39 6.32 34.85
C THR J 99 -40.81 7.61 34.15
N PHE J 100 -42.06 7.66 33.73
CA PHE J 100 -42.65 8.85 33.15
C PHE J 100 -43.18 9.74 34.27
N GLY J 101 -43.98 10.75 33.90
CA GLY J 101 -44.69 11.58 34.84
C GLY J 101 -46.19 11.36 34.80
N GLN J 102 -46.91 12.29 35.41
CA GLN J 102 -48.37 12.26 35.41
C GLN J 102 -49.00 13.04 34.27
N GLY J 103 -48.22 13.80 33.52
CA GLY J 103 -48.71 14.51 32.35
C GLY J 103 -49.19 15.91 32.67
N THR J 104 -49.43 16.67 31.59
CA THR J 104 -49.96 18.02 31.67
C THR J 104 -50.70 18.32 30.38
N LYS J 105 -51.75 19.13 30.48
CA LYS J 105 -52.59 19.43 29.34
C LYS J 105 -52.72 20.94 29.15
N VAL J 106 -53.04 21.34 27.92
CA VAL J 106 -53.29 22.74 27.59
C VAL J 106 -54.51 22.79 26.68
N GLU J 107 -55.42 23.72 26.96
CA GLU J 107 -56.64 23.88 26.17
C GLU J 107 -56.93 25.37 25.99
N ILE J 108 -57.97 25.65 25.19
CA ILE J 108 -58.28 27.02 24.80
C ILE J 108 -58.63 27.87 26.03
N LYS J 109 -58.27 29.14 25.97
CA LYS J 109 -58.56 30.10 27.02
C LYS J 109 -60.07 30.16 27.34
N GLU K 1 -28.56 -10.37 -47.18
CA GLU K 1 -28.93 -9.01 -47.60
C GLU K 1 -30.25 -8.59 -46.96
N ILE K 2 -30.15 -7.75 -45.93
CA ILE K 2 -31.32 -7.25 -45.21
C ILE K 2 -31.76 -5.99 -45.95
N VAL K 3 -32.78 -6.12 -46.78
CA VAL K 3 -33.28 -4.98 -47.55
C VAL K 3 -34.18 -4.13 -46.66
N LEU K 4 -33.93 -2.83 -46.64
CA LEU K 4 -34.70 -1.88 -45.85
C LEU K 4 -35.47 -0.97 -46.80
N THR K 5 -36.75 -0.79 -46.52
CA THR K 5 -37.62 0.05 -47.35
C THR K 5 -38.28 1.12 -46.49
N GLN K 6 -38.42 2.31 -47.07
CA GLN K 6 -39.08 3.42 -46.40
C GLN K 6 -40.47 3.59 -47.01
N SER K 7 -41.50 3.45 -46.17
CA SER K 7 -42.87 3.37 -46.67
C SER K 7 -43.32 4.63 -47.41
N PRO K 8 -43.18 5.84 -46.87
CA PRO K 8 -43.63 7.02 -47.62
C PRO K 8 -42.67 7.35 -48.74
N GLY K 9 -43.24 7.90 -49.82
CA GLY K 9 -42.43 8.30 -50.96
C GLY K 9 -42.07 9.77 -50.93
N THR K 10 -43.07 10.61 -50.72
CA THR K 10 -42.87 12.06 -50.64
C THR K 10 -43.97 12.64 -49.77
N LEU K 11 -43.60 13.49 -48.82
CA LEU K 11 -44.55 14.09 -47.89
C LEU K 11 -44.46 15.61 -48.01
N SER K 12 -45.61 16.24 -48.23
CA SER K 12 -45.73 17.69 -48.29
C SER K 12 -46.56 18.15 -47.09
N LEU K 13 -45.96 18.97 -46.24
CA LEU K 13 -46.61 19.42 -45.02
C LEU K 13 -46.46 20.93 -44.87
N SER K 14 -47.50 21.57 -44.36
CA SER K 14 -47.39 22.95 -43.94
C SER K 14 -46.63 23.01 -42.61
N PRO K 15 -46.02 24.15 -42.30
CA PRO K 15 -45.30 24.27 -41.01
C PRO K 15 -46.23 24.05 -39.83
N GLY K 16 -45.70 23.37 -38.82
CA GLY K 16 -46.44 23.17 -37.57
C GLY K 16 -46.71 21.73 -37.19
N GLU K 17 -47.06 20.89 -38.16
CA GLU K 17 -47.50 19.54 -37.86
C GLU K 17 -46.31 18.61 -37.65
N ARG K 18 -46.57 17.30 -37.62
CA ARG K 18 -45.56 16.29 -37.33
C ARG K 18 -45.49 15.28 -38.46
N ALA K 19 -44.31 14.70 -38.64
CA ALA K 19 -44.07 13.70 -39.66
C ALA K 19 -44.09 12.30 -39.06
N THR K 20 -44.49 11.33 -39.86
CA THR K 20 -44.60 9.94 -39.45
C THR K 20 -43.73 9.04 -40.33
N LEU K 21 -42.51 9.48 -40.58
CA LEU K 21 -41.57 8.70 -41.38
C LEU K 21 -41.29 7.36 -40.71
N SER K 22 -41.39 6.29 -41.48
CA SER K 22 -41.24 4.94 -40.93
C SER K 22 -40.62 4.03 -41.98
N CYS K 23 -39.61 3.26 -41.59
CA CYS K 23 -38.94 2.33 -42.48
C CYS K 23 -38.96 0.94 -41.87
N ARG K 24 -39.48 -0.02 -42.61
CA ARG K 24 -39.61 -1.40 -42.15
C ARG K 24 -38.38 -2.20 -42.58
N ALA K 25 -38.46 -3.52 -42.46
CA ALA K 25 -37.35 -4.41 -42.77
C ALA K 25 -37.89 -5.71 -43.31
N SER K 26 -36.99 -6.56 -43.80
CA SER K 26 -37.32 -7.89 -44.27
C SER K 26 -37.01 -8.98 -43.27
N GLN K 27 -35.87 -8.91 -42.60
CA GLN K 27 -35.54 -9.77 -41.47
C GLN K 27 -35.46 -8.92 -40.22
N SER K 28 -36.01 -9.45 -39.12
CA SER K 28 -36.08 -8.68 -37.89
C SER K 28 -34.70 -8.31 -37.38
N VAL K 29 -34.47 -7.02 -37.18
CA VAL K 29 -33.20 -6.50 -36.73
C VAL K 29 -33.37 -5.93 -35.32
N SER K 30 -32.32 -6.04 -34.51
CA SER K 30 -32.38 -5.57 -33.14
C SER K 30 -32.56 -4.06 -33.08
N SER K 31 -32.90 -3.58 -31.89
CA SER K 31 -33.11 -2.16 -31.66
C SER K 31 -31.84 -1.43 -31.25
N SER K 32 -30.73 -2.14 -31.06
CA SER K 32 -29.46 -1.55 -30.70
C SER K 32 -28.55 -1.33 -31.90
N PHE K 33 -29.03 -1.60 -33.10
CA PHE K 33 -28.22 -1.57 -34.32
C PHE K 33 -28.94 -0.81 -35.43
N LEU K 34 -29.48 0.35 -35.11
CA LEU K 34 -30.17 1.19 -36.08
C LEU K 34 -29.76 2.64 -35.91
N ALA K 35 -29.84 3.40 -37.00
CA ALA K 35 -29.46 4.80 -36.97
C ALA K 35 -30.29 5.59 -37.97
N TRP K 36 -30.33 6.89 -37.77
CA TRP K 36 -31.01 7.81 -38.67
C TRP K 36 -30.05 8.93 -39.06
N TYR K 37 -30.26 9.49 -40.24
CA TYR K 37 -29.36 10.50 -40.78
C TYR K 37 -30.17 11.63 -41.39
N GLN K 38 -29.48 12.73 -41.71
CA GLN K 38 -30.05 13.84 -42.46
C GLN K 38 -29.08 14.21 -43.56
N GLN K 39 -29.60 14.31 -44.80
CA GLN K 39 -28.77 14.59 -45.97
C GLN K 39 -29.21 15.90 -46.61
N LYS K 40 -28.34 16.87 -46.61
CA LYS K 40 -28.46 18.12 -47.35
C LYS K 40 -27.60 18.08 -48.60
N PRO K 41 -28.00 18.75 -49.67
CA PRO K 41 -27.23 18.68 -50.92
C PRO K 41 -25.82 19.21 -50.74
N GLY K 42 -24.87 18.55 -51.42
CA GLY K 42 -23.49 18.98 -51.40
C GLY K 42 -22.65 18.30 -50.33
N GLN K 43 -22.97 18.55 -49.06
CA GLN K 43 -22.21 17.99 -47.95
C GLN K 43 -22.59 16.55 -47.71
N ALA K 44 -22.20 16.00 -46.58
CA ALA K 44 -22.37 14.60 -46.26
C ALA K 44 -23.44 14.40 -45.19
N PRO K 45 -24.06 13.22 -45.14
CA PRO K 45 -25.05 12.95 -44.09
C PRO K 45 -24.43 13.01 -42.70
N LYS K 46 -25.23 13.48 -41.75
CA LYS K 46 -24.86 13.56 -40.34
C LYS K 46 -25.79 12.65 -39.54
N LEU K 47 -25.51 12.56 -38.24
CA LEU K 47 -26.24 11.64 -37.36
C LEU K 47 -27.32 12.39 -36.58
N LEU K 48 -28.50 11.77 -36.49
CA LEU K 48 -29.61 12.29 -35.71
C LEU K 48 -29.95 11.40 -34.53
N ILE K 49 -30.26 10.13 -34.78
CA ILE K 49 -30.68 9.18 -33.76
C ILE K 49 -29.85 7.91 -33.90
N TYR K 50 -29.32 7.41 -32.79
CA TYR K 50 -28.62 6.13 -32.77
C TYR K 50 -29.22 5.25 -31.69
N GLY K 51 -29.11 3.94 -31.90
CA GLY K 51 -29.79 2.98 -31.05
C GLY K 51 -31.18 2.68 -31.58
N ALA K 52 -32.20 3.01 -30.79
CA ALA K 52 -33.57 2.94 -31.28
C ALA K 52 -34.26 4.29 -31.11
N SER K 53 -33.99 4.95 -29.98
CA SER K 53 -34.60 6.25 -29.71
C SER K 53 -33.66 7.23 -29.02
N SER K 54 -32.39 6.87 -28.82
CA SER K 54 -31.44 7.77 -28.17
C SER K 54 -31.07 8.90 -29.11
N ARG K 55 -30.83 10.08 -28.54
CA ARG K 55 -30.58 11.28 -29.32
C ARG K 55 -29.09 11.58 -29.39
N ALA K 56 -28.65 12.07 -30.54
CA ALA K 56 -27.25 12.41 -30.76
C ALA K 56 -26.97 13.84 -30.30
N THR K 57 -25.75 14.06 -29.81
CA THR K 57 -25.40 15.35 -29.26
C THR K 57 -25.52 16.46 -30.29
N GLY K 58 -26.16 17.57 -29.89
CA GLY K 58 -26.38 18.71 -30.76
C GLY K 58 -27.78 18.75 -31.35
N ILE K 59 -28.39 17.60 -31.56
CA ILE K 59 -29.74 17.54 -32.14
C ILE K 59 -30.72 18.16 -31.15
N PRO K 60 -31.62 19.04 -31.59
CA PRO K 60 -32.57 19.66 -30.66
C PRO K 60 -33.57 18.64 -30.12
N ASP K 61 -34.33 19.10 -29.11
CA ASP K 61 -35.26 18.22 -28.42
C ASP K 61 -36.50 17.88 -29.26
N ARG K 62 -36.70 18.59 -30.37
CA ARG K 62 -37.89 18.35 -31.18
C ARG K 62 -37.84 17.00 -31.88
N PHE K 63 -36.64 16.50 -32.19
CA PHE K 63 -36.48 15.25 -32.91
C PHE K 63 -36.65 14.08 -31.96
N SER K 64 -37.58 13.18 -32.28
CA SER K 64 -37.82 11.99 -31.48
C SER K 64 -38.00 10.79 -32.40
N GLY K 65 -38.04 9.61 -31.80
CA GLY K 65 -38.22 8.40 -32.57
C GLY K 65 -38.61 7.26 -31.65
N SER K 66 -39.20 6.23 -32.27
CA SER K 66 -39.64 5.06 -31.52
C SER K 66 -39.74 3.87 -32.47
N GLY K 67 -39.81 2.68 -31.89
CA GLY K 67 -40.00 1.48 -32.67
C GLY K 67 -39.07 0.36 -32.23
N SER K 68 -39.53 -0.88 -32.42
CA SER K 68 -38.72 -2.05 -32.10
C SER K 68 -39.26 -3.24 -32.87
N GLY K 69 -38.43 -4.26 -33.00
CA GLY K 69 -38.81 -5.46 -33.71
C GLY K 69 -38.42 -5.44 -35.17
N THR K 70 -39.36 -5.08 -36.03
CA THR K 70 -39.10 -4.98 -37.46
C THR K 70 -39.61 -3.64 -37.99
N ASP K 71 -40.56 -3.03 -37.28
CA ASP K 71 -41.15 -1.76 -37.67
C ASP K 71 -40.64 -0.66 -36.75
N PHE K 72 -40.18 0.43 -37.35
CA PHE K 72 -39.71 1.60 -36.62
C PHE K 72 -40.44 2.83 -37.15
N THR K 73 -40.32 3.94 -36.44
CA THR K 73 -41.04 5.15 -36.82
C THR K 73 -40.31 6.38 -36.27
N LEU K 74 -39.92 7.28 -37.17
CA LEU K 74 -39.39 8.58 -36.77
C LEU K 74 -40.53 9.58 -36.69
N THR K 75 -40.35 10.60 -35.85
CA THR K 75 -41.37 11.62 -35.68
C THR K 75 -40.70 12.92 -35.27
N ILE K 76 -40.81 13.93 -36.12
CA ILE K 76 -40.43 15.29 -35.76
C ILE K 76 -41.62 15.94 -35.09
N SER K 77 -41.36 16.80 -34.10
CA SER K 77 -42.44 17.39 -33.34
C SER K 77 -43.08 18.56 -34.09
N ARG K 78 -42.29 19.60 -34.37
CA ARG K 78 -42.78 20.80 -35.03
C ARG K 78 -41.96 21.08 -36.26
N LEU K 79 -42.60 21.64 -37.27
CA LEU K 79 -41.93 21.97 -38.53
C LEU K 79 -41.39 23.39 -38.47
N GLU K 80 -40.08 23.51 -38.60
CA GLU K 80 -39.37 24.77 -38.67
C GLU K 80 -38.86 24.98 -40.09
N PRO K 81 -38.85 26.23 -40.60
CA PRO K 81 -38.50 26.47 -42.00
C PRO K 81 -37.25 25.75 -42.51
N GLU K 82 -36.30 25.46 -41.63
CA GLU K 82 -35.05 24.86 -42.09
C GLU K 82 -35.21 23.39 -42.44
N ASP K 83 -36.13 22.68 -41.79
CA ASP K 83 -36.22 21.24 -41.95
C ASP K 83 -36.76 20.86 -43.33
N PHE K 84 -35.87 20.65 -44.29
CA PHE K 84 -36.24 20.13 -45.60
C PHE K 84 -35.01 19.42 -46.16
N ALA K 85 -34.99 18.09 -46.09
CA ALA K 85 -33.82 17.32 -46.48
C ALA K 85 -34.26 15.89 -46.79
N VAL K 86 -33.28 15.00 -46.93
CA VAL K 86 -33.53 13.60 -47.27
C VAL K 86 -32.87 12.73 -46.22
N TYR K 87 -33.58 11.71 -45.76
CA TYR K 87 -33.18 10.89 -44.61
C TYR K 87 -32.95 9.45 -45.05
N TYR K 88 -32.02 8.77 -44.37
CA TYR K 88 -31.68 7.39 -44.69
C TYR K 88 -31.69 6.53 -43.44
N CYS K 89 -32.24 5.33 -43.57
CA CYS K 89 -32.14 4.30 -42.55
C CYS K 89 -30.88 3.46 -42.79
N GLN K 90 -30.29 2.97 -41.70
CA GLN K 90 -29.10 2.14 -41.80
C GLN K 90 -29.18 1.05 -40.74
N GLN K 91 -28.51 -0.07 -41.01
CA GLN K 91 -28.59 -1.26 -40.16
C GLN K 91 -27.16 -1.68 -39.77
N TYR K 92 -26.38 -0.72 -39.29
CA TYR K 92 -25.01 -1.00 -38.88
C TYR K 92 -24.99 -2.07 -37.81
N GLY K 93 -24.01 -2.97 -37.91
CA GLY K 93 -23.89 -4.05 -36.95
C GLY K 93 -22.63 -4.82 -37.21
N TYR K 94 -22.59 -6.04 -36.68
CA TYR K 94 -21.51 -6.98 -36.98
C TYR K 94 -21.99 -8.17 -37.80
N SER K 95 -23.09 -7.99 -38.54
CA SER K 95 -23.58 -9.01 -39.46
C SER K 95 -22.91 -8.94 -40.82
N LEU K 96 -21.97 -8.02 -41.01
CA LEU K 96 -21.12 -7.93 -42.20
C LEU K 96 -21.93 -7.62 -43.47
N THR K 97 -23.05 -6.92 -43.32
CA THR K 97 -23.77 -6.41 -44.49
C THR K 97 -24.48 -5.13 -44.06
N TRP K 98 -23.82 -4.00 -44.29
CA TRP K 98 -24.38 -2.70 -43.92
C TRP K 98 -25.22 -2.22 -45.10
N THR K 99 -26.54 -2.28 -44.94
CA THR K 99 -27.47 -1.93 -46.02
C THR K 99 -28.22 -0.65 -45.66
N PHE K 100 -28.16 0.33 -46.54
CA PHE K 100 -28.93 1.55 -46.40
C PHE K 100 -30.31 1.35 -47.04
N GLY K 101 -31.04 2.44 -47.22
CA GLY K 101 -32.32 2.39 -47.90
C GLY K 101 -32.38 3.28 -49.12
N GLN K 102 -33.55 3.43 -49.72
CA GLN K 102 -33.73 4.27 -50.90
C GLN K 102 -34.00 5.73 -50.54
N GLY K 103 -34.28 6.04 -49.29
CA GLY K 103 -34.43 7.41 -48.84
C GLY K 103 -35.85 7.93 -48.95
N THR K 104 -36.06 9.10 -48.36
CA THR K 104 -37.32 9.81 -48.43
C THR K 104 -37.02 11.30 -48.34
N LYS K 105 -37.98 12.12 -48.77
CA LYS K 105 -37.80 13.56 -48.80
C LYS K 105 -39.06 14.25 -48.29
N VAL K 106 -38.88 15.49 -47.82
CA VAL K 106 -39.98 16.34 -47.39
C VAL K 106 -39.78 17.72 -48.00
N GLU K 107 -40.87 18.32 -48.47
CA GLU K 107 -40.81 19.63 -49.09
C GLU K 107 -42.08 20.40 -48.75
N ILE K 108 -42.14 21.66 -49.20
CA ILE K 108 -43.21 22.56 -48.80
C ILE K 108 -44.56 22.03 -49.26
N LYS K 109 -45.58 22.26 -48.44
CA LYS K 109 -46.95 21.88 -48.76
C LYS K 109 -47.39 22.42 -50.13
N GLU L 1 26.76 48.61 -5.67
CA GLU L 1 25.93 49.75 -5.28
C GLU L 1 25.05 50.19 -6.44
N ILE L 2 23.85 49.62 -6.52
CA ILE L 2 22.89 49.92 -7.57
C ILE L 2 22.08 51.13 -7.13
N VAL L 3 22.46 52.30 -7.61
CA VAL L 3 21.75 53.54 -7.29
C VAL L 3 20.52 53.64 -8.20
N LEU L 4 19.38 53.92 -7.60
CA LEU L 4 18.12 54.07 -8.33
C LEU L 4 17.63 55.50 -8.18
N THR L 5 17.29 56.12 -9.30
CA THR L 5 16.82 57.50 -9.33
C THR L 5 15.40 57.53 -9.86
N GLN L 6 14.53 58.26 -9.16
CA GLN L 6 13.14 58.45 -9.59
C GLN L 6 13.05 59.78 -10.32
N SER L 7 12.81 59.72 -11.63
CA SER L 7 12.89 60.92 -12.47
C SER L 7 11.93 62.03 -12.04
N PRO L 8 10.64 61.78 -11.81
CA PRO L 8 9.76 62.89 -11.43
C PRO L 8 10.10 63.44 -10.05
N GLY L 9 10.05 64.76 -9.93
CA GLY L 9 10.34 65.41 -8.67
C GLY L 9 9.10 65.63 -7.82
N THR L 10 8.09 66.26 -8.40
CA THR L 10 6.82 66.49 -7.72
C THR L 10 5.74 66.64 -8.78
N LEU L 11 4.63 65.92 -8.61
CA LEU L 11 3.52 65.96 -9.54
C LEU L 11 2.32 66.61 -8.87
N SER L 12 1.73 67.59 -9.56
CA SER L 12 0.53 68.28 -9.10
C SER L 12 -0.59 68.00 -10.10
N LEU L 13 -1.57 67.21 -9.68
CA LEU L 13 -2.66 66.80 -10.56
C LEU L 13 -4.00 67.08 -9.90
N SER L 14 -4.98 67.45 -10.73
CA SER L 14 -6.35 67.49 -10.30
C SER L 14 -6.92 66.07 -10.25
N PRO L 15 -7.96 65.83 -9.47
CA PRO L 15 -8.57 64.50 -9.45
C PRO L 15 -9.08 64.09 -10.83
N GLY L 16 -8.85 62.83 -11.17
CA GLY L 16 -9.36 62.29 -12.42
C GLY L 16 -8.32 61.68 -13.35
N GLU L 17 -7.15 62.26 -13.43
CA GLU L 17 -6.16 61.83 -14.41
C GLU L 17 -5.25 60.76 -13.82
N ARG L 18 -4.17 60.43 -14.54
CA ARG L 18 -3.27 59.35 -14.18
C ARG L 18 -1.85 59.88 -13.99
N ALA L 19 -1.08 59.16 -13.18
CA ALA L 19 0.31 59.49 -12.91
C ALA L 19 1.22 58.52 -13.65
N THR L 20 2.39 59.02 -14.05
CA THR L 20 3.36 58.25 -14.83
C THR L 20 4.71 58.24 -14.13
N LEU L 21 4.71 57.96 -12.83
CA LEU L 21 5.93 57.94 -12.06
C LEU L 21 6.85 56.83 -12.55
N SER L 22 8.12 57.18 -12.76
CA SER L 22 9.11 56.26 -13.32
C SER L 22 10.23 56.04 -12.31
N CYS L 23 11.12 55.10 -12.66
CA CYS L 23 12.20 54.71 -11.75
C CYS L 23 13.31 54.12 -12.62
N ARG L 24 14.34 54.92 -12.88
CA ARG L 24 15.47 54.48 -13.70
C ARG L 24 16.40 53.62 -12.86
N ALA L 25 17.57 53.31 -13.41
CA ALA L 25 18.53 52.47 -12.70
C ALA L 25 19.91 52.71 -13.27
N SER L 26 20.94 52.26 -12.53
CA SER L 26 22.31 52.36 -12.96
C SER L 26 22.80 51.10 -13.66
N GLN L 27 22.34 49.93 -13.19
CA GLN L 27 22.63 48.66 -13.83
C GLN L 27 21.30 47.97 -14.15
N SER L 28 21.34 47.10 -15.15
CA SER L 28 20.14 46.41 -15.60
C SER L 28 19.62 45.49 -14.50
N VAL L 29 18.53 45.89 -13.86
CA VAL L 29 17.89 45.10 -12.81
C VAL L 29 16.88 44.16 -13.45
N SER L 30 16.78 42.95 -12.90
CA SER L 30 15.81 41.99 -13.40
C SER L 30 14.40 42.48 -13.11
N SER L 31 13.43 41.86 -13.79
CA SER L 31 12.03 42.21 -13.67
C SER L 31 11.34 41.39 -12.58
N SER L 32 12.07 40.54 -11.87
CA SER L 32 11.50 39.71 -10.82
C SER L 32 11.88 40.17 -9.42
N PHE L 33 12.70 41.21 -9.29
CA PHE L 33 13.29 41.63 -8.02
C PHE L 33 13.11 43.13 -7.82
N LEU L 34 11.89 43.63 -8.02
CA LEU L 34 11.61 45.05 -7.82
C LEU L 34 10.21 45.20 -7.25
N ALA L 35 10.03 46.20 -6.38
CA ALA L 35 8.76 46.40 -5.69
C ALA L 35 8.48 47.89 -5.56
N TRP L 36 7.30 48.20 -5.01
CA TRP L 36 6.87 49.57 -4.79
C TRP L 36 6.25 49.66 -3.40
N TYR L 37 6.21 50.87 -2.85
CA TYR L 37 5.68 51.10 -1.51
C TYR L 37 4.91 52.40 -1.48
N GLN L 38 4.08 52.57 -0.45
CA GLN L 38 3.33 53.79 -0.22
C GLN L 38 3.54 54.25 1.21
N GLN L 39 4.13 55.44 1.39
CA GLN L 39 4.53 55.93 2.70
C GLN L 39 3.62 57.08 3.12
N LYS L 40 2.70 56.79 4.01
CA LYS L 40 1.99 57.84 4.72
C LYS L 40 2.79 58.28 5.94
N PRO L 41 2.62 59.52 6.40
CA PRO L 41 3.41 59.98 7.55
C PRO L 41 3.11 59.16 8.81
N GLY L 42 4.14 58.93 9.60
CA GLY L 42 3.99 58.28 10.88
C GLY L 42 4.23 56.78 10.93
N GLN L 43 3.41 55.97 10.27
CA GLN L 43 3.47 54.52 10.52
C GLN L 43 4.55 53.84 9.70
N ALA L 44 4.36 53.74 8.39
CA ALA L 44 5.28 52.97 7.54
C ALA L 44 4.89 52.98 6.07
N PRO L 45 5.84 52.78 5.17
CA PRO L 45 5.51 52.33 3.81
C PRO L 45 4.96 50.91 3.82
N LYS L 46 4.16 50.61 2.80
CA LYS L 46 3.50 49.31 2.69
C LYS L 46 3.50 48.85 1.23
N LEU L 47 3.40 47.54 1.04
CA LEU L 47 3.54 46.95 -0.28
C LEU L 47 2.35 47.27 -1.18
N LEU L 48 2.65 47.60 -2.44
CA LEU L 48 1.63 47.70 -3.49
C LEU L 48 1.85 46.69 -4.59
N ILE L 49 3.01 46.70 -5.24
CA ILE L 49 3.31 45.87 -6.41
C ILE L 49 4.62 45.13 -6.14
N TYR L 50 4.67 43.85 -6.49
CA TYR L 50 5.91 43.09 -6.41
C TYR L 50 6.20 42.41 -7.73
N GLY L 51 7.48 42.40 -8.09
CA GLY L 51 8.03 41.84 -9.31
C GLY L 51 7.97 42.74 -10.52
N ALA L 52 6.85 42.77 -11.24
CA ALA L 52 6.68 43.80 -12.26
C ALA L 52 5.29 44.42 -12.22
N SER L 53 4.27 43.59 -12.07
CA SER L 53 2.91 44.07 -12.07
C SER L 53 1.97 43.32 -11.12
N SER L 54 2.45 42.37 -10.34
CA SER L 54 1.58 41.59 -9.45
C SER L 54 1.14 42.46 -8.29
N ARG L 55 -0.17 42.71 -8.18
CA ARG L 55 -0.67 43.55 -7.11
C ARG L 55 -0.69 42.79 -5.79
N ALA L 56 -0.73 43.54 -4.70
CA ALA L 56 -0.73 42.99 -3.36
C ALA L 56 -2.16 42.74 -2.89
N THR L 57 -2.30 41.74 -2.02
CA THR L 57 -3.62 41.36 -1.52
C THR L 57 -4.25 42.53 -0.76
N GLY L 58 -5.36 43.04 -1.30
CA GLY L 58 -6.06 44.19 -0.74
C GLY L 58 -5.95 45.43 -1.59
N ILE L 59 -4.96 45.49 -2.48
CA ILE L 59 -4.81 46.66 -3.36
C ILE L 59 -5.98 46.71 -4.33
N PRO L 60 -6.62 47.86 -4.51
CA PRO L 60 -7.77 47.93 -5.42
C PRO L 60 -7.34 47.78 -6.87
N ASP L 61 -8.35 47.56 -7.72
CA ASP L 61 -8.11 47.32 -9.15
C ASP L 61 -7.90 48.62 -9.90
N ARG L 62 -6.95 49.44 -9.44
CA ARG L 62 -6.64 50.69 -10.11
C ARG L 62 -5.15 50.95 -10.27
N PHE L 63 -4.28 50.18 -9.61
CA PHE L 63 -2.84 50.38 -9.70
C PHE L 63 -2.26 49.39 -10.69
N SER L 64 -1.55 49.90 -11.69
CA SER L 64 -0.90 49.08 -12.70
C SER L 64 0.60 49.28 -12.62
N GLY L 65 1.33 48.71 -13.58
CA GLY L 65 2.77 48.85 -13.64
C GLY L 65 3.37 48.09 -14.79
N SER L 66 4.40 48.64 -15.41
CA SER L 66 5.06 48.02 -16.54
C SER L 66 6.56 48.26 -16.43
N GLY L 67 7.27 48.01 -17.51
CA GLY L 67 8.69 48.28 -17.58
C GLY L 67 9.53 47.05 -17.35
N SER L 68 10.71 47.02 -17.99
CA SER L 68 11.63 45.92 -17.81
C SER L 68 13.03 46.38 -18.20
N GLY L 69 14.03 45.65 -17.70
CA GLY L 69 15.42 45.89 -18.02
C GLY L 69 16.07 46.97 -17.19
N THR L 70 15.81 48.24 -17.52
CA THR L 70 16.36 49.36 -16.76
C THR L 70 15.37 50.47 -16.49
N ASP L 71 14.23 50.53 -17.17
CA ASP L 71 13.30 51.65 -17.06
C ASP L 71 11.90 51.11 -16.79
N PHE L 72 11.48 51.16 -15.52
CA PHE L 72 10.16 50.74 -15.11
C PHE L 72 9.23 51.96 -15.05
N THR L 73 7.99 51.74 -14.63
CA THR L 73 7.01 52.80 -14.60
C THR L 73 5.93 52.47 -13.57
N LEU L 74 4.93 53.35 -13.49
CA LEU L 74 3.83 53.20 -12.56
C LEU L 74 2.63 53.94 -13.11
N THR L 75 1.45 53.61 -12.59
CA THR L 75 0.22 54.28 -13.00
C THR L 75 -0.80 54.17 -11.88
N ILE L 76 -1.54 55.25 -11.65
CA ILE L 76 -2.59 55.29 -10.64
C ILE L 76 -3.97 55.37 -11.27
N SER L 77 -4.06 55.27 -12.60
CA SER L 77 -5.33 55.29 -13.32
C SER L 77 -6.16 56.52 -12.96
N ARG L 78 -7.01 56.39 -11.95
CA ARG L 78 -7.92 57.45 -11.54
C ARG L 78 -7.49 57.99 -10.18
N LEU L 79 -7.63 59.30 -10.00
CA LEU L 79 -7.26 59.95 -8.75
C LEU L 79 -8.45 59.99 -7.81
N GLU L 80 -8.20 59.72 -6.54
CA GLU L 80 -9.20 59.71 -5.48
C GLU L 80 -8.74 60.60 -4.34
N PRO L 81 -9.64 61.04 -3.46
CA PRO L 81 -9.26 61.96 -2.39
C PRO L 81 -8.28 61.37 -1.38
N GLU L 82 -7.84 60.13 -1.59
CA GLU L 82 -6.94 59.49 -0.65
C GLU L 82 -5.47 59.56 -1.08
N ASP L 83 -5.20 59.56 -2.38
CA ASP L 83 -3.84 59.37 -2.90
C ASP L 83 -3.02 60.64 -2.66
N PHE L 84 -2.43 60.71 -1.48
CA PHE L 84 -1.48 61.77 -1.13
C PHE L 84 -0.43 61.15 -0.20
N ALA L 85 0.68 60.70 -0.78
CA ALA L 85 1.73 60.05 0.00
C ALA L 85 3.03 60.11 -0.80
N VAL L 86 4.05 59.40 -0.30
CA VAL L 86 5.36 59.36 -0.93
C VAL L 86 5.71 57.91 -1.21
N TYR L 87 6.17 57.65 -2.43
CA TYR L 87 6.43 56.29 -2.91
C TYR L 87 7.93 56.05 -3.07
N TYR L 88 8.35 54.83 -2.73
CA TYR L 88 9.76 54.48 -2.75
C TYR L 88 9.98 53.23 -3.59
N CYS L 89 11.05 53.25 -4.38
CA CYS L 89 11.49 52.07 -5.12
C CYS L 89 12.36 51.18 -4.24
N GLN L 90 12.49 49.91 -4.64
CA GLN L 90 13.36 48.98 -3.95
C GLN L 90 13.87 47.95 -4.94
N GLN L 91 14.98 47.31 -4.57
CA GLN L 91 15.67 46.36 -5.42
C GLN L 91 16.06 45.12 -4.60
N TYR L 92 15.08 44.58 -3.89
CA TYR L 92 15.32 43.39 -3.08
C TYR L 92 15.83 42.24 -3.94
N GLY L 93 16.82 41.53 -3.45
CA GLY L 93 17.40 40.45 -4.21
C GLY L 93 18.40 39.69 -3.37
N TYR L 94 19.31 39.00 -4.04
CA TYR L 94 20.43 38.33 -3.38
C TYR L 94 21.76 38.90 -3.84
N SER L 95 21.79 40.20 -4.17
CA SER L 95 23.01 40.90 -4.53
C SER L 95 23.66 41.59 -3.34
N LEU L 96 23.10 41.42 -2.13
CA LEU L 96 23.68 41.88 -0.88
C LEU L 96 23.80 43.39 -0.77
N THR L 97 23.09 44.13 -1.60
CA THR L 97 22.99 45.59 -1.46
C THR L 97 21.55 45.98 -1.76
N TRP L 98 20.71 46.00 -0.73
CA TRP L 98 19.31 46.39 -0.90
C TRP L 98 19.26 47.91 -0.85
N THR L 99 19.15 48.53 -2.02
CA THR L 99 19.18 49.98 -2.13
C THR L 99 17.80 50.51 -2.45
N PHE L 100 17.33 51.47 -1.66
CA PHE L 100 16.09 52.17 -1.92
C PHE L 100 16.37 53.33 -2.88
N GLY L 101 15.41 54.25 -3.03
CA GLY L 101 15.63 55.44 -3.83
C GLY L 101 15.61 56.70 -2.99
N GLN L 102 15.18 57.81 -3.58
CA GLN L 102 15.06 59.07 -2.86
C GLN L 102 13.62 59.52 -2.64
N GLY L 103 12.67 58.93 -3.36
CA GLY L 103 11.26 59.19 -3.13
C GLY L 103 10.62 60.05 -4.21
N THR L 104 9.30 60.11 -4.15
CA THR L 104 8.50 60.95 -5.03
C THR L 104 7.17 61.19 -4.36
N LYS L 105 6.65 62.41 -4.48
CA LYS L 105 5.43 62.80 -3.81
C LYS L 105 4.42 63.36 -4.81
N VAL L 106 3.13 63.20 -4.49
CA VAL L 106 2.05 63.79 -5.24
C VAL L 106 1.10 64.46 -4.26
N GLU L 107 0.37 65.46 -4.76
CA GLU L 107 -0.55 66.23 -3.92
C GLU L 107 -1.58 66.90 -4.82
N ILE L 108 -2.51 67.61 -4.19
CA ILE L 108 -3.61 68.22 -4.91
C ILE L 108 -3.09 69.30 -5.88
N LYS L 109 -3.79 69.45 -7.00
CA LYS L 109 -3.46 70.46 -8.00
C LYS L 109 -3.40 71.85 -7.39
#